data_5GVN
#
_entry.id   5GVN
#
_cell.length_a   101.849
_cell.length_b   58.799
_cell.length_c   235.609
_cell.angle_alpha   90.000
_cell.angle_beta   89.970
_cell.angle_gamma   90.000
#
_symmetry.space_group_name_H-M   'C 1 2 1'
#
loop_
_entity.id
_entity.type
_entity.pdbx_description
1 polymer 'Serine hydroxymethyltransferase, putative'
2 non-polymer N-GLYCINE-[3-HYDROXY-2-METHYL-5-PHOSPHONOOXYMETHYL-PYRIDIN-4-YL-METHANE]
3 non-polymer '3-[3-[3-[(4~{S})-6-azanyl-5-cyano-3-methyl-4-propan-2-yl-2~{H}-pyrano[2,3-c]pyrazol-4-yl]-5-fluoranyl-phenyl]phenyl]propanoic acid'
4 non-polymer 'CHLORIDE ION'
5 water water
#
_entity_poly.entity_id   1
_entity_poly.type   'polypeptide(L)'
_entity_poly.pdbx_seq_one_letter_code
;MFNNEPLEQIDKELHDILADEEKRQRETINLIASENLTNGAVRECLGNRVSNKYSEGYPKKRYYGGNDFIDKIEELCQKR
ALEAFNVSDEEWGVNVQPLSGSAANVQALYALVGVKGKIMGMHLCSGGHLTHGFFDEKKKVSITSDMFESKLYKCNSQGY
VDLDAVREMALSFKPKVIICGYTSYPRDIDYQQFRQICDEVNAYLFADISHISSFVACNILNNPFLHADVVTTTTHKILR
GPRSALIFFNKKRNPGIEQKINSAVFPSFQGGPHNNKIAAVACQLKEVHSPAFKEYTQQVLLNSKALAKALISKQIDLVT
NGTDNHLIVVDLRKFSITGSKLQETCNAINVSLNKNTIPSDVDCVSPSGVRIGTPAMTTRGAKEKDMEFIADVLARAIKI
TVDLQEQYGKKLVDFKKGLPGNAQLQQLKQEVVTWAGALPFP
;
_entity_poly.pdbx_strand_id   A,B,C
#
loop_
_chem_comp.id
_chem_comp.type
_chem_comp.name
_chem_comp.formula
CL non-polymer 'CHLORIDE ION' 'Cl -1'
G6F non-polymer '3-[3-[3-[(4~{S})-6-azanyl-5-cyano-3-methyl-4-propan-2-yl-2~{H}-pyrano[2,3-c]pyrazol-4-yl]-5-fluoranyl-phenyl]phenyl]propanoic acid' 'C26 H25 F N4 O3'
PLG non-polymer N-GLYCINE-[3-HYDROXY-2-METHYL-5-PHOSPHONOOXYMETHYL-PYRIDIN-4-YL-METHANE] 'C10 H15 N2 O7 P'
#
# COMPACT_ATOMS: atom_id res chain seq x y z
N MET A 1 -9.23 -16.48 -12.86
CA MET A 1 -8.90 -17.88 -12.42
C MET A 1 -9.59 -18.20 -11.08
N PHE A 2 -10.91 -18.26 -11.13
CA PHE A 2 -11.76 -18.49 -9.96
C PHE A 2 -13.08 -19.15 -10.36
N ASN A 3 -13.68 -19.89 -9.42
CA ASN A 3 -15.01 -20.49 -9.64
C ASN A 3 -16.13 -19.56 -9.19
N ASN A 4 -16.96 -19.10 -10.14
CA ASN A 4 -18.10 -18.23 -9.83
C ASN A 4 -19.48 -18.95 -9.95
N GLU A 5 -19.49 -20.28 -9.90
CA GLU A 5 -20.75 -21.04 -9.77
C GLU A 5 -21.46 -20.63 -8.45
N PRO A 6 -22.80 -20.41 -8.46
CA PRO A 6 -23.52 -20.06 -7.22
C PRO A 6 -23.41 -21.14 -6.13
N LEU A 7 -23.64 -20.73 -4.89
CA LEU A 7 -23.42 -21.55 -3.68
C LEU A 7 -24.00 -22.99 -3.76
N GLU A 8 -25.22 -23.09 -4.30
CA GLU A 8 -25.91 -24.39 -4.45
C GLU A 8 -25.14 -25.38 -5.36
N GLN A 9 -24.58 -24.84 -6.45
CA GLN A 9 -23.79 -25.64 -7.39
C GLN A 9 -22.41 -25.98 -6.80
N ILE A 10 -21.65 -24.95 -6.40
CA ILE A 10 -20.28 -25.14 -5.86
C ILE A 10 -20.24 -26.01 -4.61
N ASP A 11 -21.23 -25.87 -3.71
CA ASP A 11 -21.20 -26.61 -2.44
C ASP A 11 -22.60 -26.99 -2.01
N LYS A 12 -23.11 -28.06 -2.61
CA LYS A 12 -24.44 -28.57 -2.29
C LYS A 12 -24.55 -29.08 -0.85
N GLU A 13 -23.54 -29.81 -0.36
CA GLU A 13 -23.53 -30.28 1.04
C GLU A 13 -23.80 -29.13 2.06
N LEU A 14 -23.08 -28.02 1.93
CA LEU A 14 -23.23 -26.86 2.84
C LEU A 14 -24.55 -26.13 2.65
N HIS A 15 -24.98 -26.01 1.39
CA HIS A 15 -26.19 -25.27 1.07
C HIS A 15 -27.45 -25.93 1.65
N ASP A 16 -27.40 -27.23 1.90
CA ASP A 16 -28.51 -27.98 2.49
C ASP A 16 -28.63 -27.68 3.98
N ILE A 17 -27.48 -27.73 4.67
CA ILE A 17 -27.42 -27.43 6.10
C ILE A 17 -27.91 -26.00 6.31
N LEU A 18 -27.39 -25.07 5.49
CA LEU A 18 -27.83 -23.66 5.55
C LEU A 18 -29.34 -23.49 5.31
N ALA A 19 -29.92 -24.23 4.37
CA ALA A 19 -31.36 -24.08 4.11
C ALA A 19 -32.19 -24.73 5.22
N ASP A 20 -31.64 -25.79 5.80
CA ASP A 20 -32.19 -26.40 7.00
C ASP A 20 -32.17 -25.42 8.18
N GLU A 21 -31.02 -24.79 8.43
CA GLU A 21 -30.88 -23.77 9.49
C GLU A 21 -31.99 -22.75 9.33
N GLU A 22 -32.17 -22.25 8.10
CA GLU A 22 -33.18 -21.24 7.79
C GLU A 22 -34.59 -21.70 8.12
N LYS A 23 -34.89 -22.95 7.79
CA LYS A 23 -36.19 -23.54 8.08
C LYS A 23 -36.42 -23.64 9.61
N ARG A 24 -35.42 -24.09 10.36
CA ARG A 24 -35.52 -24.11 11.82
C ARG A 24 -35.74 -22.68 12.39
N GLN A 25 -35.02 -21.68 11.91
CA GLN A 25 -35.22 -20.30 12.38
C GLN A 25 -36.66 -19.84 12.13
N ARG A 26 -37.17 -20.23 10.97
CA ARG A 26 -38.50 -19.85 10.51
C ARG A 26 -39.60 -20.48 11.35
N GLU A 27 -39.32 -21.66 11.91
CA GLU A 27 -40.31 -22.51 12.54
C GLU A 27 -40.14 -22.60 14.04
N THR A 28 -39.57 -21.55 14.65
CA THR A 28 -39.11 -21.60 16.05
C THR A 28 -39.69 -20.40 16.78
N ILE A 29 -40.09 -20.60 18.04
CA ILE A 29 -40.40 -19.46 18.90
C ILE A 29 -39.08 -19.11 19.61
N ASN A 30 -38.42 -18.08 19.08
CA ASN A 30 -37.13 -17.66 19.55
C ASN A 30 -37.23 -16.66 20.69
N LEU A 31 -36.93 -17.14 21.88
CA LEU A 31 -36.97 -16.31 23.08
C LEU A 31 -35.58 -16.06 23.64
N ILE A 32 -34.52 -16.22 22.84
CA ILE A 32 -33.15 -15.87 23.29
C ILE A 32 -33.08 -14.35 23.34
N ALA A 33 -32.77 -13.80 24.50
CA ALA A 33 -32.94 -12.35 24.73
C ALA A 33 -31.90 -11.55 23.94
N SER A 34 -30.80 -12.22 23.59
CA SER A 34 -29.70 -11.63 22.81
C SER A 34 -29.79 -11.82 21.29
N GLU A 35 -30.85 -12.42 20.77
CA GLU A 35 -30.93 -12.70 19.35
C GLU A 35 -31.98 -11.83 18.69
N ASN A 36 -31.87 -11.70 17.37
CA ASN A 36 -32.78 -10.93 16.56
C ASN A 36 -32.71 -11.45 15.13
N LEU A 37 -33.42 -10.80 14.22
CA LEU A 37 -33.36 -11.18 12.80
C LEU A 37 -33.02 -9.96 11.99
N THR A 38 -31.91 -10.03 11.28
CA THR A 38 -31.45 -8.93 10.44
C THR A 38 -32.24 -8.90 9.16
N ASN A 39 -32.48 -7.70 8.65
CA ASN A 39 -33.16 -7.54 7.35
C ASN A 39 -32.21 -7.84 6.19
N GLY A 40 -32.78 -7.88 5.00
CA GLY A 40 -32.06 -8.11 3.77
C GLY A 40 -30.98 -7.07 3.50
N ALA A 41 -31.24 -5.80 3.81
CA ALA A 41 -30.26 -4.74 3.56
C ALA A 41 -28.96 -4.94 4.33
N VAL A 42 -29.09 -5.30 5.60
CA VAL A 42 -27.94 -5.56 6.47
C VAL A 42 -27.16 -6.78 5.98
N ARG A 43 -27.86 -7.81 5.53
CA ARG A 43 -27.20 -8.98 4.95
C ARG A 43 -26.56 -8.79 3.57
N GLU A 44 -27.10 -7.87 2.75
CA GLU A 44 -26.42 -7.40 1.52
C GLU A 44 -25.07 -6.74 1.81
N CYS A 45 -25.00 -5.99 2.91
CA CYS A 45 -23.75 -5.36 3.33
C CYS A 45 -22.71 -6.36 3.79
N LEU A 46 -23.14 -7.35 4.58
CA LEU A 46 -22.23 -8.36 5.11
C LEU A 46 -21.58 -9.16 4.00
N GLY A 47 -22.32 -9.38 2.90
CA GLY A 47 -21.79 -10.07 1.73
C GLY A 47 -21.22 -9.17 0.64
N ASN A 48 -20.88 -7.92 0.97
CA ASN A 48 -20.39 -6.97 -0.03
C ASN A 48 -18.86 -7.07 -0.22
N ARG A 49 -18.39 -6.91 -1.46
CA ARG A 49 -16.92 -6.96 -1.77
C ARG A 49 -16.05 -5.98 -0.99
N VAL A 50 -16.64 -5.05 -0.28
CA VAL A 50 -15.88 -4.18 0.61
C VAL A 50 -15.02 -4.93 1.66
N SER A 51 -15.36 -6.17 1.99
CA SER A 51 -14.53 -7.02 2.87
C SER A 51 -13.20 -7.43 2.23
N ASN A 52 -13.05 -7.26 0.93
CA ASN A 52 -11.75 -7.45 0.28
C ASN A 52 -10.66 -6.45 0.69
N LYS A 53 -11.02 -5.34 1.30
CA LYS A 53 -10.08 -4.25 1.47
C LYS A 53 -9.41 -4.27 2.83
N TYR A 54 -8.06 -4.26 2.80
CA TYR A 54 -7.21 -4.07 3.98
C TYR A 54 -7.11 -2.58 4.26
N SER A 55 -7.52 -2.16 5.45
CA SER A 55 -7.54 -0.73 5.79
C SER A 55 -7.19 -0.46 7.24
N GLU A 56 -6.02 -0.98 7.65
CA GLU A 56 -5.50 -0.83 9.01
C GLU A 56 -5.29 0.63 9.38
N GLY A 57 -5.71 1.00 10.57
CA GLY A 57 -5.62 2.38 11.03
C GLY A 57 -7.00 3.00 11.09
N TYR A 58 -7.05 4.33 10.93
CA TYR A 58 -8.30 5.10 11.03
C TYR A 58 -8.52 5.99 9.79
N PRO A 59 -9.75 6.54 9.60
CA PRO A 59 -10.00 7.40 8.42
C PRO A 59 -9.05 8.61 8.36
N LYS A 60 -8.53 8.91 7.17
CA LYS A 60 -7.50 9.97 6.98
C LYS A 60 -6.13 9.73 7.69
N LYS A 61 -5.95 8.58 8.35
CA LYS A 61 -4.65 8.15 8.90
C LYS A 61 -4.50 6.62 8.68
N ARG A 62 -4.74 6.23 7.43
CA ARG A 62 -4.67 4.84 7.01
C ARG A 62 -3.22 4.56 6.73
N TYR A 63 -2.84 3.28 6.83
CA TYR A 63 -1.50 2.82 6.44
C TYR A 63 -1.44 2.77 4.92
N TYR A 64 -2.52 2.36 4.27
CA TYR A 64 -2.58 2.24 2.80
C TYR A 64 -3.46 3.29 2.14
N GLY A 65 -3.22 3.53 0.85
CA GLY A 65 -4.16 4.29 0.02
C GLY A 65 -5.24 3.38 -0.56
N GLY A 66 -6.03 3.94 -1.45
CA GLY A 66 -7.14 3.21 -2.06
C GLY A 66 -8.30 3.06 -1.08
N ASN A 67 -8.30 3.90 -0.04
CA ASN A 67 -9.25 3.83 1.07
C ASN A 67 -10.18 5.05 1.13
N ASP A 68 -10.38 5.73 -0.01
CA ASP A 68 -11.23 6.91 -0.05
C ASP A 68 -12.68 6.50 0.25
N PHE A 69 -13.13 5.43 -0.40
CA PHE A 69 -14.50 4.96 -0.19
C PHE A 69 -14.69 4.28 1.19
N ILE A 70 -13.69 3.51 1.63
CA ILE A 70 -13.69 2.91 2.98
C ILE A 70 -13.75 3.98 4.07
N ASP A 71 -12.99 5.06 3.88
CA ASP A 71 -13.03 6.19 4.82
C ASP A 71 -14.39 6.88 4.88
N LYS A 72 -15.11 6.94 3.76
CA LYS A 72 -16.46 7.51 3.79
C LYS A 72 -17.42 6.61 4.59
N ILE A 73 -17.38 5.30 4.30
CA ILE A 73 -18.20 4.32 5.03
C ILE A 73 -17.89 4.35 6.52
N GLU A 74 -16.62 4.29 6.89
CA GLU A 74 -16.27 4.35 8.33
C GLU A 74 -16.69 5.67 8.96
N GLU A 75 -16.57 6.79 8.23
CA GLU A 75 -16.98 8.12 8.78
C GLU A 75 -18.50 8.23 8.89
N LEU A 76 -19.20 7.71 7.90
CA LEU A 76 -20.66 7.60 7.94
C LEU A 76 -21.16 6.74 9.13
N CYS A 77 -20.43 5.66 9.46
CA CYS A 77 -20.83 4.78 10.55
C CYS A 77 -20.72 5.45 11.90
N GLN A 78 -19.61 6.14 12.11
CA GLN A 78 -19.35 6.88 13.37
C GLN A 78 -20.38 8.03 13.57
N LYS A 79 -20.60 8.77 12.49
CA LYS A 79 -21.57 9.86 12.46
C LYS A 79 -22.96 9.33 12.87
N ARG A 80 -23.44 8.32 12.14
CA ARG A 80 -24.74 7.74 12.39
C ARG A 80 -24.88 7.13 13.80
N ALA A 81 -23.77 6.70 14.39
CA ALA A 81 -23.74 6.13 15.76
C ALA A 81 -23.89 7.17 16.88
N LEU A 82 -23.25 8.30 16.69
CA LEU A 82 -23.33 9.40 17.64
C LEU A 82 -24.72 10.04 17.56
N GLU A 83 -25.21 10.21 16.34
CA GLU A 83 -26.59 10.64 16.11
C GLU A 83 -27.62 9.69 16.73
N ALA A 84 -27.46 8.37 16.51
CA ALA A 84 -28.44 7.41 17.00
C ALA A 84 -28.56 7.41 18.51
N PHE A 85 -27.43 7.53 19.21
CA PHE A 85 -27.41 7.60 20.67
C PHE A 85 -27.43 9.02 21.24
N ASN A 86 -27.94 9.97 20.46
CA ASN A 86 -28.20 11.36 20.90
C ASN A 86 -27.03 11.98 21.67
N VAL A 87 -25.87 12.01 21.04
CA VAL A 87 -24.66 12.58 21.64
C VAL A 87 -24.01 13.46 20.60
N SER A 88 -23.30 14.48 21.07
CA SER A 88 -22.69 15.47 20.22
C SER A 88 -21.31 14.96 19.85
N ASP A 89 -20.98 14.96 18.55
CA ASP A 89 -19.62 14.58 18.13
C ASP A 89 -18.51 15.49 18.70
N GLU A 90 -18.91 16.61 19.29
CA GLU A 90 -17.99 17.48 20.00
C GLU A 90 -17.64 16.87 21.35
N GLU A 91 -18.64 16.39 22.07
CA GLU A 91 -18.46 15.80 23.43
C GLU A 91 -18.12 14.28 23.46
N TRP A 92 -18.61 13.54 22.46
CA TRP A 92 -18.50 12.06 22.46
C TRP A 92 -17.81 11.58 21.22
N GLY A 93 -16.93 10.61 21.39
CA GLY A 93 -16.40 9.86 20.24
C GLY A 93 -16.81 8.40 20.24
N VAL A 94 -16.59 7.76 19.10
CA VAL A 94 -16.95 6.37 18.89
C VAL A 94 -15.90 5.65 18.01
N ASN A 95 -15.51 4.45 18.43
CA ASN A 95 -14.76 3.52 17.56
C ASN A 95 -15.67 2.38 17.01
N VAL A 96 -15.68 2.21 15.70
CA VAL A 96 -16.56 1.26 15.02
C VAL A 96 -15.85 -0.03 14.54
N GLN A 97 -14.59 -0.21 14.94
CA GLN A 97 -13.80 -1.35 14.48
C GLN A 97 -13.91 -2.66 15.26
N PRO A 98 -14.25 -2.65 16.58
CA PRO A 98 -14.26 -3.94 17.32
C PRO A 98 -15.11 -5.00 16.65
N LEU A 99 -14.58 -6.20 16.54
CA LEU A 99 -15.23 -7.25 15.77
C LEU A 99 -16.42 -7.83 16.50
N SER A 100 -16.46 -7.71 17.82
CA SER A 100 -17.58 -8.24 18.60
C SER A 100 -17.63 -7.66 20.01
N GLY A 101 -18.70 -7.95 20.72
CA GLY A 101 -18.90 -7.38 22.03
C GLY A 101 -17.81 -7.67 23.03
N SER A 102 -17.31 -8.90 23.07
CA SER A 102 -16.28 -9.28 24.04
C SER A 102 -14.93 -8.59 23.73
N ALA A 103 -14.57 -8.56 22.45
CA ALA A 103 -13.44 -7.79 21.99
C ALA A 103 -13.53 -6.28 22.41
N ALA A 104 -14.65 -5.65 22.09
CA ALA A 104 -14.91 -4.25 22.46
C ALA A 104 -14.69 -3.98 23.95
N ASN A 105 -15.17 -4.89 24.81
CA ASN A 105 -15.00 -4.74 26.24
C ASN A 105 -13.56 -4.93 26.68
N VAL A 106 -12.88 -5.98 26.23
CA VAL A 106 -11.45 -6.17 26.60
C VAL A 106 -10.56 -4.98 26.16
N GLN A 107 -10.83 -4.47 24.96
CA GLN A 107 -10.13 -3.35 24.37
C GLN A 107 -10.39 -2.08 25.18
N ALA A 108 -11.66 -1.77 25.39
CA ALA A 108 -12.00 -0.57 26.16
C ALA A 108 -11.45 -0.63 27.60
N LEU A 109 -11.47 -1.81 28.22
CA LEU A 109 -10.93 -1.96 29.56
C LEU A 109 -9.42 -1.75 29.59
N TYR A 110 -8.71 -2.43 28.70
CA TYR A 110 -7.27 -2.21 28.55
C TYR A 110 -6.89 -0.72 28.42
N ALA A 111 -7.57 -0.01 27.51
CA ALA A 111 -7.38 1.43 27.28
C ALA A 111 -7.42 2.23 28.57
N LEU A 112 -8.40 1.94 29.43
CA LEU A 112 -8.63 2.67 30.67
C LEU A 112 -7.65 2.33 31.80
N VAL A 113 -7.31 1.07 31.94
CA VAL A 113 -6.58 0.59 33.12
C VAL A 113 -5.27 -0.17 32.89
N GLY A 114 -5.05 -0.65 31.66
CA GLY A 114 -3.82 -1.39 31.33
C GLY A 114 -3.72 -2.74 32.02
N VAL A 115 -2.62 -3.43 31.75
CA VAL A 115 -2.37 -4.74 32.33
C VAL A 115 -2.13 -4.56 33.83
N LYS A 116 -2.56 -5.56 34.61
CA LYS A 116 -2.63 -5.49 36.09
C LYS A 116 -3.67 -4.49 36.63
N GLY A 117 -4.47 -3.86 35.76
CA GLY A 117 -5.44 -2.87 36.17
C GLY A 117 -6.56 -3.47 37.02
N LYS A 118 -7.15 -2.65 37.87
CA LYS A 118 -8.17 -3.08 38.81
C LYS A 118 -9.55 -2.74 38.26
N ILE A 119 -10.44 -3.74 38.15
CA ILE A 119 -11.80 -3.52 37.64
C ILE A 119 -12.85 -4.17 38.52
N MET A 120 -14.04 -3.59 38.54
CA MET A 120 -15.19 -4.12 39.26
C MET A 120 -16.33 -4.32 38.27
N GLY A 121 -16.96 -5.49 38.32
CA GLY A 121 -18.17 -5.73 37.50
C GLY A 121 -19.15 -6.69 38.18
N MET A 122 -20.37 -6.83 37.62
CA MET A 122 -21.34 -7.79 38.16
C MET A 122 -20.91 -9.23 37.88
N HIS A 123 -21.09 -10.10 38.87
CA HIS A 123 -20.78 -11.52 38.76
C HIS A 123 -21.64 -12.18 37.66
N LEU A 124 -21.10 -13.19 37.01
CA LEU A 124 -21.81 -13.91 35.92
C LEU A 124 -23.12 -14.50 36.43
N CYS A 125 -23.03 -15.29 37.50
CA CYS A 125 -24.18 -15.80 38.28
C CYS A 125 -25.26 -14.79 38.71
N SER A 126 -24.89 -13.52 38.89
CA SER A 126 -25.84 -12.46 39.18
C SER A 126 -26.37 -11.72 37.96
N GLY A 127 -25.90 -12.06 36.76
CA GLY A 127 -26.36 -11.39 35.54
C GLY A 127 -25.31 -10.55 34.83
N GLY A 128 -24.07 -10.54 35.31
CA GLY A 128 -22.97 -9.88 34.61
C GLY A 128 -22.50 -10.69 33.40
N HIS A 129 -21.65 -10.09 32.58
CA HIS A 129 -21.00 -10.79 31.48
C HIS A 129 -19.65 -11.37 31.88
N LEU A 130 -19.20 -12.32 31.08
CA LEU A 130 -17.84 -12.90 31.18
C LEU A 130 -16.72 -11.85 31.14
N THR A 131 -16.85 -10.89 30.23
CA THR A 131 -15.90 -9.78 30.05
C THR A 131 -15.99 -8.67 31.11
N HIS A 132 -16.80 -8.87 32.15
CA HIS A 132 -16.86 -7.98 33.28
C HIS A 132 -15.98 -8.47 34.43
N GLY A 133 -15.01 -9.33 34.15
CA GLY A 133 -14.11 -9.81 35.18
C GLY A 133 -14.39 -11.19 35.75
N PHE A 134 -15.17 -12.00 35.06
CA PHE A 134 -15.55 -13.30 35.60
C PHE A 134 -14.37 -14.22 35.84
N PHE A 135 -14.26 -14.69 37.09
CA PHE A 135 -13.39 -15.80 37.46
C PHE A 135 -14.11 -16.76 38.41
N ASP A 136 -13.42 -17.85 38.73
CA ASP A 136 -13.87 -18.89 39.64
C ASP A 136 -12.76 -19.14 40.65
N GLU A 137 -13.04 -19.93 41.68
CA GLU A 137 -11.98 -20.41 42.58
C GLU A 137 -10.92 -21.16 41.75
N LYS A 138 -11.42 -22.07 40.92
CA LYS A 138 -10.59 -22.96 40.07
C LYS A 138 -9.83 -22.28 38.93
N LYS A 139 -10.38 -21.21 38.34
CA LYS A 139 -9.74 -20.58 37.19
C LYS A 139 -10.14 -19.11 36.95
N LYS A 140 -9.21 -18.36 36.38
CA LYS A 140 -9.49 -17.07 35.78
C LYS A 140 -10.08 -17.37 34.41
N VAL A 141 -11.41 -17.52 34.40
CA VAL A 141 -12.19 -17.98 33.26
C VAL A 141 -12.15 -16.96 32.09
N SER A 142 -12.31 -15.68 32.40
CA SER A 142 -12.23 -14.62 31.40
C SER A 142 -10.84 -14.02 31.45
N ILE A 143 -10.34 -13.58 30.30
CA ILE A 143 -9.13 -12.78 30.24
C ILE A 143 -9.26 -11.54 31.10
N THR A 144 -10.47 -11.02 31.27
CA THR A 144 -10.67 -9.81 32.07
C THR A 144 -10.47 -10.01 33.56
N SER A 145 -10.32 -11.27 34.00
CA SER A 145 -9.91 -11.57 35.38
C SER A 145 -8.44 -11.93 35.49
N ASP A 146 -7.75 -12.00 34.36
CA ASP A 146 -6.37 -12.47 34.30
C ASP A 146 -5.42 -11.37 33.88
N MET A 147 -5.73 -10.67 32.79
CA MET A 147 -4.91 -9.52 32.37
C MET A 147 -5.21 -8.31 33.25
N PHE A 148 -6.35 -8.34 33.94
CA PHE A 148 -6.71 -7.34 34.94
C PHE A 148 -6.85 -8.04 36.28
N GLU A 149 -6.89 -7.23 37.34
CA GLU A 149 -7.31 -7.68 38.67
C GLU A 149 -8.78 -7.30 38.84
N SER A 150 -9.64 -8.32 38.99
CA SER A 150 -11.08 -8.05 39.10
C SER A 150 -11.64 -8.44 40.45
N LYS A 151 -12.68 -7.72 40.85
CA LYS A 151 -13.50 -8.07 41.98
C LYS A 151 -14.96 -8.04 41.50
N LEU A 152 -15.80 -8.88 42.09
CA LEU A 152 -17.15 -9.09 41.55
C LEU A 152 -18.23 -8.80 42.59
N TYR A 153 -19.19 -7.97 42.21
CA TYR A 153 -20.32 -7.64 43.10
C TYR A 153 -21.54 -8.41 42.69
N LYS A 154 -22.43 -8.64 43.67
CA LYS A 154 -23.60 -9.48 43.45
C LYS A 154 -24.87 -8.67 43.57
N CYS A 155 -25.95 -9.26 43.07
CA CYS A 155 -27.29 -8.73 43.22
C CYS A 155 -27.74 -9.21 44.60
N ASN A 156 -28.77 -8.58 45.15
CA ASN A 156 -29.37 -9.05 46.42
C ASN A 156 -30.27 -10.27 46.22
N SER A 157 -30.82 -10.81 47.32
CA SER A 157 -31.70 -11.98 47.26
C SER A 157 -32.99 -11.76 46.44
N GLN A 158 -33.41 -10.50 46.24
CA GLN A 158 -34.54 -10.22 45.36
C GLN A 158 -34.17 -10.02 43.89
N GLY A 159 -32.87 -10.08 43.57
CA GLY A 159 -32.38 -9.91 42.19
C GLY A 159 -31.97 -8.49 41.76
N TYR A 160 -32.00 -7.52 42.65
CA TYR A 160 -31.64 -6.16 42.27
C TYR A 160 -30.16 -5.96 42.54
N VAL A 161 -29.55 -5.05 41.77
CA VAL A 161 -28.18 -4.58 42.06
C VAL A 161 -28.14 -3.97 43.47
N ASP A 162 -27.20 -4.42 44.27
CA ASP A 162 -27.09 -3.99 45.67
C ASP A 162 -26.02 -2.89 45.80
N LEU A 163 -26.45 -1.63 45.61
CA LEU A 163 -25.51 -0.48 45.57
C LEU A 163 -24.69 -0.28 46.84
N ASP A 164 -25.28 -0.55 47.99
CA ASP A 164 -24.56 -0.45 49.26
C ASP A 164 -23.34 -1.38 49.28
N ALA A 165 -23.48 -2.56 48.69
CA ALA A 165 -22.37 -3.50 48.57
C ALA A 165 -21.36 -3.08 47.50
N VAL A 166 -21.83 -2.44 46.43
CA VAL A 166 -20.96 -1.89 45.36
C VAL A 166 -20.03 -0.79 45.89
N ARG A 167 -20.60 0.13 46.70
CA ARG A 167 -19.80 1.14 47.42
C ARG A 167 -18.89 0.48 48.47
N GLU A 168 -19.43 -0.43 49.27
CA GLU A 168 -18.63 -1.19 50.26
C GLU A 168 -17.40 -1.81 49.62
N MET A 169 -17.59 -2.44 48.47
CA MET A 169 -16.51 -3.12 47.74
C MET A 169 -15.55 -2.09 47.10
N ALA A 170 -16.11 -1.07 46.46
CA ALA A 170 -15.29 -0.07 45.80
C ALA A 170 -14.31 0.66 46.74
N LEU A 171 -14.76 1.05 47.95
CA LEU A 171 -13.92 1.81 48.90
C LEU A 171 -12.70 1.05 49.39
N SER A 172 -12.85 -0.24 49.66
CA SER A 172 -11.73 -1.09 50.07
C SER A 172 -10.88 -1.60 48.89
N PHE A 173 -11.49 -1.83 47.73
CA PHE A 173 -10.77 -2.35 46.55
C PHE A 173 -10.12 -1.26 45.70
N LYS A 174 -10.80 -0.13 45.54
CA LYS A 174 -10.32 1.03 44.79
C LYS A 174 -9.93 0.65 43.35
N PRO A 175 -10.92 0.25 42.55
CA PRO A 175 -10.65 -0.03 41.15
C PRO A 175 -10.56 1.27 40.35
N LYS A 176 -9.90 1.21 39.20
CA LYS A 176 -9.97 2.33 38.24
C LYS A 176 -11.20 2.24 37.33
N VAL A 177 -11.88 1.09 37.27
CA VAL A 177 -13.11 0.98 36.47
C VAL A 177 -14.18 0.20 37.23
N ILE A 178 -15.42 0.67 37.13
CA ILE A 178 -16.58 -0.06 37.61
C ILE A 178 -17.49 -0.24 36.43
N ILE A 179 -17.82 -1.51 36.16
CA ILE A 179 -18.66 -1.89 35.04
C ILE A 179 -20.10 -2.11 35.51
N CYS A 180 -21.03 -1.51 34.78
CA CYS A 180 -22.44 -1.78 34.95
C CYS A 180 -23.03 -1.90 33.57
N GLY A 181 -24.28 -2.36 33.51
CA GLY A 181 -24.91 -2.84 32.24
C GLY A 181 -24.62 -4.33 32.10
N TYR A 182 -25.63 -5.18 31.81
CA TYR A 182 -25.55 -6.63 32.15
C TYR A 182 -26.09 -7.57 31.09
N THR A 183 -25.95 -8.88 31.29
CA THR A 183 -26.42 -9.83 30.25
C THR A 183 -27.79 -10.36 30.54
N SER A 184 -28.09 -10.57 31.81
CA SER A 184 -29.41 -11.07 32.18
C SER A 184 -29.90 -10.38 33.43
N TYR A 185 -30.14 -9.09 33.27
CA TYR A 185 -30.69 -8.23 34.29
C TYR A 185 -32.01 -7.66 33.80
N PRO A 186 -33.12 -8.00 34.47
CA PRO A 186 -34.44 -7.63 34.01
C PRO A 186 -34.87 -6.19 34.33
N ARG A 187 -34.09 -5.43 35.11
CA ARG A 187 -34.46 -4.04 35.50
C ARG A 187 -33.53 -2.95 34.95
N ASP A 188 -34.02 -1.71 34.99
CA ASP A 188 -33.21 -0.56 34.59
C ASP A 188 -32.13 -0.32 35.63
N ILE A 189 -31.13 0.46 35.23
CA ILE A 189 -29.92 0.70 36.00
C ILE A 189 -29.86 2.15 36.49
N ASP A 190 -29.41 2.32 37.72
CA ASP A 190 -29.24 3.65 38.32
C ASP A 190 -27.80 4.12 38.06
N TYR A 191 -27.60 4.65 36.86
CA TYR A 191 -26.28 5.10 36.41
C TYR A 191 -25.82 6.28 37.25
N GLN A 192 -26.77 7.15 37.64
CA GLN A 192 -26.46 8.27 38.51
C GLN A 192 -25.75 7.82 39.78
N GLN A 193 -26.29 6.83 40.48
CA GLN A 193 -25.63 6.36 41.70
C GLN A 193 -24.36 5.59 41.42
N PHE A 194 -24.19 5.09 40.20
CA PHE A 194 -22.89 4.52 39.83
C PHE A 194 -21.85 5.64 39.72
N ARG A 195 -22.18 6.68 38.97
CA ARG A 195 -21.35 7.90 38.82
C ARG A 195 -20.90 8.49 40.17
N GLN A 196 -21.82 8.53 41.13
CA GLN A 196 -21.54 8.99 42.51
C GLN A 196 -20.51 8.12 43.24
N ILE A 197 -20.59 6.80 43.04
CA ILE A 197 -19.63 5.87 43.68
C ILE A 197 -18.26 5.92 42.97
N CYS A 198 -18.27 6.05 41.65
CA CYS A 198 -17.04 6.14 40.86
C CYS A 198 -16.22 7.39 41.23
N ASP A 199 -16.87 8.55 41.23
CA ASP A 199 -16.30 9.84 41.73
C ASP A 199 -15.64 9.75 43.12
N GLU A 200 -16.26 9.00 44.02
CA GLU A 200 -15.79 8.88 45.40
C GLU A 200 -14.44 8.18 45.55
N VAL A 201 -14.12 7.32 44.58
CA VAL A 201 -12.88 6.53 44.58
C VAL A 201 -11.97 6.87 43.38
N ASN A 202 -12.39 7.83 42.55
CA ASN A 202 -11.68 8.25 41.32
C ASN A 202 -11.52 7.11 40.28
N ALA A 203 -12.65 6.43 40.03
CA ALA A 203 -12.72 5.32 39.05
C ALA A 203 -13.52 5.76 37.84
N TYR A 204 -13.25 5.15 36.69
CA TYR A 204 -14.06 5.34 35.48
C TYR A 204 -15.43 4.65 35.57
N LEU A 205 -16.46 5.26 34.97
CA LEU A 205 -17.78 4.62 34.85
C LEU A 205 -17.93 3.98 33.48
N PHE A 206 -18.03 2.65 33.46
CA PHE A 206 -18.15 1.84 32.24
C PHE A 206 -19.57 1.27 32.18
N ALA A 207 -20.30 1.64 31.13
CA ALA A 207 -21.65 1.12 30.90
C ALA A 207 -21.72 0.18 29.69
N ASP A 208 -21.92 -1.13 29.91
CA ASP A 208 -22.10 -2.08 28.77
C ASP A 208 -23.58 -2.21 28.54
N ILE A 209 -24.10 -1.61 27.47
CA ILE A 209 -25.55 -1.53 27.21
C ILE A 209 -26.06 -2.44 26.06
N SER A 210 -25.26 -3.45 25.70
CA SER A 210 -25.53 -4.39 24.59
C SER A 210 -26.94 -4.98 24.56
N HIS A 211 -27.46 -5.37 25.70
CA HIS A 211 -28.83 -5.90 25.80
C HIS A 211 -29.95 -4.86 25.75
N ILE A 212 -29.65 -3.62 26.13
CA ILE A 212 -30.69 -2.58 26.23
C ILE A 212 -30.44 -1.39 25.32
N SER A 213 -29.54 -1.57 24.35
CA SER A 213 -29.03 -0.46 23.54
C SER A 213 -30.17 0.39 22.97
N SER A 214 -31.11 -0.26 22.31
CA SER A 214 -32.26 0.39 21.69
C SER A 214 -33.07 1.22 22.66
N PHE A 215 -33.25 0.75 23.88
CA PHE A 215 -34.01 1.49 24.88
C PHE A 215 -33.28 2.80 25.23
N VAL A 216 -31.96 2.74 25.29
CA VAL A 216 -31.14 3.90 25.60
C VAL A 216 -31.20 4.86 24.44
N ALA A 217 -31.02 4.33 23.25
CA ALA A 217 -31.09 5.12 22.03
C ALA A 217 -32.40 5.86 21.90
N CYS A 218 -33.51 5.15 22.05
CA CYS A 218 -34.84 5.73 21.85
C CYS A 218 -35.44 6.42 23.10
N ASN A 219 -34.61 6.68 24.12
CA ASN A 219 -35.03 7.42 25.34
C ASN A 219 -36.22 6.82 26.09
N ILE A 220 -36.26 5.48 26.14
CA ILE A 220 -37.28 4.70 26.82
C ILE A 220 -36.78 4.28 28.20
N LEU A 221 -35.48 4.07 28.35
CA LEU A 221 -34.88 3.79 29.66
C LEU A 221 -33.84 4.85 30.03
N ASN A 222 -33.27 4.75 31.22
CA ASN A 222 -32.25 5.69 31.65
C ASN A 222 -31.10 5.81 30.67
N ASN A 223 -30.47 6.98 30.68
CA ASN A 223 -29.42 7.30 29.74
C ASN A 223 -28.08 7.30 30.42
N PRO A 224 -27.22 6.31 30.11
CA PRO A 224 -25.93 6.28 30.78
C PRO A 224 -24.95 7.33 30.24
N PHE A 225 -25.20 7.88 29.05
CA PHE A 225 -24.35 8.91 28.44
C PHE A 225 -24.29 10.21 29.26
N LEU A 226 -25.30 10.47 30.08
CA LEU A 226 -25.27 11.59 31.01
C LEU A 226 -24.22 11.41 32.11
N HIS A 227 -23.88 10.16 32.43
CA HIS A 227 -23.02 9.84 33.56
C HIS A 227 -21.73 9.09 33.23
N ALA A 228 -21.71 8.26 32.19
CA ALA A 228 -20.58 7.38 31.96
C ALA A 228 -19.39 8.00 31.20
N ASP A 229 -18.20 7.56 31.55
CA ASP A 229 -16.99 7.80 30.73
C ASP A 229 -16.90 6.96 29.46
N VAL A 230 -17.24 5.68 29.57
CA VAL A 230 -17.22 4.77 28.41
C VAL A 230 -18.56 4.03 28.30
N VAL A 231 -19.09 3.97 27.09
CA VAL A 231 -20.22 3.09 26.80
C VAL A 231 -19.89 2.14 25.66
N THR A 232 -19.97 0.84 25.93
CA THR A 232 -19.89 -0.19 24.88
C THR A 232 -21.24 -0.82 24.58
N THR A 233 -21.37 -1.27 23.35
CA THR A 233 -22.55 -2.01 22.97
C THR A 233 -22.26 -2.88 21.77
N THR A 234 -22.88 -4.06 21.76
CA THR A 234 -22.97 -4.85 20.54
C THR A 234 -24.02 -4.26 19.62
N THR A 235 -23.94 -4.59 18.33
CA THR A 235 -24.88 -4.14 17.32
C THR A 235 -25.91 -5.20 16.86
N HIS A 236 -25.84 -6.42 17.42
CA HIS A 236 -26.60 -7.61 16.90
C HIS A 236 -27.82 -8.06 17.72
N LYS A 237 -27.96 -7.53 18.93
CA LYS A 237 -29.07 -7.94 19.77
C LYS A 237 -30.30 -7.05 19.46
N ILE A 238 -30.82 -6.37 20.47
CA ILE A 238 -32.03 -5.53 20.33
C ILE A 238 -31.86 -4.46 19.26
N LEU A 239 -30.62 -4.00 19.05
CA LEU A 239 -30.31 -3.02 17.99
C LEU A 239 -30.56 -3.54 16.59
N ARG A 240 -30.44 -4.85 16.41
CA ARG A 240 -30.86 -5.55 15.18
C ARG A 240 -29.86 -5.36 14.04
N GLY A 241 -28.58 -5.21 14.36
CA GLY A 241 -27.55 -4.99 13.33
C GLY A 241 -26.79 -6.26 13.04
N PRO A 242 -25.59 -6.12 12.47
CA PRO A 242 -24.75 -7.29 12.31
C PRO A 242 -24.02 -7.59 13.60
N ARG A 243 -23.23 -8.65 13.59
CA ARG A 243 -22.42 -8.99 14.75
C ARG A 243 -21.22 -8.06 14.75
N SER A 244 -21.20 -7.11 15.67
CA SER A 244 -20.14 -6.13 15.78
C SER A 244 -20.34 -5.42 17.08
N ALA A 245 -19.45 -4.50 17.39
CA ALA A 245 -19.56 -3.69 18.57
C ALA A 245 -19.07 -2.24 18.36
N LEU A 246 -19.50 -1.39 19.30
CA LEU A 246 -19.24 0.04 19.30
C LEU A 246 -18.70 0.38 20.66
N ILE A 247 -17.60 1.12 20.69
CA ILE A 247 -17.10 1.70 21.92
C ILE A 247 -17.25 3.24 21.84
N PHE A 248 -18.03 3.79 22.77
CA PHE A 248 -18.18 5.24 22.97
C PHE A 248 -17.30 5.74 24.11
N PHE A 249 -16.72 6.93 23.92
CA PHE A 249 -15.87 7.54 24.95
C PHE A 249 -16.22 9.03 25.14
N ASN A 250 -16.18 9.48 26.39
CA ASN A 250 -16.58 10.85 26.72
C ASN A 250 -15.33 11.76 26.71
N LYS A 251 -15.12 12.47 25.62
CA LYS A 251 -13.96 13.40 25.47
C LYS A 251 -13.96 14.50 26.55
N LYS A 252 -15.11 15.14 26.72
CA LYS A 252 -15.26 16.28 27.65
C LYS A 252 -14.80 15.97 29.06
N ARG A 253 -15.14 14.79 29.54
CA ARG A 253 -14.83 14.38 30.90
C ARG A 253 -13.39 13.85 30.98
N ASN A 254 -12.86 13.35 29.87
CA ASN A 254 -11.54 12.70 29.80
C ASN A 254 -10.78 13.07 28.52
N PRO A 255 -10.10 14.25 28.51
CA PRO A 255 -9.31 14.58 27.32
C PRO A 255 -8.19 13.56 27.12
N GLY A 256 -7.86 13.26 25.88
CA GLY A 256 -6.90 12.20 25.58
C GLY A 256 -7.40 10.75 25.69
N ILE A 257 -8.68 10.55 26.00
CA ILE A 257 -9.28 9.20 25.97
C ILE A 257 -9.41 8.69 24.54
N GLU A 258 -9.68 9.59 23.59
CA GLU A 258 -9.80 9.20 22.18
C GLU A 258 -8.65 8.37 21.65
N GLN A 259 -7.43 8.81 21.94
CA GLN A 259 -6.24 8.10 21.43
C GLN A 259 -6.04 6.76 22.11
N LYS A 260 -6.19 6.70 23.43
CA LYS A 260 -6.01 5.45 24.19
C LYS A 260 -6.98 4.36 23.73
N ILE A 261 -8.24 4.74 23.51
CA ILE A 261 -9.25 3.83 23.04
C ILE A 261 -8.98 3.41 21.62
N ASN A 262 -8.71 4.37 20.74
CA ASN A 262 -8.40 4.05 19.38
C ASN A 262 -7.16 3.19 19.22
N SER A 263 -6.15 3.39 20.07
CA SER A 263 -4.91 2.68 19.94
C SER A 263 -5.06 1.29 20.56
N ALA A 264 -5.92 1.19 21.56
CA ALA A 264 -6.27 -0.09 22.16
C ALA A 264 -6.93 -1.02 21.16
N VAL A 265 -7.79 -0.50 20.31
CA VAL A 265 -8.46 -1.32 19.29
C VAL A 265 -7.49 -1.68 18.15
N PHE A 266 -6.77 -0.69 17.64
CA PHE A 266 -5.65 -0.93 16.71
C PHE A 266 -4.54 0.06 16.99
N PRO A 267 -3.29 -0.38 17.13
CA PRO A 267 -2.80 -1.73 16.85
C PRO A 267 -2.60 -2.63 18.07
N SER A 268 -3.11 -2.25 19.24
CA SER A 268 -2.87 -3.05 20.42
C SER A 268 -3.47 -4.47 20.27
N PHE A 269 -4.74 -4.55 19.82
CA PHE A 269 -5.53 -5.80 19.80
C PHE A 269 -5.85 -6.32 18.41
N GLN A 270 -6.41 -5.49 17.54
CA GLN A 270 -6.85 -5.93 16.22
C GLN A 270 -5.87 -5.50 15.15
N GLY A 271 -6.09 -6.06 13.95
CA GLY A 271 -5.41 -5.66 12.73
C GLY A 271 -6.42 -4.96 11.83
N GLY A 272 -6.61 -5.51 10.63
CA GLY A 272 -7.53 -4.95 9.64
C GLY A 272 -8.96 -4.94 10.14
N PRO A 273 -9.70 -3.83 9.89
CA PRO A 273 -11.13 -3.87 10.21
C PRO A 273 -11.91 -4.67 9.19
N HIS A 274 -13.11 -5.06 9.57
CA HIS A 274 -13.95 -5.83 8.69
C HIS A 274 -14.97 -4.87 8.13
N ASN A 275 -14.66 -4.36 6.95
CA ASN A 275 -15.43 -3.26 6.38
C ASN A 275 -16.84 -3.59 6.01
N ASN A 276 -17.10 -4.87 5.71
CA ASN A 276 -18.46 -5.36 5.50
C ASN A 276 -19.30 -5.19 6.76
N LYS A 277 -18.71 -5.48 7.91
CA LYS A 277 -19.38 -5.23 9.19
C LYS A 277 -19.73 -3.75 9.35
N ILE A 278 -18.76 -2.90 9.05
CA ILE A 278 -18.89 -1.47 9.25
C ILE A 278 -19.97 -0.90 8.33
N ALA A 279 -19.96 -1.30 7.07
CA ALA A 279 -21.04 -1.04 6.15
C ALA A 279 -22.40 -1.46 6.74
N ALA A 280 -22.47 -2.71 7.22
CA ALA A 280 -23.69 -3.27 7.76
C ALA A 280 -24.14 -2.50 8.98
N VAL A 281 -23.21 -2.13 9.82
CA VAL A 281 -23.53 -1.32 10.99
C VAL A 281 -24.09 0.04 10.58
N ALA A 282 -23.53 0.67 9.53
CA ALA A 282 -24.01 1.97 9.05
C ALA A 282 -25.46 1.89 8.60
N CYS A 283 -25.72 0.87 7.80
CA CYS A 283 -27.04 0.55 7.29
C CYS A 283 -28.11 0.38 8.38
N GLN A 284 -27.76 -0.33 9.45
CA GLN A 284 -28.69 -0.48 10.57
C GLN A 284 -28.84 0.78 11.41
N LEU A 285 -27.75 1.50 11.64
CA LEU A 285 -27.83 2.73 12.41
C LEU A 285 -28.74 3.79 11.80
N LYS A 286 -28.94 3.74 10.48
CA LYS A 286 -29.89 4.63 9.83
C LYS A 286 -31.30 4.26 10.26
N GLU A 287 -31.64 2.98 10.13
CA GLU A 287 -32.92 2.46 10.64
C GLU A 287 -33.11 2.78 12.13
N VAL A 288 -32.07 2.63 12.95
CA VAL A 288 -32.21 2.89 14.38
C VAL A 288 -32.74 4.30 14.66
N HIS A 289 -32.29 5.28 13.87
CA HIS A 289 -32.72 6.67 14.09
C HIS A 289 -34.16 7.01 13.67
N SER A 290 -34.79 6.19 12.84
CA SER A 290 -36.15 6.44 12.34
C SER A 290 -37.21 6.33 13.44
N PRO A 291 -38.39 6.99 13.24
CA PRO A 291 -39.48 6.86 14.20
C PRO A 291 -40.09 5.45 14.21
N ALA A 292 -40.10 4.79 13.03
CA ALA A 292 -40.49 3.38 12.86
C ALA A 292 -39.76 2.38 13.79
N PHE A 293 -38.48 2.62 14.06
CA PHE A 293 -37.69 1.74 14.93
C PHE A 293 -37.97 2.00 16.40
N LYS A 294 -38.27 3.24 16.76
CA LYS A 294 -38.73 3.55 18.12
C LYS A 294 -40.07 2.84 18.38
N GLU A 295 -40.93 2.79 17.35
CA GLU A 295 -42.17 2.02 17.40
C GLU A 295 -41.88 0.52 17.67
N TYR A 296 -40.88 -0.05 16.99
CA TYR A 296 -40.44 -1.42 17.21
C TYR A 296 -39.99 -1.64 18.65
N THR A 297 -39.09 -0.78 19.11
CA THR A 297 -38.50 -0.86 20.46
C THR A 297 -39.56 -0.77 21.56
N GLN A 298 -40.50 0.16 21.39
CA GLN A 298 -41.65 0.30 22.30
C GLN A 298 -42.42 -1.01 22.34
N GLN A 299 -42.69 -1.56 21.15
CA GLN A 299 -43.37 -2.85 21.04
C GLN A 299 -42.66 -4.00 21.81
N VAL A 300 -41.32 -3.96 21.84
CA VAL A 300 -40.50 -4.94 22.56
C VAL A 300 -40.83 -4.87 24.04
N LEU A 301 -40.90 -3.66 24.58
CA LEU A 301 -41.21 -3.50 25.99
C LEU A 301 -42.67 -3.87 26.28
N LEU A 302 -43.60 -3.48 25.41
CA LEU A 302 -45.01 -3.83 25.59
C LEU A 302 -45.13 -5.35 25.65
N ASN A 303 -44.52 -6.07 24.69
CA ASN A 303 -44.52 -7.54 24.66
C ASN A 303 -43.91 -8.16 25.90
N SER A 304 -42.82 -7.60 26.37
CA SER A 304 -42.17 -8.10 27.56
C SER A 304 -43.03 -7.96 28.84
N LYS A 305 -43.73 -6.83 28.97
CA LYS A 305 -44.59 -6.58 30.13
C LYS A 305 -45.77 -7.57 30.06
N ALA A 306 -46.39 -7.64 28.87
CA ALA A 306 -47.50 -8.55 28.64
C ALA A 306 -47.12 -10.00 28.90
N LEU A 307 -45.89 -10.38 28.53
CA LEU A 307 -45.40 -11.74 28.77
C LEU A 307 -45.17 -11.98 30.25
N ALA A 308 -44.58 -11.01 30.93
CA ALA A 308 -44.36 -11.10 32.37
C ALA A 308 -45.65 -11.27 33.13
N LYS A 309 -46.63 -10.46 32.72
CA LYS A 309 -47.95 -10.45 33.34
C LYS A 309 -48.72 -11.77 33.13
N ALA A 310 -48.65 -12.33 31.92
CA ALA A 310 -49.31 -13.60 31.64
C ALA A 310 -48.61 -14.76 32.39
N LEU A 311 -47.30 -14.73 32.50
CA LEU A 311 -46.60 -15.77 33.26
C LEU A 311 -46.95 -15.71 34.77
N ILE A 312 -47.07 -14.48 35.30
CA ILE A 312 -47.53 -14.30 36.69
C ILE A 312 -48.96 -14.78 36.86
N SER A 313 -49.84 -14.45 35.92
CA SER A 313 -51.22 -14.96 35.93
C SER A 313 -51.35 -16.49 35.93
N LYS A 314 -50.33 -17.19 35.41
CA LYS A 314 -50.22 -18.67 35.47
C LYS A 314 -49.34 -19.14 36.59
N GLN A 315 -49.17 -18.34 37.65
CA GLN A 315 -48.45 -18.75 38.86
C GLN A 315 -46.99 -19.18 38.59
N ILE A 316 -46.34 -18.49 37.65
CA ILE A 316 -44.91 -18.67 37.40
C ILE A 316 -44.19 -17.45 38.01
N ASP A 317 -43.17 -17.72 38.83
CA ASP A 317 -42.37 -16.70 39.51
C ASP A 317 -41.28 -16.12 38.58
N LEU A 318 -41.14 -14.78 38.60
CA LEU A 318 -40.13 -14.05 37.84
C LEU A 318 -39.17 -13.34 38.79
N VAL A 319 -37.87 -13.37 38.47
CA VAL A 319 -36.86 -12.70 39.30
C VAL A 319 -37.12 -11.19 39.24
N THR A 320 -37.15 -10.57 40.43
CA THR A 320 -37.62 -9.19 40.65
C THR A 320 -39.11 -8.98 40.40
N ASN A 321 -39.86 -10.07 40.22
CA ASN A 321 -41.30 -10.07 39.94
C ASN A 321 -41.77 -9.23 38.76
N GLY A 322 -40.92 -9.10 37.76
CA GLY A 322 -41.23 -8.28 36.59
C GLY A 322 -39.97 -7.86 35.85
N THR A 323 -40.19 -6.91 34.95
CA THR A 323 -39.15 -6.43 34.06
C THR A 323 -39.37 -4.93 33.69
N ASP A 324 -38.27 -4.21 33.46
CA ASP A 324 -38.36 -2.85 32.89
C ASP A 324 -37.95 -2.83 31.46
N ASN A 325 -37.49 -3.97 30.95
CA ASN A 325 -36.89 -4.03 29.66
C ASN A 325 -37.47 -5.22 28.86
N HIS A 326 -36.71 -5.62 27.85
CA HIS A 326 -36.98 -6.74 26.95
C HIS A 326 -36.85 -8.17 27.53
N LEU A 327 -36.36 -8.32 28.76
CA LEU A 327 -36.01 -9.63 29.25
C LEU A 327 -36.60 -9.98 30.61
N ILE A 328 -36.89 -11.27 30.74
CA ILE A 328 -37.47 -11.87 31.93
C ILE A 328 -36.57 -13.02 32.29
N VAL A 329 -36.39 -13.25 33.59
CA VAL A 329 -35.75 -14.46 34.09
C VAL A 329 -36.83 -15.17 34.92
N VAL A 330 -37.18 -16.39 34.53
CA VAL A 330 -38.13 -17.22 35.28
C VAL A 330 -37.40 -18.01 36.36
N ASP A 331 -37.88 -17.91 37.59
CA ASP A 331 -37.40 -18.74 38.69
C ASP A 331 -38.20 -20.06 38.74
N LEU A 332 -37.52 -21.19 38.53
CA LEU A 332 -38.21 -22.49 38.43
C LEU A 332 -38.25 -23.31 39.72
N ARG A 333 -37.77 -22.77 40.85
CA ARG A 333 -37.67 -23.55 42.09
C ARG A 333 -38.97 -24.21 42.54
N LYS A 334 -40.10 -23.54 42.43
CA LYS A 334 -41.41 -24.10 42.85
C LYS A 334 -41.86 -25.37 42.10
N PHE A 335 -41.29 -25.62 40.92
CA PHE A 335 -41.60 -26.80 40.14
C PHE A 335 -40.52 -27.88 40.28
N SER A 336 -39.46 -27.57 41.01
CA SER A 336 -38.34 -28.50 41.24
C SER A 336 -37.73 -29.08 39.96
N ILE A 337 -37.64 -28.23 38.93
CA ILE A 337 -36.92 -28.55 37.70
C ILE A 337 -35.77 -27.55 37.48
N THR A 338 -34.68 -28.02 36.88
CA THR A 338 -33.56 -27.12 36.57
C THR A 338 -33.85 -26.40 35.27
N GLY A 339 -33.10 -25.32 35.04
CA GLY A 339 -33.13 -24.60 33.78
C GLY A 339 -32.71 -25.46 32.59
N SER A 340 -31.66 -26.29 32.74
CA SER A 340 -31.20 -27.14 31.62
C SER A 340 -32.29 -28.11 31.19
N LYS A 341 -33.07 -28.62 32.14
CA LYS A 341 -34.16 -29.56 31.79
C LYS A 341 -35.23 -28.88 30.93
N LEU A 342 -35.63 -27.66 31.30
CA LEU A 342 -36.64 -26.93 30.54
C LEU A 342 -36.07 -26.42 29.22
N GLN A 343 -34.78 -26.07 29.22
CA GLN A 343 -34.10 -25.76 27.96
C GLN A 343 -34.22 -26.97 26.98
N GLU A 344 -33.91 -28.17 27.45
CA GLU A 344 -34.04 -29.39 26.62
C GLU A 344 -35.48 -29.60 26.14
N THR A 345 -36.43 -29.53 27.07
CA THR A 345 -37.84 -29.63 26.72
C THR A 345 -38.30 -28.59 25.68
N CYS A 346 -37.81 -27.37 25.81
CA CYS A 346 -38.17 -26.29 24.89
C CYS A 346 -37.51 -26.47 23.52
N ASN A 347 -36.26 -26.94 23.49
CA ASN A 347 -35.64 -27.33 22.20
C ASN A 347 -36.52 -28.37 21.48
N ALA A 348 -37.02 -29.36 22.23
CA ALA A 348 -37.84 -30.42 21.64
C ALA A 348 -39.16 -29.89 21.03
N ILE A 349 -39.57 -28.67 21.40
CA ILE A 349 -40.75 -28.07 20.80
C ILE A 349 -40.46 -26.84 19.97
N ASN A 350 -39.21 -26.69 19.51
CA ASN A 350 -38.80 -25.53 18.75
C ASN A 350 -39.02 -24.19 19.49
N VAL A 351 -38.78 -24.22 20.80
CA VAL A 351 -38.81 -23.01 21.62
C VAL A 351 -37.36 -22.77 22.05
N SER A 352 -36.85 -21.61 21.66
CA SER A 352 -35.46 -21.26 21.92
C SER A 352 -35.37 -20.35 23.11
N LEU A 353 -34.73 -20.86 24.17
CA LEU A 353 -34.45 -20.07 25.35
C LEU A 353 -33.21 -20.66 26.03
N ASN A 354 -32.69 -19.99 27.05
CA ASN A 354 -31.47 -20.43 27.67
C ASN A 354 -31.64 -20.54 29.16
N LYS A 355 -30.96 -21.55 29.73
CA LYS A 355 -30.82 -21.68 31.17
C LYS A 355 -30.08 -20.47 31.73
N ASN A 356 -30.40 -20.12 32.97
CA ASN A 356 -29.91 -18.87 33.54
C ASN A 356 -29.96 -18.92 35.04
N THR A 357 -28.89 -18.51 35.68
CA THR A 357 -28.84 -18.37 37.12
C THR A 357 -29.93 -17.45 37.71
N ILE A 358 -30.24 -17.69 38.98
CA ILE A 358 -31.10 -16.82 39.78
C ILE A 358 -30.35 -16.51 41.09
N PRO A 359 -30.84 -15.53 41.88
CA PRO A 359 -30.08 -15.09 43.08
C PRO A 359 -29.72 -16.18 44.08
N SER A 360 -30.64 -17.13 44.28
CA SER A 360 -30.38 -18.25 45.20
C SER A 360 -29.30 -19.21 44.69
N ASP A 361 -29.02 -19.22 43.37
CA ASP A 361 -27.94 -20.05 42.83
C ASP A 361 -26.58 -19.51 43.27
N VAL A 362 -25.89 -20.32 44.06
CA VAL A 362 -24.56 -20.02 44.55
C VAL A 362 -23.54 -20.17 43.39
N ASP A 363 -23.78 -21.21 42.58
CA ASP A 363 -22.93 -21.61 41.46
C ASP A 363 -23.53 -21.18 40.10
N CYS A 364 -22.76 -21.40 39.02
CA CYS A 364 -23.28 -21.43 37.62
C CYS A 364 -23.47 -22.88 37.07
N VAL A 365 -23.44 -23.88 37.96
CA VAL A 365 -23.31 -25.32 37.64
C VAL A 365 -24.69 -25.96 37.41
N SER A 366 -25.66 -25.62 38.27
CA SER A 366 -27.06 -25.97 38.08
C SER A 366 -27.95 -24.72 38.21
N PRO A 367 -28.13 -23.96 37.09
CA PRO A 367 -29.00 -22.78 37.15
C PRO A 367 -30.49 -23.12 37.28
N SER A 368 -31.17 -22.41 38.16
CA SER A 368 -32.54 -22.69 38.54
C SER A 368 -33.55 -21.84 37.75
N GLY A 369 -33.14 -21.25 36.64
CA GLY A 369 -34.05 -20.45 35.86
C GLY A 369 -33.79 -20.51 34.42
N VAL A 370 -34.64 -19.86 33.66
CA VAL A 370 -34.40 -19.68 32.26
C VAL A 370 -34.60 -18.21 31.96
N ARG A 371 -33.97 -17.74 30.91
CA ARG A 371 -34.10 -16.39 30.49
C ARG A 371 -34.79 -16.40 29.13
N ILE A 372 -35.77 -15.51 29.00
CA ILE A 372 -36.48 -15.27 27.77
C ILE A 372 -36.48 -13.76 27.45
N GLY A 373 -36.73 -13.42 26.20
CA GLY A 373 -36.87 -12.02 25.84
C GLY A 373 -37.60 -11.89 24.54
N THR A 374 -38.18 -10.72 24.32
CA THR A 374 -39.08 -10.45 23.19
C THR A 374 -38.53 -9.85 21.89
N PRO A 375 -37.25 -9.45 21.81
CA PRO A 375 -36.83 -8.81 20.55
C PRO A 375 -37.04 -9.62 19.27
N ALA A 376 -36.56 -10.87 19.24
CA ALA A 376 -36.73 -11.71 18.06
C ALA A 376 -38.22 -11.80 17.63
N MET A 377 -39.11 -12.16 18.56
CA MET A 377 -40.54 -12.34 18.22
C MET A 377 -41.26 -11.04 17.92
N THR A 378 -40.79 -9.96 18.52
CA THR A 378 -41.31 -8.64 18.19
C THR A 378 -40.92 -8.28 16.79
N THR A 379 -39.70 -8.65 16.39
CA THR A 379 -39.28 -8.45 15.01
C THR A 379 -40.17 -9.24 14.05
N ARG A 380 -40.53 -10.46 14.43
CA ARG A 380 -41.38 -11.32 13.61
C ARG A 380 -42.88 -10.95 13.61
N GLY A 381 -43.26 -9.85 14.27
CA GLY A 381 -44.58 -9.25 14.13
C GLY A 381 -45.55 -9.48 15.28
N ALA A 382 -45.12 -10.23 16.30
CA ALA A 382 -45.95 -10.59 17.44
C ALA A 382 -46.28 -9.35 18.29
N LYS A 383 -47.55 -9.29 18.72
CA LYS A 383 -48.08 -8.18 19.49
C LYS A 383 -48.42 -8.67 20.90
N GLU A 384 -49.00 -7.78 21.72
CA GLU A 384 -49.28 -8.08 23.12
C GLU A 384 -50.18 -9.29 23.32
N LYS A 385 -51.27 -9.35 22.54
CA LYS A 385 -52.19 -10.50 22.54
C LYS A 385 -51.52 -11.85 22.30
N ASP A 386 -50.44 -11.87 21.51
CA ASP A 386 -49.71 -13.12 21.17
C ASP A 386 -48.85 -13.69 22.30
N MET A 387 -48.59 -12.87 23.32
CA MET A 387 -47.79 -13.25 24.47
C MET A 387 -48.51 -14.26 25.36
N GLU A 388 -49.84 -14.28 25.33
CA GLU A 388 -50.60 -15.26 26.11
C GLU A 388 -50.28 -16.68 25.62
N PHE A 389 -50.27 -16.85 24.31
CA PHE A 389 -49.87 -18.12 23.70
C PHE A 389 -48.46 -18.56 24.08
N ILE A 390 -47.52 -17.60 24.11
CA ILE A 390 -46.12 -17.92 24.49
C ILE A 390 -46.05 -18.32 25.96
N ALA A 391 -46.73 -17.57 26.82
CA ALA A 391 -46.83 -17.97 28.23
C ALA A 391 -47.54 -19.32 28.37
N ASP A 392 -48.61 -19.53 27.59
CA ASP A 392 -49.32 -20.84 27.52
C ASP A 392 -48.37 -22.01 27.14
N VAL A 393 -47.58 -21.82 26.08
CA VAL A 393 -46.62 -22.84 25.65
C VAL A 393 -45.53 -23.12 26.69
N LEU A 394 -45.03 -22.06 27.33
CA LEU A 394 -44.00 -22.24 28.37
C LEU A 394 -44.53 -22.93 29.61
N ALA A 395 -45.77 -22.61 29.98
CA ALA A 395 -46.42 -23.27 31.13
C ALA A 395 -46.59 -24.78 30.86
N ARG A 396 -47.07 -25.10 29.65
CA ARG A 396 -47.21 -26.51 29.21
C ARG A 396 -45.87 -27.23 29.18
N ALA A 397 -44.79 -26.52 28.81
CA ALA A 397 -43.45 -27.09 28.78
C ALA A 397 -42.90 -27.36 30.15
N ILE A 398 -43.21 -26.49 31.09
CA ILE A 398 -42.84 -26.73 32.48
C ILE A 398 -43.59 -27.93 33.03
N LYS A 399 -44.88 -28.07 32.72
CA LYS A 399 -45.66 -29.23 33.21
C LYS A 399 -45.10 -30.57 32.68
N ILE A 400 -44.85 -30.63 31.37
CA ILE A 400 -44.28 -31.82 30.72
C ILE A 400 -42.91 -32.13 31.30
N THR A 401 -42.12 -31.10 31.60
CA THR A 401 -40.81 -31.28 32.20
C THR A 401 -40.93 -31.90 33.58
N VAL A 402 -41.96 -31.49 34.32
CA VAL A 402 -42.24 -32.05 35.65
C VAL A 402 -42.69 -33.52 35.51
N ASP A 403 -43.59 -33.79 34.54
CA ASP A 403 -44.06 -35.15 34.19
C ASP A 403 -42.90 -36.08 33.79
N LEU A 404 -42.12 -35.68 32.79
CA LEU A 404 -40.93 -36.45 32.36
C LEU A 404 -39.92 -36.73 33.49
N GLN A 405 -39.67 -35.73 34.33
CA GLN A 405 -38.80 -35.91 35.48
C GLN A 405 -39.31 -36.96 36.48
N GLU A 406 -40.62 -36.91 36.73
CA GLU A 406 -41.31 -37.91 37.55
C GLU A 406 -41.05 -39.33 37.00
N GLN A 407 -41.34 -39.50 35.71
CA GLN A 407 -41.25 -40.81 35.07
C GLN A 407 -39.83 -41.36 34.96
N TYR A 408 -38.88 -40.51 34.51
CA TYR A 408 -37.52 -40.95 34.19
C TYR A 408 -36.43 -40.58 35.21
N GLY A 409 -36.75 -39.71 36.18
CA GLY A 409 -35.78 -39.31 37.21
C GLY A 409 -35.15 -37.94 36.99
N LYS A 410 -34.45 -37.47 38.02
CA LYS A 410 -33.87 -36.12 38.08
C LYS A 410 -32.42 -36.02 37.56
N LYS A 411 -31.82 -37.14 37.19
CA LYS A 411 -30.54 -37.12 36.47
C LYS A 411 -30.83 -36.67 35.04
N LEU A 412 -29.98 -35.78 34.51
CA LEU A 412 -30.18 -35.20 33.17
C LEU A 412 -30.04 -36.25 32.07
N VAL A 413 -29.12 -37.20 32.26
CA VAL A 413 -28.92 -38.32 31.31
C VAL A 413 -30.22 -39.11 31.17
N ASP A 414 -30.80 -39.47 32.32
CA ASP A 414 -32.07 -40.20 32.37
C ASP A 414 -33.21 -39.36 31.76
N PHE A 415 -33.32 -38.10 32.22
CA PHE A 415 -34.43 -37.20 31.81
C PHE A 415 -34.62 -37.12 30.31
N LYS A 416 -33.54 -36.91 29.57
CA LYS A 416 -33.58 -36.78 28.11
C LYS A 416 -34.08 -38.02 27.38
N LYS A 417 -33.87 -39.22 27.94
CA LYS A 417 -34.39 -40.45 27.33
C LYS A 417 -35.90 -40.34 27.20
N GLY A 418 -36.52 -39.59 28.13
CA GLY A 418 -37.95 -39.28 28.05
C GLY A 418 -38.42 -38.44 26.88
N LEU A 419 -37.54 -37.59 26.33
CA LEU A 419 -37.93 -36.57 25.34
C LEU A 419 -38.32 -37.09 23.95
N PRO A 420 -37.46 -37.90 23.31
CA PRO A 420 -37.79 -38.27 21.94
C PRO A 420 -39.00 -39.21 21.91
N GLY A 421 -39.87 -38.99 20.93
CA GLY A 421 -41.11 -39.73 20.82
C GLY A 421 -42.27 -39.34 21.74
N ASN A 422 -42.07 -38.42 22.68
CA ASN A 422 -43.15 -38.02 23.59
C ASN A 422 -44.33 -37.43 22.80
N ALA A 423 -45.50 -38.02 23.01
CA ALA A 423 -46.72 -37.67 22.26
C ALA A 423 -47.15 -36.20 22.46
N GLN A 424 -47.10 -35.72 23.69
CA GLN A 424 -47.48 -34.33 23.99
C GLN A 424 -46.48 -33.33 23.42
N LEU A 425 -45.17 -33.65 23.49
CA LEU A 425 -44.14 -32.82 22.88
C LEU A 425 -44.25 -32.73 21.38
N GLN A 426 -44.51 -33.86 20.71
CA GLN A 426 -44.80 -33.84 19.26
C GLN A 426 -46.01 -32.95 18.98
N GLN A 427 -47.02 -33.06 19.84
CA GLN A 427 -48.23 -32.25 19.74
C GLN A 427 -47.92 -30.76 20.00
N LEU A 428 -47.11 -30.50 21.02
CA LEU A 428 -46.76 -29.12 21.34
C LEU A 428 -45.82 -28.54 20.28
N LYS A 429 -44.80 -29.29 19.87
CA LYS A 429 -43.95 -28.90 18.73
C LYS A 429 -44.75 -28.49 17.48
N GLN A 430 -45.74 -29.30 17.12
CA GLN A 430 -46.54 -29.04 15.92
C GLN A 430 -47.32 -27.74 16.01
N GLU A 431 -47.87 -27.43 17.19
CA GLU A 431 -48.52 -26.13 17.46
C GLU A 431 -47.53 -24.95 17.34
N VAL A 432 -46.32 -25.12 17.84
CA VAL A 432 -45.29 -24.07 17.73
C VAL A 432 -44.95 -23.81 16.27
N VAL A 433 -44.67 -24.90 15.54
CA VAL A 433 -44.29 -24.84 14.14
C VAL A 433 -45.38 -24.19 13.30
N THR A 434 -46.66 -24.44 13.63
CA THR A 434 -47.77 -23.91 12.84
C THR A 434 -47.89 -22.42 13.04
N TRP A 435 -47.72 -21.93 14.26
CA TRP A 435 -47.84 -20.48 14.50
C TRP A 435 -46.58 -19.69 14.05
N ALA A 436 -45.40 -20.20 14.43
CA ALA A 436 -44.09 -19.53 14.12
C ALA A 436 -43.81 -19.46 12.61
N GLY A 437 -43.98 -20.61 11.96
CA GLY A 437 -43.80 -20.71 10.50
C GLY A 437 -44.59 -19.73 9.66
N ALA A 438 -45.73 -19.26 10.19
CA ALA A 438 -46.60 -18.32 9.49
C ALA A 438 -46.15 -16.87 9.60
N LEU A 439 -45.57 -16.52 10.74
CA LEU A 439 -45.13 -15.14 11.03
C LEU A 439 -44.17 -14.53 10.01
N PRO A 440 -44.27 -13.20 9.77
CA PRO A 440 -43.29 -12.48 8.97
C PRO A 440 -41.84 -12.83 9.33
N PHE A 441 -41.01 -12.99 8.30
CA PHE A 441 -39.63 -13.43 8.42
C PHE A 441 -38.76 -12.59 7.49
N PRO A 442 -37.84 -11.78 8.06
CA PRO A 442 -36.87 -11.12 7.18
C PRO A 442 -35.78 -12.10 6.78
N MET B 1 -42.62 -6.91 11.81
CA MET B 1 -42.31 -5.47 12.09
C MET B 1 -40.85 -5.09 11.72
N PHE B 2 -40.57 -5.14 10.42
CA PHE B 2 -39.22 -4.85 9.87
C PHE B 2 -39.33 -4.24 8.47
N ASN B 3 -38.33 -3.43 8.11
CA ASN B 3 -38.19 -2.94 6.72
C ASN B 3 -37.41 -3.91 5.85
N ASN B 4 -38.07 -4.48 4.84
CA ASN B 4 -37.44 -5.43 3.92
C ASN B 4 -37.17 -4.84 2.51
N GLU B 5 -37.23 -3.52 2.37
CA GLU B 5 -36.80 -2.86 1.13
C GLU B 5 -35.30 -3.16 0.82
N PRO B 6 -34.94 -3.43 -0.47
CA PRO B 6 -33.53 -3.71 -0.80
C PRO B 6 -32.58 -2.54 -0.53
N LEU B 7 -31.28 -2.83 -0.44
CA LEU B 7 -30.26 -1.85 -0.01
C LEU B 7 -30.29 -0.52 -0.79
N GLU B 8 -30.50 -0.60 -2.10
CA GLU B 8 -30.57 0.61 -2.95
C GLU B 8 -31.70 1.57 -2.50
N GLN B 9 -32.87 1.01 -2.22
CA GLN B 9 -34.00 1.81 -1.75
C GLN B 9 -33.82 2.27 -0.29
N ILE B 10 -33.69 1.31 0.62
CA ILE B 10 -33.51 1.58 2.08
C ILE B 10 -32.37 2.56 2.42
N ASP B 11 -31.26 2.48 1.71
CA ASP B 11 -30.12 3.33 2.01
C ASP B 11 -29.36 3.65 0.74
N LYS B 12 -29.82 4.70 0.04
CA LYS B 12 -29.21 5.12 -1.23
C LYS B 12 -27.81 5.68 -1.00
N GLU B 13 -27.62 6.45 0.07
CA GLU B 13 -26.32 7.07 0.37
C GLU B 13 -25.19 6.01 0.46
N LEU B 14 -25.40 5.01 1.31
CA LEU B 14 -24.41 3.93 1.50
C LEU B 14 -24.20 3.17 0.21
N HIS B 15 -25.28 2.94 -0.54
CA HIS B 15 -25.25 2.09 -1.71
C HIS B 15 -24.44 2.67 -2.86
N ASP B 16 -24.28 3.99 -2.89
CA ASP B 16 -23.47 4.64 -3.93
C ASP B 16 -21.97 4.52 -3.65
N ILE B 17 -21.59 4.67 -2.38
CA ILE B 17 -20.19 4.52 -1.95
C ILE B 17 -19.78 3.06 -2.23
N LEU B 18 -20.64 2.12 -1.85
CA LEU B 18 -20.40 0.70 -2.12
C LEU B 18 -20.28 0.39 -3.61
N ALA B 19 -21.10 1.04 -4.44
CA ALA B 19 -20.98 0.86 -5.90
C ALA B 19 -19.69 1.49 -6.42
N ASP B 20 -19.30 2.61 -5.83
CA ASP B 20 -18.01 3.24 -6.14
C ASP B 20 -16.82 2.37 -5.73
N GLU B 21 -16.88 1.82 -4.51
CA GLU B 21 -15.82 0.93 -3.99
C GLU B 21 -15.57 -0.18 -4.98
N GLU B 22 -16.66 -0.76 -5.47
CA GLU B 22 -16.61 -1.89 -6.38
C GLU B 22 -15.94 -1.53 -7.71
N LYS B 23 -16.31 -0.37 -8.25
CA LYS B 23 -15.73 0.15 -9.49
C LYS B 23 -14.22 0.40 -9.30
N ARG B 24 -13.81 0.99 -8.18
CA ARG B 24 -12.39 1.17 -7.88
C ARG B 24 -11.63 -0.19 -7.80
N GLN B 25 -12.18 -1.16 -7.09
CA GLN B 25 -11.60 -2.52 -7.05
C GLN B 25 -11.43 -3.12 -8.46
N ARG B 26 -12.44 -2.91 -9.30
CA ARG B 26 -12.44 -3.46 -10.65
C ARG B 26 -11.44 -2.78 -11.59
N GLU B 27 -11.00 -1.57 -11.24
CA GLU B 27 -10.20 -0.74 -12.12
C GLU B 27 -8.82 -0.45 -11.54
N THR B 28 -8.36 -1.32 -10.66
CA THR B 28 -7.11 -1.12 -9.91
C THR B 28 -6.20 -2.32 -10.20
N ILE B 29 -4.91 -2.05 -10.34
CA ILE B 29 -3.92 -3.10 -10.28
C ILE B 29 -3.60 -3.24 -8.79
N ASN B 30 -4.22 -4.26 -8.18
CA ASN B 30 -4.08 -4.51 -6.75
C ASN B 30 -2.88 -5.43 -6.47
N LEU B 31 -1.81 -4.83 -5.96
CA LEU B 31 -0.61 -5.57 -5.61
C LEU B 31 -0.45 -5.65 -4.10
N ILE B 32 -1.53 -5.52 -3.31
CA ILE B 32 -1.41 -5.70 -1.87
C ILE B 32 -1.25 -7.19 -1.62
N ALA B 33 -0.17 -7.57 -0.96
CA ALA B 33 0.25 -8.97 -0.89
C ALA B 33 -0.72 -9.75 -0.03
N SER B 34 -1.33 -9.04 0.92
CA SER B 34 -2.35 -9.60 1.83
C SER B 34 -3.81 -9.59 1.34
N GLU B 35 -4.08 -9.18 0.10
CA GLU B 35 -5.46 -9.05 -0.38
C GLU B 35 -5.77 -10.05 -1.47
N ASN B 36 -7.06 -10.30 -1.66
CA ASN B 36 -7.58 -11.20 -2.69
C ASN B 36 -8.99 -10.77 -3.05
N LEU B 37 -9.68 -11.55 -3.85
CA LEU B 37 -11.07 -11.29 -4.18
C LEU B 37 -11.86 -12.56 -3.97
N THR B 38 -12.91 -12.47 -3.14
CA THR B 38 -13.73 -13.63 -2.79
C THR B 38 -14.73 -13.91 -3.88
N ASN B 39 -15.02 -15.19 -4.13
CA ASN B 39 -16.07 -15.53 -5.10
C ASN B 39 -17.48 -15.26 -4.55
N GLY B 40 -18.47 -15.38 -5.41
CA GLY B 40 -19.85 -15.15 -5.06
C GLY B 40 -20.35 -16.11 -3.98
N ALA B 41 -19.91 -17.36 -4.03
CA ALA B 41 -20.34 -18.36 -3.03
C ALA B 41 -19.90 -18.03 -1.60
N VAL B 42 -18.65 -17.62 -1.45
CA VAL B 42 -18.16 -17.17 -0.14
C VAL B 42 -18.93 -15.96 0.36
N ARG B 43 -19.23 -15.02 -0.52
CA ARG B 43 -20.06 -13.87 -0.16
C ARG B 43 -21.55 -14.16 0.12
N GLU B 44 -22.12 -15.21 -0.48
CA GLU B 44 -23.46 -15.69 -0.12
C GLU B 44 -23.49 -16.23 1.30
N CYS B 45 -22.42 -16.90 1.70
CA CYS B 45 -22.29 -17.38 3.07
C CYS B 45 -22.23 -16.25 4.07
N LEU B 46 -21.44 -15.22 3.75
CA LEU B 46 -21.21 -14.11 4.68
C LEU B 46 -22.48 -13.31 4.94
N GLY B 47 -23.35 -13.22 3.94
CA GLY B 47 -24.67 -12.62 4.13
C GLY B 47 -25.80 -13.60 4.46
N ASN B 48 -25.47 -14.80 4.97
CA ASN B 48 -26.49 -15.81 5.27
C ASN B 48 -27.06 -15.62 6.68
N ARG B 49 -28.35 -15.89 6.85
CA ARG B 49 -29.04 -15.80 8.18
C ARG B 49 -28.44 -16.61 9.33
N VAL B 50 -27.54 -17.51 9.06
CA VAL B 50 -26.83 -18.23 10.13
C VAL B 50 -26.13 -17.29 11.15
N SER B 51 -25.75 -16.07 10.73
CA SER B 51 -25.26 -15.03 11.68
C SER B 51 -26.27 -14.58 12.76
N ASN B 52 -27.55 -14.91 12.58
CA ASN B 52 -28.54 -14.68 13.66
C ASN B 52 -28.37 -15.56 14.91
N LYS B 53 -27.56 -16.59 14.84
CA LYS B 53 -27.57 -17.59 15.87
C LYS B 53 -26.43 -17.43 16.85
N TYR B 54 -26.80 -17.35 18.14
CA TYR B 54 -25.85 -17.40 19.27
C TYR B 54 -25.50 -18.85 19.57
N SER B 55 -24.23 -19.20 19.48
CA SER B 55 -23.79 -20.56 19.78
C SER B 55 -22.49 -20.58 20.53
N GLU B 56 -22.47 -19.91 21.68
CA GLU B 56 -21.32 -19.91 22.58
C GLU B 56 -20.92 -21.33 23.00
N GLY B 57 -19.63 -21.63 22.89
CA GLY B 57 -19.11 -22.95 23.24
C GLY B 57 -18.62 -23.66 22.00
N TYR B 58 -18.54 -24.99 22.07
CA TYR B 58 -18.07 -25.82 20.95
C TYR B 58 -19.14 -26.84 20.55
N PRO B 59 -18.99 -27.50 19.39
CA PRO B 59 -20.04 -28.43 18.95
C PRO B 59 -20.24 -29.61 19.91
N LYS B 60 -21.50 -30.03 20.10
CA LYS B 60 -21.88 -31.04 21.12
C LYS B 60 -21.56 -30.62 22.58
N LYS B 61 -21.12 -29.39 22.81
CA LYS B 61 -20.90 -28.81 24.16
C LYS B 61 -21.30 -27.32 24.14
N ARG B 62 -22.48 -27.05 23.60
CA ARG B 62 -23.00 -25.70 23.46
C ARG B 62 -23.63 -25.33 24.77
N TYR B 63 -23.73 -24.04 25.03
CA TYR B 63 -24.49 -23.52 26.15
C TYR B 63 -25.96 -23.61 25.82
N TYR B 64 -26.36 -23.26 24.58
CA TYR B 64 -27.77 -23.28 24.16
C TYR B 64 -28.11 -24.45 23.25
N GLY B 65 -29.39 -24.64 22.98
CA GLY B 65 -29.88 -25.60 21.98
C GLY B 65 -30.31 -24.89 20.71
N GLY B 66 -30.84 -25.66 19.78
CA GLY B 66 -31.20 -25.15 18.46
C GLY B 66 -29.95 -24.99 17.60
N ASN B 67 -28.88 -25.65 18.00
CA ASN B 67 -27.56 -25.56 17.39
C ASN B 67 -27.20 -26.83 16.62
N ASP B 68 -28.21 -27.59 16.19
CA ASP B 68 -27.99 -28.83 15.44
C ASP B 68 -27.32 -28.52 14.12
N PHE B 69 -27.91 -27.60 13.36
CA PHE B 69 -27.37 -27.26 12.04
C PHE B 69 -26.08 -26.46 12.13
N ILE B 70 -26.01 -25.53 13.09
CA ILE B 70 -24.75 -24.82 13.43
C ILE B 70 -23.61 -25.80 13.76
N ASP B 71 -23.91 -26.82 14.55
CA ASP B 71 -22.89 -27.87 14.88
C ASP B 71 -22.38 -28.62 13.66
N LYS B 72 -23.24 -28.91 12.70
CA LYS B 72 -22.79 -29.59 11.48
C LYS B 72 -21.84 -28.67 10.66
N ILE B 73 -22.19 -27.38 10.55
CA ILE B 73 -21.35 -26.40 9.88
C ILE B 73 -19.99 -26.24 10.56
N GLU B 74 -19.96 -26.08 11.88
CA GLU B 74 -18.66 -25.96 12.57
C GLU B 74 -17.81 -27.21 12.42
N GLU B 75 -18.43 -28.38 12.43
CA GLU B 75 -17.71 -29.68 12.32
C GLU B 75 -17.25 -29.93 10.90
N LEU B 76 -18.08 -29.57 9.93
CA LEU B 76 -17.69 -29.59 8.52
C LEU B 76 -16.50 -28.66 8.19
N CYS B 77 -16.47 -27.48 8.82
CA CYS B 77 -15.37 -26.52 8.64
C CYS B 77 -14.05 -27.05 9.21
N GLN B 78 -14.11 -27.64 10.41
CA GLN B 78 -12.92 -28.22 11.06
C GLN B 78 -12.35 -29.43 10.28
N LYS B 79 -13.24 -30.30 9.84
CA LYS B 79 -12.87 -31.45 9.01
C LYS B 79 -12.14 -30.97 7.73
N ARG B 80 -12.82 -30.09 6.98
CA ARG B 80 -12.28 -29.52 5.74
C ARG B 80 -10.92 -28.80 5.94
N ALA B 81 -10.71 -28.22 7.12
CA ALA B 81 -9.45 -27.51 7.43
C ALA B 81 -8.27 -28.46 7.58
N LEU B 82 -8.51 -29.52 8.33
CA LEU B 82 -7.51 -30.54 8.58
C LEU B 82 -7.21 -31.31 7.28
N GLU B 83 -8.24 -31.55 6.47
CA GLU B 83 -8.06 -32.10 5.12
C GLU B 83 -7.26 -31.20 4.16
N ALA B 84 -7.53 -29.88 4.20
CA ALA B 84 -6.89 -28.96 3.27
C ALA B 84 -5.40 -28.86 3.58
N PHE B 85 -5.06 -28.91 4.86
CA PHE B 85 -3.69 -28.80 5.30
C PHE B 85 -2.99 -30.15 5.58
N ASN B 86 -3.49 -31.23 4.96
CA ASN B 86 -2.82 -32.55 4.99
C ASN B 86 -2.40 -33.00 6.38
N VAL B 87 -3.36 -33.00 7.30
CA VAL B 87 -3.12 -33.41 8.68
C VAL B 87 -4.25 -34.36 9.07
N SER B 88 -3.93 -35.30 9.96
CA SER B 88 -4.88 -36.33 10.38
C SER B 88 -5.63 -35.79 11.58
N ASP B 89 -6.97 -35.94 11.58
CA ASP B 89 -7.79 -35.53 12.74
C ASP B 89 -7.40 -36.22 14.07
N GLU B 90 -6.60 -37.30 13.98
CA GLU B 90 -6.08 -37.97 15.17
C GLU B 90 -4.91 -37.20 15.79
N GLU B 91 -4.01 -36.68 14.96
CA GLU B 91 -2.78 -35.99 15.42
C GLU B 91 -2.91 -34.45 15.59
N TRP B 92 -3.80 -33.84 14.80
CA TRP B 92 -3.93 -32.37 14.79
C TRP B 92 -5.34 -31.98 15.11
N GLY B 93 -5.47 -30.91 15.88
CA GLY B 93 -6.76 -30.22 16.04
C GLY B 93 -6.74 -28.80 15.49
N VAL B 94 -7.94 -28.28 15.25
CA VAL B 94 -8.15 -26.93 14.73
C VAL B 94 -9.34 -26.23 15.44
N ASN B 95 -9.13 -24.98 15.87
CA ASN B 95 -10.25 -24.08 16.28
C ASN B 95 -10.63 -23.13 15.10
N VAL B 96 -11.92 -23.04 14.81
CA VAL B 96 -12.41 -22.26 13.66
C VAL B 96 -13.20 -20.99 14.06
N GLN B 97 -13.14 -20.62 15.34
CA GLN B 97 -13.88 -19.48 15.87
C GLN B 97 -13.19 -18.12 15.89
N PRO B 98 -11.83 -18.04 15.90
CA PRO B 98 -11.21 -16.71 15.97
C PRO B 98 -11.70 -15.77 14.86
N LEU B 99 -12.02 -14.54 15.23
CA LEU B 99 -12.66 -13.61 14.31
C LEU B 99 -11.72 -13.04 13.28
N SER B 100 -10.43 -13.02 13.56
CA SER B 100 -9.44 -12.50 12.63
C SER B 100 -8.05 -12.97 13.01
N GLY B 101 -7.07 -12.68 12.19
CA GLY B 101 -5.72 -13.16 12.42
C GLY B 101 -5.05 -12.70 13.69
N SER B 102 -5.24 -11.43 14.04
CA SER B 102 -4.61 -10.88 15.23
C SER B 102 -5.24 -11.52 16.49
N ALA B 103 -6.55 -11.64 16.52
CA ALA B 103 -7.24 -12.33 17.61
C ALA B 103 -6.70 -13.80 17.79
N ALA B 104 -6.70 -14.56 16.71
CA ALA B 104 -6.14 -15.92 16.68
C ALA B 104 -4.74 -16.01 17.28
N ASN B 105 -3.86 -15.06 16.93
CA ASN B 105 -2.52 -15.05 17.47
C ASN B 105 -2.44 -14.74 18.99
N VAL B 106 -3.16 -13.72 19.44
CA VAL B 106 -3.20 -13.38 20.87
C VAL B 106 -3.76 -14.53 21.73
N GLN B 107 -4.84 -15.15 21.25
CA GLN B 107 -5.46 -16.29 21.89
C GLN B 107 -4.54 -17.51 21.93
N ALA B 108 -4.00 -17.91 20.79
CA ALA B 108 -3.07 -19.05 20.75
C ALA B 108 -1.87 -18.81 21.66
N LEU B 109 -1.35 -17.57 21.67
CA LEU B 109 -0.20 -17.22 22.49
C LEU B 109 -0.51 -17.31 23.95
N TYR B 110 -1.63 -16.72 24.35
CA TYR B 110 -2.11 -16.82 25.72
C TYR B 110 -2.25 -18.28 26.24
N ALA B 111 -2.82 -19.14 25.40
CA ALA B 111 -2.97 -20.57 25.71
C ALA B 111 -1.65 -21.22 26.09
N LEU B 112 -0.60 -20.97 25.30
CA LEU B 112 0.71 -21.59 25.52
C LEU B 112 1.46 -21.05 26.74
N VAL B 113 1.48 -19.73 26.92
CA VAL B 113 2.34 -19.11 27.91
C VAL B 113 1.65 -18.32 29.01
N GLY B 114 0.41 -17.88 28.80
CA GLY B 114 -0.32 -17.07 29.75
C GLY B 114 0.21 -15.66 29.93
N VAL B 115 -0.40 -14.92 30.84
CA VAL B 115 0.01 -13.55 31.14
C VAL B 115 1.39 -13.62 31.78
N LYS B 116 2.20 -12.58 31.54
CA LYS B 116 3.64 -12.58 31.85
C LYS B 116 4.48 -13.56 31.02
N GLY B 117 3.87 -14.35 30.13
CA GLY B 117 4.62 -15.32 29.33
C GLY B 117 5.71 -14.70 28.46
N LYS B 118 6.74 -15.49 28.19
CA LYS B 118 7.89 -15.00 27.44
C LYS B 118 7.77 -15.50 26.01
N ILE B 119 7.84 -14.59 25.04
CA ILE B 119 7.74 -14.96 23.60
C ILE B 119 8.84 -14.30 22.76
N MET B 120 9.15 -14.93 21.64
CA MET B 120 10.11 -14.41 20.68
C MET B 120 9.46 -14.42 19.30
N GLY B 121 9.58 -13.32 18.57
CA GLY B 121 9.10 -13.25 17.18
C GLY B 121 9.95 -12.29 16.37
N MET B 122 9.74 -12.27 15.05
CA MET B 122 10.47 -11.36 14.17
C MET B 122 9.98 -9.92 14.39
N HIS B 123 10.91 -8.98 14.43
CA HIS B 123 10.61 -7.57 14.56
C HIS B 123 9.74 -7.09 13.39
N LEU B 124 8.88 -6.10 13.63
CA LEU B 124 8.00 -5.55 12.58
C LEU B 124 8.77 -5.06 11.36
N CYS B 125 9.75 -4.19 11.61
CA CYS B 125 10.77 -3.72 10.63
C CYS B 125 11.50 -4.75 9.78
N SER B 126 11.62 -5.98 10.27
CA SER B 126 12.24 -7.07 9.54
C SER B 126 11.24 -8.00 8.86
N GLY B 127 9.94 -7.65 8.90
CA GLY B 127 8.90 -8.45 8.25
C GLY B 127 8.00 -9.23 9.20
N GLY B 128 8.18 -9.06 10.50
CA GLY B 128 7.29 -9.65 11.48
C GLY B 128 5.94 -8.94 11.52
N HIS B 129 4.96 -9.60 12.15
CA HIS B 129 3.66 -9.01 12.41
C HIS B 129 3.63 -8.30 13.75
N LEU B 130 2.62 -7.43 13.90
CA LEU B 130 2.32 -6.74 15.17
C LEU B 130 2.06 -7.71 16.34
N THR B 131 1.28 -8.77 16.07
CA THR B 131 0.97 -9.82 17.05
C THR B 131 2.12 -10.79 17.38
N HIS B 132 3.31 -10.52 16.86
CA HIS B 132 4.51 -11.29 17.21
C HIS B 132 5.37 -10.57 18.25
N GLY B 133 4.75 -9.76 19.10
CA GLY B 133 5.45 -9.14 20.20
C GLY B 133 6.00 -7.76 19.94
N PHE B 134 5.45 -7.06 18.94
CA PHE B 134 5.99 -5.77 18.57
C PHE B 134 5.87 -4.74 19.67
N PHE B 135 7.00 -4.13 20.02
CA PHE B 135 7.03 -2.92 20.85
C PHE B 135 8.06 -1.93 20.31
N ASP B 136 8.08 -0.75 20.94
CA ASP B 136 8.93 0.38 20.58
C ASP B 136 9.46 0.97 21.90
N GLU B 137 10.62 1.62 21.89
CA GLU B 137 11.14 2.27 23.11
C GLU B 137 10.06 3.14 23.79
N LYS B 138 9.32 3.90 22.98
CA LYS B 138 8.23 4.78 23.44
C LYS B 138 6.97 4.06 23.97
N LYS B 139 6.62 2.92 23.38
CA LYS B 139 5.39 2.22 23.76
C LYS B 139 5.40 0.70 23.46
N LYS B 140 4.62 -0.03 24.25
CA LYS B 140 4.29 -1.42 23.97
C LYS B 140 3.12 -1.36 23.01
N VAL B 141 3.45 -1.34 21.74
CA VAL B 141 2.50 -1.03 20.65
C VAL B 141 1.46 -2.13 20.49
N SER B 142 1.87 -3.38 20.61
CA SER B 142 0.97 -4.51 20.53
C SER B 142 0.73 -5.01 21.95
N ILE B 143 -0.49 -5.47 22.22
CA ILE B 143 -0.78 -6.20 23.46
C ILE B 143 0.19 -7.39 23.66
N THR B 144 0.70 -7.97 22.58
CA THR B 144 1.60 -9.11 22.67
C THR B 144 2.97 -8.74 23.23
N SER B 145 3.30 -7.45 23.30
CA SER B 145 4.47 -6.99 24.05
C SER B 145 4.16 -6.55 25.48
N ASP B 146 2.88 -6.59 25.86
CA ASP B 146 2.43 -6.02 27.12
C ASP B 146 1.83 -7.06 28.03
N MET B 147 0.89 -7.85 27.50
CA MET B 147 0.37 -8.98 28.26
C MET B 147 1.39 -10.11 28.33
N PHE B 148 2.38 -10.08 27.43
CA PHE B 148 3.51 -11.01 27.43
C PHE B 148 4.80 -10.20 27.53
N GLU B 149 5.89 -10.88 27.85
CA GLU B 149 7.25 -10.32 27.76
C GLU B 149 7.85 -10.82 26.46
N SER B 150 8.04 -9.92 25.50
CA SER B 150 8.51 -10.33 24.17
C SER B 150 9.92 -9.84 23.92
N LYS B 151 10.66 -10.63 23.14
CA LYS B 151 11.95 -10.22 22.61
C LYS B 151 11.88 -10.39 21.10
N LEU B 152 12.63 -9.58 20.38
CA LEU B 152 12.44 -9.46 18.93
C LEU B 152 13.75 -9.72 18.20
N TYR B 153 13.73 -10.70 17.29
CA TYR B 153 14.88 -10.99 16.44
C TYR B 153 14.74 -10.32 15.08
N LYS B 154 15.88 -10.11 14.43
CA LYS B 154 15.94 -9.39 13.14
C LYS B 154 16.45 -10.25 12.03
N CYS B 155 16.24 -9.77 10.82
CA CYS B 155 16.80 -10.36 9.62
C CYS B 155 18.20 -9.77 9.50
N ASN B 156 19.09 -10.40 8.76
CA ASN B 156 20.44 -9.87 8.49
C ASN B 156 20.42 -8.75 7.44
N SER B 157 21.58 -8.12 7.18
CA SER B 157 21.64 -7.01 6.21
C SER B 157 21.14 -7.39 4.79
N GLN B 158 21.15 -8.68 4.43
CA GLN B 158 20.60 -9.16 3.14
C GLN B 158 19.14 -9.54 3.15
N GLY B 159 18.48 -9.39 4.30
CA GLY B 159 17.02 -9.65 4.40
C GLY B 159 16.59 -11.08 4.74
N TYR B 160 17.54 -11.91 5.16
CA TYR B 160 17.24 -13.29 5.55
C TYR B 160 17.16 -13.37 7.08
N VAL B 161 16.31 -14.28 7.57
CA VAL B 161 16.30 -14.65 8.99
C VAL B 161 17.69 -15.13 9.39
N ASP B 162 18.21 -14.54 10.46
CA ASP B 162 19.54 -14.86 10.96
C ASP B 162 19.44 -15.87 12.09
N LEU B 163 19.49 -17.16 11.75
CA LEU B 163 19.25 -18.23 12.73
C LEU B 163 20.25 -18.28 13.88
N ASP B 164 21.51 -17.91 13.61
CA ASP B 164 22.53 -17.77 14.66
C ASP B 164 22.10 -16.76 15.74
N ALA B 165 21.40 -15.72 15.32
CA ALA B 165 20.90 -14.69 16.24
C ALA B 165 19.66 -15.14 16.98
N VAL B 166 18.78 -15.88 16.30
CA VAL B 166 17.60 -16.49 16.95
C VAL B 166 18.04 -17.39 18.10
N ARG B 167 19.00 -18.29 17.81
CA ARG B 167 19.58 -19.19 18.83
C ARG B 167 20.31 -18.43 19.95
N GLU B 168 21.19 -17.48 19.64
CA GLU B 168 21.87 -16.73 20.71
C GLU B 168 20.87 -16.01 21.62
N MET B 169 19.80 -15.48 21.00
CA MET B 169 18.76 -14.77 21.75
C MET B 169 17.93 -15.77 22.58
N ALA B 170 17.47 -16.85 21.96
CA ALA B 170 16.72 -17.88 22.68
C ALA B 170 17.43 -18.46 23.93
N LEU B 171 18.74 -18.69 23.87
CA LEU B 171 19.47 -19.30 24.98
C LEU B 171 19.64 -18.38 26.18
N SER B 172 19.73 -17.08 25.95
CA SER B 172 19.78 -16.10 27.04
C SER B 172 18.38 -15.72 27.56
N PHE B 173 17.41 -15.61 26.65
CA PHE B 173 16.06 -15.19 26.99
C PHE B 173 15.17 -16.30 27.55
N LYS B 174 15.36 -17.54 27.07
CA LYS B 174 14.61 -18.72 27.56
C LYS B 174 13.08 -18.54 27.44
N PRO B 175 12.56 -18.34 26.23
CA PRO B 175 11.13 -18.14 26.07
C PRO B 175 10.36 -19.45 26.00
N LYS B 176 9.06 -19.38 26.27
CA LYS B 176 8.17 -20.53 26.09
C LYS B 176 7.67 -20.64 24.67
N VAL B 177 7.70 -19.57 23.87
CA VAL B 177 7.28 -19.66 22.44
C VAL B 177 8.20 -18.85 21.51
N ILE B 178 8.48 -19.42 20.34
CA ILE B 178 9.21 -18.75 19.30
C ILE B 178 8.29 -18.70 18.10
N ILE B 179 7.99 -17.48 17.66
CA ILE B 179 7.10 -17.26 16.54
C ILE B 179 7.94 -17.15 15.28
N CYS B 180 7.57 -17.90 14.26
CA CYS B 180 8.11 -17.78 12.92
C CYS B 180 6.92 -17.81 11.98
N GLY B 181 7.15 -17.42 10.72
CA GLY B 181 6.04 -17.12 9.78
C GLY B 181 5.73 -15.62 9.87
N TYR B 182 5.65 -14.92 8.72
CA TYR B 182 5.84 -13.45 8.69
C TYR B 182 4.89 -12.66 7.77
N THR B 183 4.95 -11.33 7.82
CA THR B 183 4.02 -10.50 7.03
C THR B 183 4.61 -10.04 5.70
N SER B 184 5.88 -9.71 5.70
CA SER B 184 6.56 -9.23 4.49
C SER B 184 7.92 -9.92 4.39
N TYR B 185 7.90 -11.24 4.30
CA TYR B 185 9.11 -12.03 4.12
C TYR B 185 9.03 -12.75 2.79
N PRO B 186 9.95 -12.43 1.86
CA PRO B 186 9.93 -12.96 0.49
C PRO B 186 10.47 -14.38 0.28
N ARG B 187 11.02 -15.01 1.32
CA ARG B 187 11.58 -16.38 1.19
C ARG B 187 10.88 -17.43 2.05
N ASP B 188 11.14 -18.71 1.74
CA ASP B 188 10.62 -19.81 2.54
C ASP B 188 11.38 -19.86 3.86
N ILE B 189 10.79 -20.60 4.81
CA ILE B 189 11.27 -20.64 6.19
C ILE B 189 11.83 -22.03 6.51
N ASP B 190 12.94 -22.05 7.24
CA ASP B 190 13.56 -23.29 7.71
C ASP B 190 12.94 -23.66 9.07
N TYR B 191 11.78 -24.30 9.01
CA TYR B 191 11.06 -24.69 10.23
C TYR B 191 11.85 -25.71 11.03
N GLN B 192 12.55 -26.61 10.33
CA GLN B 192 13.38 -27.62 11.00
C GLN B 192 14.40 -27.01 11.94
N GLN B 193 15.13 -25.98 11.51
CA GLN B 193 16.09 -25.35 12.43
C GLN B 193 15.40 -24.56 13.52
N PHE B 194 14.17 -24.10 13.27
CA PHE B 194 13.38 -23.47 14.34
C PHE B 194 13.00 -24.53 15.39
N ARG B 195 12.51 -25.67 14.91
CA ARG B 195 12.19 -26.84 15.75
C ARG B 195 13.37 -27.35 16.57
N GLN B 196 14.58 -27.26 16.01
CA GLN B 196 15.85 -27.56 16.71
C GLN B 196 16.15 -26.56 17.82
N ILE B 197 15.99 -25.27 17.55
CA ILE B 197 16.26 -24.24 18.55
C ILE B 197 15.25 -24.28 19.69
N CYS B 198 13.99 -24.55 19.35
CA CYS B 198 12.90 -24.65 20.34
C CYS B 198 13.12 -25.82 21.32
N ASP B 199 13.47 -26.99 20.80
CA ASP B 199 13.91 -28.15 21.58
C ASP B 199 15.07 -27.87 22.56
N GLU B 200 16.04 -27.07 22.10
CA GLU B 200 17.26 -26.77 22.87
C GLU B 200 16.98 -25.98 24.15
N VAL B 201 15.91 -25.18 24.12
CA VAL B 201 15.52 -24.32 25.24
C VAL B 201 14.15 -24.70 25.84
N ASN B 202 13.50 -25.73 25.26
CA ASN B 202 12.18 -26.28 25.66
C ASN B 202 10.96 -25.37 25.36
N ALA B 203 11.03 -24.63 24.25
CA ALA B 203 9.98 -23.67 23.85
C ALA B 203 9.04 -24.28 22.81
N TYR B 204 7.79 -23.82 22.78
CA TYR B 204 6.85 -24.18 21.73
C TYR B 204 7.26 -23.57 20.37
N LEU B 205 6.95 -24.25 19.26
CA LEU B 205 7.16 -23.70 17.91
C LEU B 205 5.83 -23.27 17.34
N PHE B 206 5.72 -21.97 17.07
CA PHE B 206 4.50 -21.31 16.57
C PHE B 206 4.82 -20.83 15.16
N ALA B 207 4.02 -21.29 14.20
CA ALA B 207 4.14 -20.91 12.81
C ALA B 207 2.94 -20.08 12.33
N ASP B 208 3.13 -18.79 12.11
CA ASP B 208 2.04 -17.96 11.52
C ASP B 208 2.21 -18.02 10.04
N ILE B 209 1.38 -18.79 9.36
CA ILE B 209 1.48 -18.99 7.90
C ILE B 209 0.44 -18.22 7.06
N SER B 210 -0.17 -17.17 7.64
CA SER B 210 -1.22 -16.36 6.99
C SER B 210 -0.94 -15.91 5.57
N HIS B 211 0.29 -15.49 5.32
CA HIS B 211 0.69 -15.05 3.99
C HIS B 211 1.01 -16.17 3.00
N ILE B 212 1.36 -17.35 3.50
CA ILE B 212 1.81 -18.45 2.63
C ILE B 212 0.93 -19.69 2.79
N SER B 213 -0.26 -19.49 3.34
CA SER B 213 -1.10 -20.63 3.74
C SER B 213 -1.28 -21.61 2.57
N SER B 214 -1.69 -21.08 1.42
CA SER B 214 -1.96 -21.85 0.22
C SER B 214 -0.77 -22.66 -0.26
N PHE B 215 0.43 -22.14 -0.09
CA PHE B 215 1.65 -22.83 -0.50
C PHE B 215 1.88 -24.04 0.40
N VAL B 216 1.59 -23.87 1.69
CA VAL B 216 1.74 -24.95 2.65
C VAL B 216 0.71 -26.04 2.37
N ALA B 217 -0.53 -25.64 2.16
CA ALA B 217 -1.62 -26.60 1.89
C ALA B 217 -1.41 -27.41 0.62
N CYS B 218 -0.87 -26.78 -0.42
CA CYS B 218 -0.66 -27.43 -1.72
C CYS B 218 0.73 -28.04 -1.90
N ASN B 219 1.53 -28.08 -0.83
CA ASN B 219 2.87 -28.71 -0.86
C ASN B 219 3.87 -28.12 -1.85
N ILE B 220 3.77 -26.80 -2.08
CA ILE B 220 4.66 -26.06 -2.94
C ILE B 220 5.82 -25.50 -2.13
N LEU B 221 5.56 -25.12 -0.89
CA LEU B 221 6.62 -24.69 0.02
C LEU B 221 6.75 -25.64 1.20
N ASN B 222 7.78 -25.42 2.01
CA ASN B 222 7.98 -26.18 3.24
C ASN B 222 6.74 -26.28 4.10
N ASN B 223 6.67 -27.38 4.85
CA ASN B 223 5.50 -27.73 5.67
C ASN B 223 5.83 -27.60 7.14
N PRO B 224 5.27 -26.59 7.82
CA PRO B 224 5.57 -26.43 9.22
C PRO B 224 4.84 -27.45 10.11
N PHE B 225 3.81 -28.13 9.59
CA PHE B 225 3.09 -29.15 10.34
C PHE B 225 3.97 -30.33 10.73
N LEU B 226 5.07 -30.54 10.01
CA LEU B 226 6.05 -31.55 10.39
C LEU B 226 6.81 -31.16 11.66
N HIS B 227 6.95 -29.86 11.92
CA HIS B 227 7.75 -29.38 13.05
C HIS B 227 7.03 -28.55 14.11
N ALA B 228 5.90 -27.92 13.79
CA ALA B 228 5.29 -26.94 14.71
C ALA B 228 4.35 -27.57 15.74
N ASP B 229 4.35 -27.00 16.93
CA ASP B 229 3.30 -27.25 17.92
C ASP B 229 1.98 -26.56 17.59
N VAL B 230 2.05 -25.28 17.15
CA VAL B 230 0.86 -24.50 16.79
C VAL B 230 1.04 -23.87 15.40
N VAL B 231 0.00 -23.93 14.57
CA VAL B 231 -0.01 -23.24 13.32
C VAL B 231 -1.24 -22.36 13.26
N THR B 232 -1.04 -21.06 13.11
CA THR B 232 -2.14 -20.13 12.86
C THR B 232 -2.14 -19.62 11.41
N THR B 233 -3.33 -19.32 10.93
CA THR B 233 -3.47 -18.68 9.64
C THR B 233 -4.78 -17.94 9.53
N THR B 234 -4.72 -16.81 8.81
CA THR B 234 -5.90 -16.12 8.35
C THR B 234 -6.46 -16.88 7.17
N THR B 235 -7.75 -16.70 6.89
CA THR B 235 -8.40 -17.31 5.72
C THR B 235 -8.65 -16.37 4.54
N HIS B 236 -8.21 -15.09 4.63
CA HIS B 236 -8.60 -14.04 3.65
C HIS B 236 -7.55 -13.57 2.64
N LYS B 237 -6.29 -13.92 2.87
CA LYS B 237 -5.22 -13.55 1.98
C LYS B 237 -5.13 -14.59 0.85
N ILE B 238 -3.98 -15.22 0.67
CA ILE B 238 -3.72 -16.14 -0.46
C ILE B 238 -4.70 -17.30 -0.49
N LEU B 239 -5.21 -17.68 0.69
CA LEU B 239 -6.23 -18.73 0.77
C LEU B 239 -7.57 -18.36 0.15
N ARG B 240 -7.86 -17.06 0.10
CA ARG B 240 -8.99 -16.51 -0.67
C ARG B 240 -10.33 -16.71 0.05
N GLY B 241 -10.30 -16.91 1.36
CA GLY B 241 -11.53 -17.08 2.13
C GLY B 241 -12.07 -15.79 2.64
N PRO B 242 -12.91 -15.86 3.67
CA PRO B 242 -13.41 -14.65 4.28
C PRO B 242 -12.42 -14.15 5.29
N ARG B 243 -12.74 -13.02 5.90
CA ARG B 243 -11.92 -12.50 6.99
C ARG B 243 -12.19 -13.33 8.23
N SER B 244 -11.24 -14.21 8.57
CA SER B 244 -11.32 -15.10 9.70
C SER B 244 -9.94 -15.67 9.97
N ALA B 245 -9.85 -16.50 11.01
CA ALA B 245 -8.61 -17.19 11.30
C ALA B 245 -8.81 -18.62 11.84
N LEU B 246 -7.70 -19.39 11.76
CA LEU B 246 -7.64 -20.78 12.14
C LEU B 246 -6.44 -20.99 13.04
N ILE B 247 -6.67 -21.64 14.17
CA ILE B 247 -5.61 -22.07 15.04
C ILE B 247 -5.53 -23.60 14.99
N PHE B 248 -4.38 -24.11 14.52
CA PHE B 248 -4.01 -25.53 14.56
C PHE B 248 -3.13 -25.84 15.76
N PHE B 249 -3.35 -27.01 16.37
CA PHE B 249 -2.57 -27.44 17.53
C PHE B 249 -2.19 -28.93 17.42
N ASN B 250 -0.94 -29.26 17.75
CA ASN B 250 -0.42 -30.62 17.58
C ASN B 250 -0.74 -31.43 18.85
N LYS B 251 -1.78 -32.25 18.79
CA LYS B 251 -2.19 -33.09 19.92
C LYS B 251 -1.10 -34.09 20.34
N LYS B 252 -0.49 -34.74 19.36
CA LYS B 252 0.50 -35.79 19.58
C LYS B 252 1.69 -35.28 20.39
N ARG B 253 2.24 -34.15 19.98
CA ARG B 253 3.38 -33.57 20.66
C ARG B 253 2.99 -32.96 22.00
N ASN B 254 1.75 -32.48 22.12
CA ASN B 254 1.26 -31.82 23.35
C ASN B 254 -0.16 -32.31 23.73
N PRO B 255 -0.25 -33.43 24.48
CA PRO B 255 -1.56 -33.78 25.07
C PRO B 255 -1.94 -32.68 26.06
N GLY B 256 -3.22 -32.35 26.13
CA GLY B 256 -3.70 -31.20 26.93
C GLY B 256 -3.68 -29.81 26.27
N ILE B 257 -3.15 -29.70 25.04
CA ILE B 257 -3.21 -28.44 24.27
C ILE B 257 -4.60 -28.14 23.73
N GLU B 258 -5.38 -29.17 23.39
CA GLU B 258 -6.72 -28.98 22.81
C GLU B 258 -7.64 -28.15 23.67
N GLN B 259 -7.68 -28.47 24.96
CA GLN B 259 -8.53 -27.74 25.89
C GLN B 259 -7.99 -26.32 26.14
N LYS B 260 -6.67 -26.20 26.35
CA LYS B 260 -5.98 -24.90 26.51
C LYS B 260 -6.29 -23.88 25.38
N ILE B 261 -6.16 -24.32 24.14
CA ILE B 261 -6.48 -23.49 22.99
C ILE B 261 -7.97 -23.22 22.87
N ASN B 262 -8.80 -24.24 23.07
CA ASN B 262 -10.21 -24.02 22.95
C ASN B 262 -10.75 -23.05 24.01
N SER B 263 -10.22 -23.11 25.21
CA SER B 263 -10.73 -22.29 26.30
C SER B 263 -10.20 -20.87 26.18
N ALA B 264 -9.03 -20.70 25.56
CA ALA B 264 -8.46 -19.40 25.25
C ALA B 264 -9.33 -18.64 24.26
N VAL B 265 -9.79 -19.32 23.21
CA VAL B 265 -10.69 -18.71 22.24
C VAL B 265 -12.02 -18.36 22.88
N PHE B 266 -12.66 -19.34 23.53
CA PHE B 266 -13.83 -19.10 24.37
C PHE B 266 -13.79 -19.99 25.61
N PRO B 267 -13.98 -19.46 26.82
CA PRO B 267 -14.52 -18.14 27.09
C PRO B 267 -13.48 -17.07 27.47
N SER B 268 -12.20 -17.37 27.34
CA SER B 268 -11.19 -16.42 27.79
C SER B 268 -11.27 -15.06 27.04
N PHE B 269 -11.41 -15.09 25.70
CA PHE B 269 -11.30 -13.93 24.80
C PHE B 269 -12.56 -13.57 24.06
N GLN B 270 -13.21 -14.53 23.42
CA GLN B 270 -14.40 -14.28 22.63
C GLN B 270 -15.68 -14.69 23.36
N GLY B 271 -16.81 -14.23 22.81
CA GLY B 271 -18.14 -14.70 23.14
C GLY B 271 -18.66 -15.60 22.02
N GLY B 272 -19.84 -15.26 21.51
CA GLY B 272 -20.47 -15.99 20.43
C GLY B 272 -19.65 -16.01 19.16
N PRO B 273 -19.61 -17.17 18.46
CA PRO B 273 -18.90 -17.20 17.17
C PRO B 273 -19.72 -16.54 16.10
N HIS B 274 -19.07 -16.17 15.01
CA HIS B 274 -19.79 -15.63 13.90
C HIS B 274 -19.99 -16.73 12.90
N ASN B 275 -21.19 -17.29 12.87
CA ASN B 275 -21.42 -18.51 12.08
C ASN B 275 -21.42 -18.31 10.58
N ASN B 276 -21.69 -17.07 10.14
CA ASN B 276 -21.55 -16.72 8.73
C ASN B 276 -20.09 -16.82 8.27
N LYS B 277 -19.15 -16.36 9.11
CA LYS B 277 -17.72 -16.56 8.84
C LYS B 277 -17.35 -18.04 8.71
N ILE B 278 -17.87 -18.85 9.61
CA ILE B 278 -17.52 -20.25 9.68
C ILE B 278 -18.09 -20.99 8.46
N ALA B 279 -19.34 -20.73 8.13
CA ALA B 279 -19.93 -21.15 6.86
C ALA B 279 -19.04 -20.74 5.68
N ALA B 280 -18.74 -19.44 5.55
CA ALA B 280 -17.89 -18.96 4.45
C ALA B 280 -16.55 -19.66 4.43
N VAL B 281 -15.95 -19.89 5.58
CA VAL B 281 -14.67 -20.59 5.64
C VAL B 281 -14.79 -22.04 5.17
N ALA B 282 -15.91 -22.69 5.48
CA ALA B 282 -16.16 -24.09 5.09
C ALA B 282 -16.18 -24.19 3.59
N CYS B 283 -16.94 -23.28 2.99
CA CYS B 283 -17.08 -23.13 1.57
C CYS B 283 -15.75 -22.95 0.83
N GLN B 284 -14.87 -22.12 1.39
CA GLN B 284 -13.59 -21.88 0.75
C GLN B 284 -12.65 -23.06 0.92
N LEU B 285 -12.68 -23.68 2.08
CA LEU B 285 -11.80 -24.82 2.36
C LEU B 285 -12.05 -26.00 1.42
N LYS B 286 -13.28 -26.12 0.90
CA LYS B 286 -13.59 -27.11 -0.11
C LYS B 286 -12.82 -26.80 -1.38
N GLU B 287 -12.92 -25.56 -1.87
CA GLU B 287 -12.13 -25.10 -3.01
C GLU B 287 -10.62 -25.29 -2.81
N VAL B 288 -10.10 -24.95 -1.63
CA VAL B 288 -8.66 -25.06 -1.39
C VAL B 288 -8.15 -26.46 -1.71
N HIS B 289 -8.96 -27.48 -1.41
CA HIS B 289 -8.53 -28.87 -1.65
C HIS B 289 -8.43 -29.24 -3.14
N SER B 290 -9.43 -28.86 -3.92
CA SER B 290 -9.49 -29.14 -5.36
C SER B 290 -8.18 -28.90 -6.14
N PRO B 291 -7.89 -29.76 -7.16
CA PRO B 291 -6.65 -29.57 -7.93
C PRO B 291 -6.61 -28.25 -8.73
N ALA B 292 -7.78 -27.73 -9.10
CA ALA B 292 -7.95 -26.38 -9.66
C ALA B 292 -7.30 -25.27 -8.83
N PHE B 293 -7.41 -25.37 -7.51
CA PHE B 293 -6.87 -24.36 -6.61
C PHE B 293 -5.37 -24.48 -6.52
N LYS B 294 -4.84 -25.71 -6.60
CA LYS B 294 -3.38 -25.92 -6.66
C LYS B 294 -2.82 -25.26 -7.93
N GLU B 295 -3.57 -25.33 -9.03
CA GLU B 295 -3.21 -24.65 -10.28
C GLU B 295 -3.11 -23.15 -10.00
N TYR B 296 -4.15 -22.58 -9.38
CA TYR B 296 -4.17 -21.16 -9.00
C TYR B 296 -2.94 -20.78 -8.19
N THR B 297 -2.67 -21.55 -7.14
CA THR B 297 -1.54 -21.29 -6.23
C THR B 297 -0.21 -21.34 -6.96
N GLN B 298 -0.05 -22.33 -7.84
CA GLN B 298 1.16 -22.46 -8.68
C GLN B 298 1.26 -21.23 -9.56
N GLN B 299 0.15 -20.80 -10.14
CA GLN B 299 0.14 -19.58 -10.96
C GLN B 299 0.58 -18.33 -10.19
N VAL B 300 0.18 -18.24 -8.91
CA VAL B 300 0.61 -17.13 -8.04
C VAL B 300 2.13 -17.10 -7.96
N LEU B 301 2.74 -18.28 -7.80
CA LEU B 301 4.19 -18.34 -7.70
C LEU B 301 4.86 -18.03 -9.03
N LEU B 302 4.30 -18.54 -10.12
CA LEU B 302 4.87 -18.31 -11.47
C LEU B 302 4.87 -16.81 -11.74
N ASN B 303 3.74 -16.16 -11.44
CA ASN B 303 3.58 -14.71 -11.61
C ASN B 303 4.55 -13.92 -10.77
N SER B 304 4.74 -14.35 -9.54
CA SER B 304 5.63 -13.66 -8.63
C SER B 304 7.10 -13.73 -9.08
N LYS B 305 7.53 -14.91 -9.56
CA LYS B 305 8.88 -15.13 -10.10
C LYS B 305 9.11 -14.25 -11.34
N ALA B 306 8.16 -14.31 -12.27
CA ALA B 306 8.22 -13.50 -13.48
C ALA B 306 8.27 -12.00 -13.18
N LEU B 307 7.51 -11.56 -12.17
CA LEU B 307 7.50 -10.16 -11.78
C LEU B 307 8.82 -9.75 -11.17
N ALA B 308 9.40 -10.63 -10.36
CA ALA B 308 10.71 -10.37 -9.77
C ALA B 308 11.77 -10.21 -10.85
N LYS B 309 11.73 -11.13 -11.82
CA LYS B 309 12.69 -11.17 -12.92
C LYS B 309 12.57 -9.94 -13.83
N ALA B 310 11.34 -9.51 -14.11
CA ALA B 310 11.11 -8.32 -14.93
C ALA B 310 11.59 -7.05 -14.21
N LEU B 311 11.35 -6.95 -12.92
CA LEU B 311 11.82 -5.79 -12.16
C LEU B 311 13.36 -5.72 -12.11
N ILE B 312 14.00 -6.89 -11.99
CA ILE B 312 15.45 -6.98 -11.99
C ILE B 312 15.98 -6.58 -13.36
N SER B 313 15.32 -7.06 -14.41
CA SER B 313 15.66 -6.67 -15.78
C SER B 313 15.59 -5.17 -16.05
N LYS B 314 14.76 -4.45 -15.29
CA LYS B 314 14.68 -2.97 -15.33
C LYS B 314 15.53 -2.31 -14.27
N GLN B 315 16.53 -3.02 -13.75
CA GLN B 315 17.49 -2.48 -12.80
C GLN B 315 16.85 -1.99 -11.49
N ILE B 316 15.77 -2.67 -11.07
CA ILE B 316 15.15 -2.41 -9.77
C ILE B 316 15.63 -3.51 -8.79
N ASP B 317 16.16 -3.08 -7.65
CA ASP B 317 16.60 -3.95 -6.56
C ASP B 317 15.46 -4.53 -5.68
N LEU B 318 15.53 -5.84 -5.45
CA LEU B 318 14.60 -6.58 -4.59
C LEU B 318 15.32 -7.10 -3.35
N VAL B 319 14.67 -7.03 -2.20
CA VAL B 319 15.25 -7.54 -0.95
C VAL B 319 15.37 -9.05 -1.10
N THR B 320 16.55 -9.56 -0.76
CA THR B 320 16.96 -10.96 -1.04
C THR B 320 17.13 -11.31 -2.53
N ASN B 321 17.09 -10.30 -3.40
CA ASN B 321 17.24 -10.45 -4.85
C ASN B 321 16.29 -11.41 -5.54
N GLY B 322 15.10 -11.57 -4.97
CA GLY B 322 14.14 -12.55 -5.48
C GLY B 322 13.12 -12.93 -4.44
N THR B 323 12.37 -13.96 -4.78
CA THR B 323 11.29 -14.44 -3.96
C THR B 323 11.10 -15.97 -4.09
N ASP B 324 10.68 -16.62 -3.01
CA ASP B 324 10.22 -18.02 -3.07
C ASP B 324 8.74 -18.15 -3.02
N ASN B 325 8.06 -17.01 -2.88
CA ASN B 325 6.64 -17.02 -2.66
C ASN B 325 5.93 -15.97 -3.53
N HIS B 326 4.73 -15.62 -3.10
CA HIS B 326 3.86 -14.62 -3.67
C HIS B 326 4.27 -13.13 -3.52
N LEU B 327 5.31 -12.84 -2.73
CA LEU B 327 5.62 -11.48 -2.39
C LEU B 327 7.07 -11.04 -2.67
N ILE B 328 7.18 -9.75 -2.95
CA ILE B 328 8.43 -9.09 -3.26
C ILE B 328 8.45 -7.84 -2.40
N VAL B 329 9.63 -7.47 -1.92
CA VAL B 329 9.84 -6.16 -1.33
C VAL B 329 10.83 -5.46 -2.25
N VAL B 330 10.49 -4.28 -2.76
CA VAL B 330 11.40 -3.50 -3.59
C VAL B 330 12.22 -2.57 -2.69
N ASP B 331 13.55 -2.60 -2.86
CA ASP B 331 14.47 -1.69 -2.19
C ASP B 331 14.56 -0.42 -3.05
N LEU B 332 14.15 0.71 -2.50
CA LEU B 332 14.07 1.94 -3.30
C LEU B 332 15.25 2.90 -3.12
N ARG B 333 16.29 2.50 -2.39
CA ARG B 333 17.38 3.44 -2.04
C ARG B 333 18.10 4.06 -3.24
N LYS B 334 18.31 3.30 -4.30
CA LYS B 334 19.03 3.84 -5.49
C LYS B 334 18.28 4.96 -6.26
N PHE B 335 17.00 5.17 -5.95
CA PHE B 335 16.22 6.22 -6.58
C PHE B 335 15.99 7.40 -5.66
N SER B 336 16.43 7.30 -4.40
CA SER B 336 16.30 8.36 -3.40
C SER B 336 14.85 8.80 -3.15
N ILE B 337 13.92 7.87 -3.25
CA ILE B 337 12.52 8.12 -2.91
C ILE B 337 12.10 7.19 -1.78
N THR B 338 11.16 7.63 -0.97
CA THR B 338 10.62 6.79 0.12
C THR B 338 9.52 5.91 -0.44
N GLY B 339 9.19 4.88 0.33
CA GLY B 339 8.06 4.03 0.04
C GLY B 339 6.75 4.77 0.07
N SER B 340 6.57 5.66 1.05
CA SER B 340 5.32 6.45 1.14
C SER B 340 5.11 7.33 -0.09
N LYS B 341 6.18 7.86 -0.67
CA LYS B 341 6.06 8.65 -1.91
C LYS B 341 5.55 7.82 -3.09
N LEU B 342 6.11 6.62 -3.26
CA LEU B 342 5.73 5.72 -4.35
C LEU B 342 4.33 5.13 -4.13
N GLN B 343 3.98 4.88 -2.86
CA GLN B 343 2.61 4.49 -2.53
C GLN B 343 1.61 5.61 -2.97
N GLU B 344 1.96 6.87 -2.71
CA GLU B 344 1.11 8.00 -3.15
C GLU B 344 1.01 8.08 -4.67
N THR B 345 2.17 8.02 -5.34
CA THR B 345 2.19 7.98 -6.80
C THR B 345 1.37 6.84 -7.40
N CYS B 346 1.49 5.65 -6.81
CA CYS B 346 0.76 4.46 -7.26
C CYS B 346 -0.74 4.56 -6.96
N ASN B 347 -1.10 5.10 -5.79
CA ASN B 347 -2.52 5.39 -5.54
C ASN B 347 -3.10 6.26 -6.68
N ALA B 348 -2.38 7.30 -7.10
CA ALA B 348 -2.86 8.20 -8.16
C ALA B 348 -3.02 7.53 -9.55
N ILE B 349 -2.40 6.36 -9.75
CA ILE B 349 -2.61 5.61 -10.99
C ILE B 349 -3.38 4.33 -10.80
N ASN B 350 -4.15 4.25 -9.72
CA ASN B 350 -4.89 3.05 -9.35
C ASN B 350 -4.01 1.78 -9.25
N VAL B 351 -2.85 1.93 -8.64
CA VAL B 351 -1.98 0.80 -8.33
C VAL B 351 -1.97 0.70 -6.80
N SER B 352 -2.42 -0.43 -6.29
CA SER B 352 -2.45 -0.61 -4.83
C SER B 352 -1.23 -1.37 -4.38
N LEU B 353 -0.43 -0.73 -3.55
CA LEU B 353 0.67 -1.41 -2.87
C LEU B 353 0.92 -0.68 -1.58
N ASN B 354 1.80 -1.21 -0.73
CA ASN B 354 2.09 -0.58 0.52
C ASN B 354 3.57 -0.36 0.68
N LYS B 355 3.89 0.71 1.39
CA LYS B 355 5.22 0.98 1.87
C LYS B 355 5.62 -0.10 2.86
N ASN B 356 6.92 -0.35 2.94
CA ASN B 356 7.42 -1.48 3.68
C ASN B 356 8.87 -1.28 4.01
N THR B 357 9.25 -1.52 5.26
CA THR B 357 10.65 -1.46 5.67
C THR B 357 11.56 -2.42 4.86
N ILE B 358 12.85 -2.09 4.86
CA ILE B 358 13.88 -2.95 4.32
C ILE B 358 14.96 -3.10 5.40
N PRO B 359 15.90 -4.06 5.23
CA PRO B 359 16.90 -4.32 6.28
C PRO B 359 17.66 -3.10 6.76
N SER B 360 18.06 -2.22 5.85
CA SER B 360 18.80 -1.02 6.21
C SER B 360 17.98 -0.06 7.12
N ASP B 361 16.65 -0.08 7.03
CA ASP B 361 15.83 0.79 7.90
C ASP B 361 15.93 0.34 9.35
N VAL B 362 16.48 1.21 10.19
CA VAL B 362 16.55 0.97 11.65
C VAL B 362 15.15 1.13 12.28
N ASP B 363 14.38 2.07 11.72
CA ASP B 363 13.06 2.46 12.22
C ASP B 363 11.96 2.04 11.24
N CYS B 364 10.70 2.11 11.70
CA CYS B 364 9.50 2.07 10.82
C CYS B 364 9.00 3.49 10.40
N VAL B 365 9.81 4.52 10.63
CA VAL B 365 9.41 5.92 10.51
C VAL B 365 9.41 6.35 9.04
N SER B 366 10.51 6.03 8.36
CA SER B 366 10.62 6.18 6.90
C SER B 366 10.99 4.83 6.24
N PRO B 367 9.97 4.03 5.84
CA PRO B 367 10.30 2.79 5.12
C PRO B 367 10.81 3.05 3.71
N SER B 368 11.91 2.39 3.35
CA SER B 368 12.60 2.63 2.11
C SER B 368 12.21 1.62 1.02
N GLY B 369 11.07 0.94 1.17
CA GLY B 369 10.60 0.05 0.12
C GLY B 369 9.12 0.02 -0.03
N VAL B 370 8.68 -0.78 -0.98
CA VAL B 370 7.30 -1.10 -1.12
C VAL B 370 7.20 -2.62 -1.22
N ARG B 371 6.09 -3.17 -0.76
CA ARG B 371 5.80 -4.54 -0.91
C ARG B 371 4.67 -4.72 -1.94
N ILE B 372 4.89 -5.68 -2.83
CA ILE B 372 3.93 -6.08 -3.82
C ILE B 372 3.73 -7.61 -3.75
N GLY B 373 2.58 -8.08 -4.21
CA GLY B 373 2.34 -9.50 -4.30
C GLY B 373 1.35 -9.81 -5.41
N THR B 374 1.37 -11.04 -5.88
CA THR B 374 0.54 -11.47 -7.01
C THR B 374 -0.82 -12.14 -6.79
N PRO B 375 -1.22 -12.45 -5.52
CA PRO B 375 -2.47 -13.24 -5.40
C PRO B 375 -3.73 -12.61 -5.97
N ALA B 376 -4.02 -11.36 -5.62
CA ALA B 376 -5.19 -10.67 -6.19
C ALA B 376 -5.21 -10.70 -7.75
N MET B 377 -4.11 -10.30 -8.38
CA MET B 377 -4.03 -10.21 -9.85
C MET B 377 -3.98 -11.57 -10.52
N THR B 378 -3.45 -12.55 -9.80
CA THR B 378 -3.52 -13.93 -10.26
C THR B 378 -4.95 -14.41 -10.23
N THR B 379 -5.71 -13.99 -9.22
CA THR B 379 -7.13 -14.32 -9.14
C THR B 379 -7.89 -13.71 -10.31
N ARG B 380 -7.53 -12.49 -10.71
CA ARG B 380 -8.20 -11.80 -11.80
C ARG B 380 -7.80 -12.25 -13.23
N GLY B 381 -6.87 -13.19 -13.35
CA GLY B 381 -6.60 -13.88 -14.63
C GLY B 381 -5.27 -13.56 -15.30
N ALA B 382 -4.44 -12.74 -14.65
CA ALA B 382 -3.13 -12.37 -15.16
C ALA B 382 -2.17 -13.58 -15.17
N LYS B 383 -1.43 -13.73 -16.27
CA LYS B 383 -0.43 -14.78 -16.43
C LYS B 383 0.96 -14.17 -16.45
N GLU B 384 1.98 -15.01 -16.61
CA GLU B 384 3.38 -14.56 -16.56
C GLU B 384 3.73 -13.41 -17.50
N LYS B 385 3.17 -13.45 -18.71
CA LYS B 385 3.42 -12.43 -19.76
C LYS B 385 2.90 -11.05 -19.35
N ASP B 386 1.83 -11.02 -18.55
CA ASP B 386 1.25 -9.76 -18.02
C ASP B 386 2.08 -9.08 -16.94
N MET B 387 3.03 -9.80 -16.36
CA MET B 387 3.88 -9.27 -15.32
C MET B 387 4.86 -8.23 -15.86
N GLU B 388 5.22 -8.31 -17.14
CA GLU B 388 6.09 -7.29 -17.76
C GLU B 388 5.40 -5.93 -17.76
N PHE B 389 4.13 -5.91 -18.17
CA PHE B 389 3.32 -4.71 -18.06
C PHE B 389 3.26 -4.15 -16.64
N ILE B 390 3.09 -5.01 -15.64
CA ILE B 390 3.02 -4.54 -14.25
C ILE B 390 4.38 -3.99 -13.83
N ALA B 391 5.45 -4.71 -14.16
CA ALA B 391 6.79 -4.19 -13.97
C ALA B 391 7.04 -2.87 -14.70
N ASP B 392 6.60 -2.76 -15.98
CA ASP B 392 6.65 -1.47 -16.74
C ASP B 392 5.93 -0.31 -16.00
N VAL B 393 4.71 -0.54 -15.55
CA VAL B 393 3.92 0.49 -14.84
C VAL B 393 4.60 0.94 -13.55
N LEU B 394 5.15 -0.01 -12.80
CA LEU B 394 5.86 0.34 -11.56
C LEU B 394 7.17 1.08 -11.79
N ALA B 395 7.89 0.73 -12.85
CA ALA B 395 9.10 1.46 -13.24
C ALA B 395 8.80 2.92 -13.63
N ARG B 396 7.72 3.10 -14.41
CA ARG B 396 7.27 4.45 -14.82
C ARG B 396 6.86 5.27 -13.58
N ALA B 397 6.22 4.61 -12.60
CA ALA B 397 5.83 5.28 -11.34
C ALA B 397 7.02 5.74 -10.53
N ILE B 398 8.06 4.94 -10.53
CA ILE B 398 9.29 5.28 -9.83
C ILE B 398 9.92 6.51 -10.48
N LYS B 399 9.97 6.52 -11.82
CA LYS B 399 10.56 7.66 -12.53
C LYS B 399 9.75 8.97 -12.28
N ILE B 400 8.43 8.88 -12.44
CA ILE B 400 7.55 10.02 -12.16
C ILE B 400 7.72 10.51 -10.74
N THR B 401 7.88 9.57 -9.80
CA THR B 401 8.08 9.90 -8.40
C THR B 401 9.40 10.64 -8.23
N VAL B 402 10.41 10.23 -8.99
CA VAL B 402 11.72 10.91 -8.93
C VAL B 402 11.60 12.34 -9.53
N ASP B 403 10.90 12.45 -10.67
CA ASP B 403 10.62 13.75 -11.32
C ASP B 403 9.88 14.71 -10.38
N LEU B 404 8.80 14.22 -9.77
CA LEU B 404 8.01 15.02 -8.85
C LEU B 404 8.79 15.47 -7.61
N GLN B 405 9.64 14.60 -7.08
CA GLN B 405 10.49 14.96 -5.95
C GLN B 405 11.50 16.05 -6.34
N GLU B 406 12.08 15.89 -7.53
CA GLU B 406 12.95 16.90 -8.14
C GLU B 406 12.25 18.28 -8.16
N GLN B 407 11.03 18.31 -8.66
CA GLN B 407 10.31 19.56 -8.92
C GLN B 407 9.76 20.21 -7.64
N TYR B 408 9.19 19.41 -6.74
CA TYR B 408 8.52 19.93 -5.53
C TYR B 408 9.24 19.68 -4.20
N GLY B 409 10.29 18.85 -4.17
CA GLY B 409 11.06 18.60 -2.93
C GLY B 409 10.77 17.31 -2.18
N LYS B 410 11.64 17.01 -1.21
CA LYS B 410 11.62 15.74 -0.47
C LYS B 410 10.59 15.66 0.66
N LYS B 411 10.05 16.80 1.09
CA LYS B 411 8.99 16.82 2.10
C LYS B 411 7.72 16.22 1.48
N LEU B 412 7.06 15.31 2.21
CA LEU B 412 5.89 14.59 1.69
C LEU B 412 4.74 15.54 1.38
N VAL B 413 4.51 16.51 2.26
CA VAL B 413 3.42 17.50 2.07
C VAL B 413 3.66 18.27 0.77
N ASP B 414 4.90 18.74 0.57
CA ASP B 414 5.31 19.38 -0.68
C ASP B 414 5.20 18.43 -1.90
N PHE B 415 5.62 17.17 -1.74
CA PHE B 415 5.58 16.18 -2.84
C PHE B 415 4.19 15.97 -3.42
N LYS B 416 3.21 15.74 -2.54
CA LYS B 416 1.84 15.40 -2.95
C LYS B 416 1.15 16.53 -3.73
N LYS B 417 1.59 17.78 -3.52
CA LYS B 417 1.11 18.94 -4.29
C LYS B 417 1.34 18.76 -5.79
N GLY B 418 2.39 18.03 -6.15
CA GLY B 418 2.66 17.70 -7.55
C GLY B 418 1.70 16.73 -8.23
N LEU B 419 1.03 15.90 -7.44
CA LEU B 419 0.26 14.76 -7.96
C LEU B 419 -1.02 15.07 -8.72
N PRO B 420 -1.89 15.94 -8.16
CA PRO B 420 -3.15 16.17 -8.86
C PRO B 420 -2.94 16.93 -10.19
N GLY B 421 -3.61 16.44 -11.23
CA GLY B 421 -3.49 17.00 -12.57
C GLY B 421 -2.24 16.67 -13.37
N ASN B 422 -1.25 15.97 -12.79
CA ASN B 422 -0.01 15.63 -13.50
C ASN B 422 -0.40 14.84 -14.76
N ALA B 423 -0.02 15.41 -15.91
CA ALA B 423 -0.40 14.87 -17.22
C ALA B 423 0.01 13.40 -17.41
N GLN B 424 1.21 13.05 -16.95
CA GLN B 424 1.74 11.69 -17.15
C GLN B 424 0.99 10.67 -16.28
N LEU B 425 0.67 11.06 -15.05
CA LEU B 425 -0.12 10.23 -14.14
C LEU B 425 -1.52 9.95 -14.69
N GLN B 426 -2.21 11.01 -15.16
CA GLN B 426 -3.55 10.84 -15.77
C GLN B 426 -3.43 9.90 -16.96
N GLN B 427 -2.33 10.03 -17.70
CA GLN B 427 -2.03 9.12 -18.81
C GLN B 427 -1.80 7.70 -18.29
N LEU B 428 -0.99 7.57 -17.25
CA LEU B 428 -0.66 6.26 -16.73
C LEU B 428 -1.88 5.62 -16.05
N LYS B 429 -2.59 6.37 -15.23
CA LYS B 429 -3.88 5.90 -14.67
C LYS B 429 -4.81 5.30 -15.74
N GLN B 430 -4.98 6.01 -16.85
CA GLN B 430 -5.86 5.58 -17.95
C GLN B 430 -5.42 4.25 -18.55
N GLU B 431 -4.10 4.04 -18.69
CA GLU B 431 -3.55 2.75 -19.14
C GLU B 431 -3.87 1.64 -18.14
N VAL B 432 -3.73 1.94 -16.85
CA VAL B 432 -4.05 0.99 -15.77
C VAL B 432 -5.54 0.62 -15.80
N VAL B 433 -6.38 1.66 -15.76
CA VAL B 433 -7.83 1.47 -15.75
C VAL B 433 -8.27 0.60 -16.93
N THR B 434 -7.73 0.84 -18.14
CA THR B 434 -8.16 0.14 -19.35
C THR B 434 -7.79 -1.34 -19.28
N TRP B 435 -6.58 -1.63 -18.79
CA TRP B 435 -6.16 -3.03 -18.64
C TRP B 435 -6.87 -3.76 -17.47
N ALA B 436 -6.91 -3.13 -16.29
CA ALA B 436 -7.52 -3.74 -15.08
C ALA B 436 -9.04 -3.92 -15.20
N GLY B 437 -9.70 -2.86 -15.70
CA GLY B 437 -11.16 -2.85 -15.93
C GLY B 437 -11.69 -4.03 -16.71
N ALA B 438 -10.90 -4.52 -17.66
CA ALA B 438 -11.27 -5.63 -18.55
C ALA B 438 -11.16 -7.01 -17.90
N LEU B 439 -10.17 -7.19 -17.03
CA LEU B 439 -9.89 -8.49 -16.42
C LEU B 439 -11.07 -9.16 -15.69
N PRO B 440 -11.14 -10.51 -15.72
CA PRO B 440 -12.15 -11.22 -14.94
C PRO B 440 -12.20 -10.77 -13.47
N PHE B 441 -13.43 -10.60 -12.96
CA PHE B 441 -13.69 -10.01 -11.65
C PHE B 441 -14.78 -10.84 -10.97
N PRO B 442 -14.45 -11.50 -9.83
CA PRO B 442 -15.48 -12.23 -9.10
C PRO B 442 -16.38 -11.28 -8.32
N MET C 1 55.96 44.77 -49.90
CA MET C 1 54.93 44.99 -50.96
C MET C 1 53.54 44.48 -50.53
N PHE C 2 52.97 45.13 -49.51
CA PHE C 2 51.66 44.76 -48.94
C PHE C 2 50.91 45.98 -48.39
N ASN C 3 49.59 45.85 -48.25
CA ASN C 3 48.74 46.87 -47.61
C ASN C 3 48.52 46.59 -46.12
N ASN C 4 49.05 47.46 -45.25
CA ASN C 4 48.86 47.31 -43.80
C ASN C 4 47.90 48.35 -43.16
N GLU C 5 47.02 48.95 -43.97
CA GLU C 5 45.91 49.77 -43.45
C GLU C 5 44.98 48.90 -42.56
N PRO C 6 44.50 49.45 -41.41
CA PRO C 6 43.52 48.73 -40.58
C PRO C 6 42.28 48.25 -41.34
N LEU C 7 41.61 47.24 -40.76
CA LEU C 7 40.41 46.63 -41.35
C LEU C 7 39.32 47.65 -41.73
N GLU C 8 39.09 48.64 -40.85
CA GLU C 8 38.10 49.70 -41.10
C GLU C 8 38.40 50.52 -42.36
N GLN C 9 39.69 50.81 -42.58
CA GLN C 9 40.12 51.55 -43.76
C GLN C 9 40.13 50.65 -44.99
N ILE C 10 40.86 49.54 -44.90
CA ILE C 10 41.03 48.62 -46.06
C ILE C 10 39.73 48.04 -46.60
N ASP C 11 38.78 47.72 -45.71
CA ASP C 11 37.50 47.13 -46.13
C ASP C 11 36.36 47.63 -45.25
N LYS C 12 35.82 48.80 -45.61
CA LYS C 12 34.75 49.43 -44.83
C LYS C 12 33.44 48.65 -44.94
N GLU C 13 33.13 48.14 -46.14
CA GLU C 13 31.91 47.32 -46.32
C GLU C 13 31.85 46.16 -45.32
N LEU C 14 32.94 45.38 -45.24
CA LEU C 14 33.01 44.20 -44.36
C LEU C 14 33.00 44.57 -42.88
N HIS C 15 33.72 45.63 -42.53
CA HIS C 15 33.86 46.05 -41.14
C HIS C 15 32.52 46.48 -40.50
N ASP C 16 31.60 46.98 -41.32
CA ASP C 16 30.27 47.39 -40.85
C ASP C 16 29.35 46.21 -40.57
N ILE C 17 29.43 45.17 -41.41
CA ILE C 17 28.67 43.92 -41.19
C ILE C 17 29.17 43.25 -39.90
N LEU C 18 30.49 43.25 -39.71
CA LEU C 18 31.11 42.68 -38.50
C LEU C 18 30.77 43.47 -37.26
N ALA C 19 30.73 44.80 -37.34
CA ALA C 19 30.32 45.61 -36.18
C ALA C 19 28.83 45.35 -35.88
N ASP C 20 28.05 45.12 -36.93
CA ASP C 20 26.65 44.71 -36.78
C ASP C 20 26.49 43.33 -36.13
N GLU C 21 27.29 42.37 -36.58
CA GLU C 21 27.27 41.01 -36.00
C GLU C 21 27.53 41.09 -34.52
N GLU C 22 28.54 41.87 -34.14
CA GLU C 22 28.94 42.07 -32.74
C GLU C 22 27.83 42.70 -31.89
N LYS C 23 27.10 43.64 -32.47
CA LYS C 23 25.99 44.28 -31.80
C LYS C 23 24.83 43.27 -31.60
N ARG C 24 24.49 42.51 -32.63
CA ARG C 24 23.47 41.48 -32.49
C ARG C 24 23.84 40.44 -31.37
N GLN C 25 25.09 40.02 -31.30
CA GLN C 25 25.52 39.08 -30.25
C GLN C 25 25.36 39.65 -28.83
N ARG C 26 25.74 40.91 -28.69
CA ARG C 26 25.68 41.63 -27.43
C ARG C 26 24.25 41.85 -26.94
N GLU C 27 23.28 41.85 -27.86
CA GLU C 27 21.91 42.24 -27.54
C GLU C 27 20.95 41.07 -27.72
N THR C 28 21.46 39.84 -27.61
CA THR C 28 20.69 38.62 -27.89
C THR C 28 20.73 37.74 -26.65
N ILE C 29 19.60 37.10 -26.33
CA ILE C 29 19.59 36.01 -25.36
C ILE C 29 19.91 34.74 -26.16
N ASN C 30 21.17 34.31 -26.09
CA ASN C 30 21.66 33.20 -26.88
C ASN C 30 21.44 31.91 -26.09
N LEU C 31 20.44 31.14 -26.52
CA LEU C 31 20.19 29.83 -25.92
C LEU C 31 20.59 28.69 -26.85
N ILE C 32 21.52 28.92 -27.79
CA ILE C 32 22.04 27.80 -28.62
C ILE C 32 22.98 26.98 -27.74
N ALA C 33 22.67 25.69 -27.60
CA ALA C 33 23.34 24.85 -26.60
C ALA C 33 24.81 24.62 -26.94
N SER C 34 25.11 24.69 -28.23
CA SER C 34 26.46 24.49 -28.78
C SER C 34 27.29 25.75 -28.95
N GLU C 35 26.79 26.91 -28.48
CA GLU C 35 27.51 28.18 -28.66
C GLU C 35 28.03 28.70 -27.37
N ASN C 36 29.02 29.58 -27.46
CA ASN C 36 29.64 30.22 -26.32
C ASN C 36 30.26 31.53 -26.78
N LEU C 37 30.97 32.20 -25.89
CA LEU C 37 31.70 33.40 -26.29
C LEU C 37 33.14 33.25 -25.84
N THR C 38 34.07 33.32 -26.79
CA THR C 38 35.50 33.21 -26.51
C THR C 38 36.03 34.48 -25.92
N ASN C 39 36.99 34.39 -25.01
CA ASN C 39 37.63 35.59 -24.43
C ASN C 39 38.63 36.21 -25.40
N GLY C 40 39.11 37.39 -25.04
CA GLY C 40 40.02 38.16 -25.87
C GLY C 40 41.34 37.48 -26.13
N ALA C 41 41.85 36.73 -25.14
CA ALA C 41 43.12 36.00 -25.30
C ALA C 41 43.04 34.90 -26.36
N VAL C 42 41.95 34.14 -26.34
CA VAL C 42 41.69 33.10 -27.35
C VAL C 42 41.63 33.71 -28.76
N ARG C 43 40.99 34.87 -28.87
CA ARG C 43 40.95 35.59 -30.16
C ARG C 43 42.26 36.27 -30.62
N GLU C 44 43.13 36.67 -29.68
CA GLU C 44 44.50 37.08 -30.01
C GLU C 44 45.30 35.93 -30.63
N CYS C 45 45.11 34.71 -30.15
CA CYS C 45 45.73 33.52 -30.75
C CYS C 45 45.27 33.25 -32.15
N LEU C 46 43.95 33.26 -32.35
CA LEU C 46 43.36 33.01 -33.67
C LEU C 46 43.85 34.00 -34.71
N GLY C 47 44.06 35.25 -34.31
CA GLY C 47 44.70 36.24 -35.18
C GLY C 47 46.23 36.29 -35.18
N ASN C 48 46.92 35.28 -34.64
CA ASN C 48 48.39 35.33 -34.53
C ASN C 48 49.09 34.89 -35.81
N ARG C 49 50.22 35.52 -36.16
CA ARG C 49 51.04 35.14 -37.34
C ARG C 49 51.55 33.70 -37.39
N VAL C 50 51.39 32.97 -36.31
CA VAL C 50 51.65 31.52 -36.32
C VAL C 50 50.87 30.75 -37.40
N SER C 51 49.71 31.24 -37.86
CA SER C 51 49.00 30.65 -39.03
C SER C 51 49.75 30.77 -40.38
N ASN C 52 50.80 31.58 -40.42
CA ASN C 52 51.68 31.60 -41.61
C ASN C 52 52.50 30.30 -41.84
N LYS C 53 52.62 29.44 -40.84
CA LYS C 53 53.55 28.35 -40.90
C LYS C 53 52.94 27.06 -41.38
N TYR C 54 53.55 26.48 -42.43
CA TYR C 54 53.27 25.09 -42.86
C TYR C 54 54.05 24.10 -41.98
N SER C 55 53.36 23.20 -41.32
CA SER C 55 53.99 22.24 -40.43
C SER C 55 53.36 20.87 -40.52
N GLU C 56 53.23 20.36 -41.75
CA GLU C 56 52.69 19.03 -41.98
C GLU C 56 53.48 17.98 -41.24
N GLY C 57 52.76 17.08 -40.59
CA GLY C 57 53.39 16.03 -39.82
C GLY C 57 53.06 16.20 -38.35
N TYR C 58 53.92 15.63 -37.52
CA TYR C 58 53.80 15.73 -36.05
C TYR C 58 55.06 16.32 -35.43
N PRO C 59 54.99 16.77 -34.15
CA PRO C 59 56.17 17.36 -33.50
C PRO C 59 57.39 16.42 -33.50
N LYS C 60 58.57 16.98 -33.74
CA LYS C 60 59.82 16.20 -33.89
C LYS C 60 59.84 15.17 -35.05
N LYS C 61 58.79 15.13 -35.87
CA LYS C 61 58.73 14.30 -37.10
C LYS C 61 58.05 15.12 -38.21
N ARG C 62 58.52 16.34 -38.37
CA ARG C 62 57.95 17.30 -39.31
C ARG C 62 58.56 17.02 -40.65
N TYR C 63 57.89 17.47 -41.71
CA TYR C 63 58.45 17.40 -43.05
C TYR C 63 59.42 18.53 -43.26
N TYR C 64 59.11 19.70 -42.67
CA TYR C 64 59.92 20.92 -42.85
C TYR C 64 60.67 21.31 -41.59
N GLY C 65 61.66 22.18 -41.74
CA GLY C 65 62.31 22.84 -40.59
C GLY C 65 61.57 24.11 -40.21
N GLY C 66 62.21 24.90 -39.36
CA GLY C 66 61.63 26.16 -38.91
C GLY C 66 60.47 25.96 -37.95
N ASN C 67 60.34 24.74 -37.42
CA ASN C 67 59.19 24.29 -36.64
C ASN C 67 59.50 24.10 -35.13
N ASP C 68 60.52 24.80 -34.64
CA ASP C 68 60.93 24.69 -33.24
C ASP C 68 59.83 25.26 -32.33
N PHE C 69 59.37 26.46 -32.65
CA PHE C 69 58.36 27.10 -31.82
C PHE C 69 56.97 26.51 -32.03
N ILE C 70 56.64 26.15 -33.28
CA ILE C 70 55.39 25.39 -33.59
C ILE C 70 55.32 24.06 -32.83
N ASP C 71 56.44 23.34 -32.78
CA ASP C 71 56.55 22.09 -32.01
C ASP C 71 56.30 22.29 -30.52
N LYS C 72 56.78 23.38 -29.96
CA LYS C 72 56.54 23.63 -28.53
C LYS C 72 55.05 23.87 -28.29
N ILE C 73 54.45 24.78 -29.08
CA ILE C 73 53.01 25.05 -29.02
C ILE C 73 52.19 23.77 -29.16
N GLU C 74 52.46 22.95 -30.18
CA GLU C 74 51.68 21.71 -30.38
C GLU C 74 51.86 20.73 -29.21
N GLU C 75 53.07 20.64 -28.67
CA GLU C 75 53.36 19.73 -27.50
C GLU C 75 52.74 20.32 -26.22
N LEU C 76 52.79 21.63 -26.09
CA LEU C 76 52.08 22.31 -24.99
C LEU C 76 50.55 22.07 -25.03
N CYS C 77 49.97 21.98 -26.24
CA CYS C 77 48.52 21.77 -26.39
C CYS C 77 48.11 20.37 -25.96
N GLN C 78 48.88 19.37 -26.38
CA GLN C 78 48.57 17.95 -26.07
C GLN C 78 48.68 17.67 -24.55
N LYS C 79 49.77 18.16 -23.96
CA LYS C 79 49.99 18.09 -22.52
C LYS C 79 48.81 18.69 -21.75
N ARG C 80 48.51 19.96 -22.01
CA ARG C 80 47.39 20.65 -21.36
C ARG C 80 46.03 19.98 -21.61
N ALA C 81 45.86 19.29 -22.74
CA ALA C 81 44.63 18.54 -23.03
C ALA C 81 44.46 17.31 -22.16
N LEU C 82 45.56 16.60 -21.97
CA LEU C 82 45.56 15.39 -21.16
C LEU C 82 45.45 15.73 -19.65
N GLU C 83 46.04 16.85 -19.24
CA GLU C 83 45.88 17.37 -17.87
C GLU C 83 44.46 17.87 -17.58
N ALA C 84 43.84 18.55 -18.54
CA ALA C 84 42.48 19.06 -18.35
C ALA C 84 41.48 17.94 -18.17
N PHE C 85 41.63 16.87 -18.96
CA PHE C 85 40.71 15.73 -18.92
C PHE C 85 41.17 14.57 -18.03
N ASN C 86 42.10 14.82 -17.09
CA ASN C 86 42.38 13.90 -15.99
C ASN C 86 42.83 12.52 -16.44
N VAL C 87 43.79 12.49 -17.36
CA VAL C 87 44.33 11.24 -17.90
C VAL C 87 45.86 11.33 -17.91
N SER C 88 46.51 10.17 -17.83
CA SER C 88 47.97 10.11 -17.80
C SER C 88 48.48 10.03 -19.22
N ASP C 89 49.46 10.85 -19.58
CA ASP C 89 50.11 10.74 -20.90
C ASP C 89 50.76 9.37 -21.16
N GLU C 90 50.94 8.59 -20.09
CA GLU C 90 51.35 7.19 -20.18
C GLU C 90 50.20 6.33 -20.73
N GLU C 91 48.98 6.53 -20.22
CA GLU C 91 47.82 5.72 -20.62
C GLU C 91 47.02 6.27 -21.86
N TRP C 92 47.11 7.57 -22.10
CA TRP C 92 46.29 8.23 -23.14
C TRP C 92 47.12 9.13 -24.03
N GLY C 93 46.80 9.13 -25.32
CA GLY C 93 47.27 10.18 -26.23
C GLY C 93 46.15 11.04 -26.82
N VAL C 94 46.55 12.20 -27.33
CA VAL C 94 45.65 13.16 -27.91
C VAL C 94 46.20 13.69 -29.24
N ASN C 95 45.37 13.72 -30.28
CA ASN C 95 45.69 14.48 -31.52
C ASN C 95 44.97 15.85 -31.51
N VAL C 96 45.71 16.92 -31.76
CA VAL C 96 45.21 18.31 -31.67
C VAL C 96 45.05 19.02 -33.05
N GLN C 97 45.24 18.28 -34.14
CA GLN C 97 45.19 18.87 -35.48
C GLN C 97 43.81 18.95 -36.15
N PRO C 98 42.84 18.07 -35.77
CA PRO C 98 41.54 18.17 -36.47
C PRO C 98 40.98 19.58 -36.48
N LEU C 99 40.50 19.98 -37.64
CA LEU C 99 40.07 21.36 -37.84
C LEU C 99 38.71 21.65 -37.22
N SER C 100 37.88 20.63 -37.03
CA SER C 100 36.57 20.80 -36.38
C SER C 100 35.98 19.45 -35.96
N GLY C 101 34.87 19.48 -35.25
CA GLY C 101 34.30 18.25 -34.69
C GLY C 101 33.96 17.15 -35.67
N SER C 102 33.35 17.53 -36.80
CA SER C 102 32.97 16.56 -37.81
C SER C 102 34.20 15.89 -38.47
N ALA C 103 35.24 16.66 -38.76
CA ALA C 103 36.50 16.09 -39.27
C ALA C 103 37.10 15.09 -38.27
N ALA C 104 37.17 15.49 -37.00
CA ALA C 104 37.65 14.65 -35.92
C ALA C 104 36.97 13.32 -35.84
N ASN C 105 35.65 13.29 -35.96
CA ASN C 105 34.90 12.04 -35.93
C ASN C 105 35.11 11.15 -37.16
N VAL C 106 35.12 11.73 -38.35
CA VAL C 106 35.35 10.95 -39.58
C VAL C 106 36.75 10.33 -39.60
N GLN C 107 37.74 11.12 -39.20
CA GLN C 107 39.12 10.69 -39.06
C GLN C 107 39.21 9.58 -38.01
N ALA C 108 38.76 9.86 -36.79
CA ALA C 108 38.78 8.85 -35.74
C ALA C 108 38.07 7.54 -36.14
N LEU C 109 36.92 7.65 -36.80
CA LEU C 109 36.16 6.46 -37.22
C LEU C 109 36.91 5.66 -38.28
N TYR C 110 37.48 6.35 -39.25
CA TYR C 110 38.29 5.72 -40.28
C TYR C 110 39.48 4.91 -39.71
N ALA C 111 40.22 5.54 -38.78
CA ALA C 111 41.31 4.89 -38.05
C ALA C 111 40.93 3.54 -37.45
N LEU C 112 39.77 3.50 -36.77
CA LEU C 112 39.29 2.30 -36.10
C LEU C 112 38.77 1.22 -37.04
N VAL C 113 38.03 1.60 -38.07
CA VAL C 113 37.29 0.64 -38.89
C VAL C 113 37.59 0.63 -40.38
N GLY C 114 38.04 1.76 -40.93
CA GLY C 114 38.36 1.84 -42.35
C GLY C 114 37.13 1.87 -43.24
N VAL C 115 37.37 1.97 -44.54
CA VAL C 115 36.30 2.05 -45.53
C VAL C 115 35.55 0.72 -45.53
N LYS C 116 34.23 0.82 -45.74
CA LYS C 116 33.28 -0.28 -45.56
C LYS C 116 33.09 -0.71 -44.10
N GLY C 117 33.78 -0.09 -43.14
CA GLY C 117 33.71 -0.50 -41.74
C GLY C 117 32.32 -0.31 -41.13
N LYS C 118 32.03 -1.12 -40.12
CA LYS C 118 30.71 -1.17 -39.49
C LYS C 118 30.67 -0.31 -38.24
N ILE C 119 29.70 0.60 -38.16
CA ILE C 119 29.54 1.52 -37.02
C ILE C 119 28.10 1.60 -36.54
N MET C 120 27.93 1.89 -35.25
CA MET C 120 26.62 2.11 -34.66
C MET C 120 26.63 3.45 -33.94
N GLY C 121 25.61 4.26 -34.18
CA GLY C 121 25.46 5.55 -33.48
C GLY C 121 24.01 5.89 -33.24
N MET C 122 23.75 6.89 -32.39
CA MET C 122 22.39 7.36 -32.17
C MET C 122 21.87 8.09 -33.40
N HIS C 123 20.60 7.86 -33.72
CA HIS C 123 19.95 8.54 -34.83
C HIS C 123 19.91 10.07 -34.60
N LEU C 124 19.94 10.84 -35.68
CA LEU C 124 19.87 12.31 -35.62
C LEU C 124 18.62 12.79 -34.90
N CYS C 125 17.47 12.31 -35.37
CA CYS C 125 16.12 12.46 -34.75
C CYS C 125 15.99 12.09 -33.26
N SER C 126 16.87 11.21 -32.76
CA SER C 126 16.91 10.86 -31.35
C SER C 126 17.96 11.61 -30.57
N GLY C 127 18.71 12.51 -31.22
CA GLY C 127 19.69 13.33 -30.53
C GLY C 127 21.14 13.04 -30.85
N GLY C 128 21.39 12.10 -31.77
CA GLY C 128 22.71 11.85 -32.32
C GLY C 128 23.20 12.94 -33.28
N HIS C 129 24.50 12.92 -33.56
CA HIS C 129 25.10 13.79 -34.56
C HIS C 129 25.11 13.15 -35.94
N LEU C 130 25.23 14.03 -36.94
CA LEU C 130 25.39 13.66 -38.37
C LEU C 130 26.58 12.72 -38.62
N THR C 131 27.70 13.00 -37.95
CA THR C 131 28.92 12.18 -38.02
C THR C 131 28.87 10.86 -37.27
N HIS C 132 27.71 10.50 -36.69
CA HIS C 132 27.49 9.22 -36.09
C HIS C 132 26.75 8.26 -37.00
N GLY C 133 26.90 8.40 -38.30
CA GLY C 133 26.33 7.46 -39.23
C GLY C 133 25.00 7.84 -39.83
N PHE C 134 24.61 9.11 -39.75
CA PHE C 134 23.30 9.50 -40.22
C PHE C 134 23.06 9.23 -41.69
N PHE C 135 21.94 8.55 -41.96
CA PHE C 135 21.38 8.45 -43.30
C PHE C 135 19.87 8.51 -43.21
N ASP C 136 19.24 8.55 -44.37
CA ASP C 136 17.80 8.64 -44.54
C ASP C 136 17.42 7.57 -45.56
N GLU C 137 16.15 7.19 -45.59
CA GLU C 137 15.66 6.29 -46.66
C GLU C 137 16.07 6.79 -48.05
N LYS C 138 16.01 8.13 -48.25
CA LYS C 138 16.29 8.75 -49.54
C LYS C 138 17.79 8.89 -49.88
N LYS C 139 18.64 9.10 -48.87
CA LYS C 139 20.05 9.39 -49.12
C LYS C 139 21.00 9.04 -47.94
N LYS C 140 22.25 8.72 -48.29
CA LYS C 140 23.34 8.62 -47.33
C LYS C 140 23.83 10.03 -47.07
N VAL C 141 23.20 10.67 -46.10
CA VAL C 141 23.31 12.11 -45.85
C VAL C 141 24.71 12.47 -45.36
N SER C 142 25.27 11.68 -44.46
CA SER C 142 26.61 11.93 -43.94
C SER C 142 27.56 10.97 -44.62
N ILE C 143 28.80 11.40 -44.85
CA ILE C 143 29.85 10.50 -45.32
C ILE C 143 29.99 9.29 -44.41
N THR C 144 29.71 9.45 -43.11
CA THR C 144 29.83 8.35 -42.16
C THR C 144 28.80 7.23 -42.35
N SER C 145 27.76 7.47 -43.14
CA SER C 145 26.85 6.41 -43.56
C SER C 145 27.22 5.84 -44.93
N ASP C 146 28.20 6.45 -45.60
CA ASP C 146 28.54 6.09 -46.97
C ASP C 146 29.90 5.44 -47.06
N MET C 147 30.92 6.09 -46.47
CA MET C 147 32.23 5.47 -46.40
C MET C 147 32.26 4.31 -45.42
N PHE C 148 31.33 4.32 -44.46
CA PHE C 148 31.15 3.25 -43.48
C PHE C 148 29.75 2.69 -43.66
N GLU C 149 29.55 1.47 -43.19
CA GLU C 149 28.21 0.87 -43.11
C GLU C 149 27.67 1.15 -41.70
N SER C 150 26.61 1.94 -41.61
CA SER C 150 26.08 2.35 -40.31
C SER C 150 24.71 1.79 -40.02
N LYS C 151 24.46 1.50 -38.75
CA LYS C 151 23.13 1.16 -38.23
C LYS C 151 22.80 2.20 -37.14
N LEU C 152 21.53 2.52 -36.95
CA LEU C 152 21.16 3.63 -36.07
C LEU C 152 20.15 3.22 -35.00
N TYR C 153 20.50 3.47 -33.74
CA TYR C 153 19.66 3.13 -32.60
C TYR C 153 18.92 4.36 -32.11
N LYS C 154 17.67 4.15 -31.72
CA LYS C 154 16.78 5.23 -31.30
C LYS C 154 16.69 5.31 -29.79
N CYS C 155 16.21 6.45 -29.30
CA CYS C 155 15.90 6.62 -27.89
C CYS C 155 14.51 6.07 -27.71
N ASN C 156 14.10 5.78 -26.49
CA ASN C 156 12.73 5.30 -26.20
C ASN C 156 11.72 6.43 -26.21
N SER C 157 10.43 6.08 -26.08
CA SER C 157 9.35 7.08 -26.12
C SER C 157 9.44 8.16 -25.02
N GLN C 158 10.18 7.92 -23.93
CA GLN C 158 10.44 8.93 -22.90
C GLN C 158 11.70 9.75 -23.11
N GLY C 159 12.42 9.49 -24.21
CA GLY C 159 13.65 10.23 -24.56
C GLY C 159 14.98 9.70 -24.02
N TYR C 160 14.97 8.55 -23.37
CA TYR C 160 16.19 7.97 -22.82
C TYR C 160 16.82 7.02 -23.85
N VAL C 161 18.14 6.89 -23.80
CA VAL C 161 18.85 5.84 -24.51
C VAL C 161 18.30 4.47 -24.09
N ASP C 162 17.90 3.67 -25.06
CA ASP C 162 17.32 2.35 -24.80
C ASP C 162 18.41 1.30 -24.96
N LEU C 163 19.14 1.03 -23.88
CA LEU C 163 20.29 0.10 -23.92
C LEU C 163 19.96 -1.30 -24.41
N ASP C 164 18.76 -1.79 -24.09
CA ASP C 164 18.33 -3.12 -24.52
C ASP C 164 18.28 -3.19 -26.04
N ALA C 165 17.87 -2.10 -26.69
CA ALA C 165 17.86 -2.03 -28.14
C ALA C 165 19.28 -1.94 -28.70
N VAL C 166 20.14 -1.15 -28.05
CA VAL C 166 21.57 -1.04 -28.42
C VAL C 166 22.25 -2.42 -28.41
N ARG C 167 21.99 -3.18 -27.33
CA ARG C 167 22.46 -4.56 -27.16
C ARG C 167 21.93 -5.47 -28.27
N GLU C 168 20.63 -5.45 -28.53
CA GLU C 168 20.01 -6.33 -29.55
C GLU C 168 20.57 -6.01 -30.93
N MET C 169 20.71 -4.72 -31.23
CA MET C 169 21.20 -4.28 -32.53
C MET C 169 22.67 -4.67 -32.72
N ALA C 170 23.49 -4.44 -31.70
CA ALA C 170 24.90 -4.83 -31.73
C ALA C 170 25.15 -6.35 -31.99
N LEU C 171 24.36 -7.23 -31.38
CA LEU C 171 24.53 -8.68 -31.57
C LEU C 171 24.09 -9.15 -32.95
N SER C 172 23.13 -8.47 -33.56
CA SER C 172 22.72 -8.77 -34.94
C SER C 172 23.67 -8.13 -35.94
N PHE C 173 24.02 -6.88 -35.68
CA PHE C 173 24.84 -6.07 -36.60
C PHE C 173 26.33 -6.35 -36.53
N LYS C 174 26.85 -6.56 -35.31
CA LYS C 174 28.28 -6.83 -35.05
C LYS C 174 29.17 -5.70 -35.58
N PRO C 175 29.03 -4.49 -35.05
CA PRO C 175 29.85 -3.38 -35.51
C PRO C 175 31.24 -3.40 -34.91
N LYS C 176 32.19 -2.73 -35.56
CA LYS C 176 33.52 -2.51 -34.97
C LYS C 176 33.55 -1.30 -34.05
N VAL C 177 32.59 -0.37 -34.18
CA VAL C 177 32.53 0.81 -33.28
C VAL C 177 31.09 1.11 -32.87
N ILE C 178 30.91 1.45 -31.60
CA ILE C 178 29.64 1.95 -31.12
C ILE C 178 29.88 3.35 -30.59
N ILE C 179 29.13 4.30 -31.15
CA ILE C 179 29.27 5.70 -30.80
C ILE C 179 28.22 6.07 -29.77
N CYS C 180 28.66 6.70 -28.70
CA CYS C 180 27.77 7.30 -27.73
C CYS C 180 28.31 8.69 -27.42
N GLY C 181 27.48 9.52 -26.80
CA GLY C 181 27.75 10.98 -26.65
C GLY C 181 27.05 11.70 -27.82
N TYR C 182 26.31 12.77 -27.53
CA TYR C 182 25.25 13.23 -28.43
C TYR C 182 25.14 14.74 -28.65
N THR C 183 24.28 15.15 -29.56
CA THR C 183 24.13 16.59 -29.84
C THR C 183 23.00 17.21 -29.04
N SER C 184 21.88 16.49 -28.91
CA SER C 184 20.71 17.00 -28.16
C SER C 184 20.20 15.94 -27.21
N TYR C 185 21.03 15.58 -26.24
CA TYR C 185 20.65 14.62 -25.23
C TYR C 185 20.78 15.28 -23.86
N PRO C 186 19.64 15.47 -23.14
CA PRO C 186 19.61 16.21 -21.89
C PRO C 186 20.07 15.45 -20.64
N ARG C 187 20.32 14.14 -20.74
CA ARG C 187 20.77 13.34 -19.58
C ARG C 187 22.21 12.83 -19.69
N ASP C 188 22.73 12.36 -18.55
CA ASP C 188 24.05 11.76 -18.52
C ASP C 188 24.02 10.38 -19.17
N ILE C 189 25.20 9.85 -19.45
CA ILE C 189 25.40 8.62 -20.22
C ILE C 189 26.00 7.52 -19.34
N ASP C 190 25.44 6.31 -19.48
CA ASP C 190 25.96 5.14 -18.78
C ASP C 190 27.04 4.49 -19.67
N TYR C 191 28.27 4.99 -19.54
CA TYR C 191 29.38 4.52 -20.38
C TYR C 191 29.75 3.09 -20.04
N GLN C 192 29.76 2.78 -18.74
CA GLN C 192 30.01 1.41 -18.27
C GLN C 192 29.14 0.42 -19.00
N GLN C 193 27.84 0.71 -19.10
CA GLN C 193 26.97 -0.24 -19.77
C GLN C 193 27.28 -0.29 -21.25
N PHE C 194 27.74 0.81 -21.84
CA PHE C 194 28.23 0.77 -23.23
C PHE C 194 29.48 -0.12 -23.39
N ARG C 195 30.44 0.08 -22.49
CA ARG C 195 31.66 -0.72 -22.42
C ARG C 195 31.40 -2.23 -22.33
N GLN C 196 30.37 -2.62 -21.57
CA GLN C 196 29.91 -4.02 -21.46
C GLN C 196 29.28 -4.56 -22.74
N ILE C 197 28.58 -3.72 -23.50
CA ILE C 197 27.99 -4.15 -24.78
C ILE C 197 29.08 -4.27 -25.85
N CYS C 198 30.06 -3.38 -25.78
CA CYS C 198 31.18 -3.38 -26.72
C CYS C 198 32.07 -4.63 -26.56
N ASP C 199 32.42 -4.98 -25.33
CA ASP C 199 33.11 -6.25 -25.03
C ASP C 199 32.37 -7.52 -25.54
N GLU C 200 31.05 -7.51 -25.45
CA GLU C 200 30.20 -8.65 -25.87
C GLU C 200 30.30 -9.01 -27.35
N VAL C 201 30.56 -7.99 -28.17
CA VAL C 201 30.70 -8.15 -29.65
C VAL C 201 32.09 -7.77 -30.18
N ASN C 202 33.02 -7.41 -29.29
CA ASN C 202 34.41 -7.05 -29.64
C ASN C 202 34.51 -5.76 -30.50
N ALA C 203 33.75 -4.74 -30.09
CA ALA C 203 33.73 -3.42 -30.78
C ALA C 203 34.43 -2.36 -29.93
N TYR C 204 34.99 -1.35 -30.59
CA TYR C 204 35.57 -0.20 -29.87
C TYR C 204 34.46 0.68 -29.23
N LEU C 205 34.75 1.27 -28.07
CA LEU C 205 33.86 2.29 -27.46
C LEU C 205 34.33 3.70 -27.80
N PHE C 206 33.50 4.41 -28.56
CA PHE C 206 33.73 5.78 -29.04
C PHE C 206 32.74 6.71 -28.31
N ALA C 207 33.29 7.70 -27.61
CA ALA C 207 32.52 8.69 -26.86
C ALA C 207 32.68 10.11 -27.45
N ASP C 208 31.63 10.65 -28.09
CA ASP C 208 31.70 12.05 -28.58
C ASP C 208 31.15 12.90 -27.48
N ILE C 209 32.03 13.55 -26.73
CA ILE C 209 31.63 14.39 -25.61
C ILE C 209 31.63 15.93 -25.88
N SER C 210 31.53 16.31 -27.16
CA SER C 210 31.56 17.74 -27.56
C SER C 210 30.63 18.66 -26.77
N HIS C 211 29.40 18.22 -26.55
CA HIS C 211 28.45 19.02 -25.79
C HIS C 211 28.68 19.03 -24.29
N ILE C 212 29.32 17.99 -23.74
CA ILE C 212 29.44 17.88 -22.28
C ILE C 212 30.89 17.92 -21.80
N SER C 213 31.79 18.40 -22.66
CA SER C 213 33.23 18.28 -22.39
C SER C 213 33.65 18.86 -21.03
N SER C 214 33.13 20.02 -20.69
CA SER C 214 33.50 20.70 -19.46
C SER C 214 33.06 19.95 -18.22
N PHE C 215 31.93 19.25 -18.31
CA PHE C 215 31.42 18.44 -17.22
C PHE C 215 32.32 17.22 -16.98
N VAL C 216 32.84 16.66 -18.07
CA VAL C 216 33.72 15.50 -17.99
C VAL C 216 35.07 15.91 -17.41
N ALA C 217 35.60 17.02 -17.91
CA ALA C 217 36.85 17.57 -17.40
C ALA C 217 36.80 17.91 -15.92
N CYS C 218 35.72 18.58 -15.51
CA CYS C 218 35.60 19.06 -14.13
C CYS C 218 35.00 18.05 -13.14
N ASN C 219 34.76 16.83 -13.60
CA ASN C 219 34.22 15.72 -12.79
C ASN C 219 32.81 15.94 -12.21
N ILE C 220 31.95 16.65 -12.97
CA ILE C 220 30.55 16.83 -12.58
C ILE C 220 29.71 15.66 -13.09
N LEU C 221 30.03 15.15 -14.27
CA LEU C 221 29.29 14.02 -14.84
C LEU C 221 30.17 12.78 -14.99
N ASN C 222 29.56 11.67 -15.40
CA ASN C 222 30.29 10.44 -15.63
C ASN C 222 31.51 10.65 -16.52
N ASN C 223 32.50 9.76 -16.35
CA ASN C 223 33.79 9.92 -17.01
C ASN C 223 33.93 8.82 -18.03
N PRO C 224 33.86 9.17 -19.33
CA PRO C 224 33.96 8.13 -20.32
C PRO C 224 35.38 7.57 -20.46
N PHE C 225 36.40 8.31 -20.02
CA PHE C 225 37.78 7.86 -20.03
C PHE C 225 38.01 6.53 -19.31
N LEU C 226 37.24 6.29 -18.24
CA LEU C 226 37.32 5.02 -17.52
C LEU C 226 36.95 3.82 -18.39
N HIS C 227 36.11 4.04 -19.40
CA HIS C 227 35.58 2.96 -20.24
C HIS C 227 35.89 3.06 -21.73
N ALA C 228 36.11 4.27 -22.28
CA ALA C 228 36.24 4.45 -23.73
C ALA C 228 37.64 4.14 -24.29
N ASP C 229 37.65 3.57 -25.50
CA ASP C 229 38.84 3.51 -26.35
C ASP C 229 39.20 4.84 -26.99
N VAL C 230 38.18 5.54 -27.52
CA VAL C 230 38.37 6.81 -28.21
C VAL C 230 37.40 7.85 -27.62
N VAL C 231 37.92 9.04 -27.31
CA VAL C 231 37.08 10.16 -26.95
C VAL C 231 37.37 11.34 -27.84
N THR C 232 36.38 11.80 -28.60
CA THR C 232 36.48 13.07 -29.33
C THR C 232 35.70 14.20 -28.66
N THR C 233 36.17 15.42 -28.87
CA THR C 233 35.45 16.59 -28.44
C THR C 233 35.84 17.81 -29.26
N THR C 234 34.85 18.63 -29.58
CA THR C 234 35.10 19.98 -30.08
C THR C 234 35.61 20.82 -28.94
N THR C 235 36.26 21.93 -29.25
CA THR C 235 36.77 22.88 -28.26
C THR C 235 35.97 24.18 -28.15
N HIS C 236 34.87 24.32 -28.93
CA HIS C 236 34.15 25.63 -29.07
C HIS C 236 32.81 25.73 -28.39
N LYS C 237 32.29 24.62 -27.87
CA LYS C 237 31.00 24.65 -27.22
C LYS C 237 31.20 24.98 -25.73
N ILE C 238 30.73 24.13 -24.83
CA ILE C 238 30.80 24.37 -23.38
C ILE C 238 32.24 24.57 -22.90
N LEU C 239 33.21 24.00 -23.62
CA LEU C 239 34.62 24.22 -23.31
C LEU C 239 35.10 25.65 -23.52
N ARG C 240 34.44 26.39 -24.42
CA ARG C 240 34.70 27.83 -24.60
C ARG C 240 36.00 28.12 -25.34
N GLY C 241 36.52 27.15 -26.08
CA GLY C 241 37.73 27.36 -26.87
C GLY C 241 37.45 27.90 -28.25
N PRO C 242 38.44 27.81 -29.15
CA PRO C 242 38.18 28.16 -30.53
C PRO C 242 37.46 27.02 -31.23
N ARG C 243 37.15 27.24 -32.50
CA ARG C 243 36.57 26.18 -33.31
C ARG C 243 37.65 25.17 -33.70
N SER C 244 37.64 24.02 -33.03
CA SER C 244 38.60 22.95 -33.27
C SER C 244 38.13 21.67 -32.63
N ALA C 245 38.94 20.62 -32.74
CA ALA C 245 38.64 19.35 -32.13
C ALA C 245 39.88 18.58 -31.62
N LEU C 246 39.61 17.67 -30.69
CA LEU C 246 40.61 16.87 -30.03
C LEU C 246 40.21 15.44 -30.20
N ILE C 247 41.13 14.59 -30.59
CA ILE C 247 40.88 13.15 -30.57
C ILE C 247 41.77 12.50 -29.50
N PHE C 248 41.13 11.83 -28.54
CA PHE C 248 41.79 11.04 -27.51
C PHE C 248 41.70 9.55 -27.83
N PHE C 249 42.80 8.83 -27.54
CA PHE C 249 42.88 7.38 -27.79
C PHE C 249 43.53 6.65 -26.60
N ASN C 250 42.98 5.49 -26.27
CA ASN C 250 43.41 4.74 -25.10
C ASN C 250 44.54 3.77 -25.51
N LYS C 251 45.77 4.19 -25.28
CA LYS C 251 46.97 3.39 -25.62
C LYS C 251 47.04 2.04 -24.88
N LYS C 252 46.72 2.06 -23.58
CA LYS C 252 46.81 0.87 -22.71
C LYS C 252 45.91 -0.27 -23.18
N ARG C 253 44.69 0.09 -23.55
CA ARG C 253 43.73 -0.89 -24.02
C ARG C 253 43.99 -1.27 -25.48
N ASN C 254 44.59 -0.35 -26.24
CA ASN C 254 44.81 -0.51 -27.69
C ASN C 254 46.24 -0.11 -28.09
N PRO C 255 47.17 -1.05 -27.96
CA PRO C 255 48.50 -0.83 -28.52
C PRO C 255 48.40 -0.63 -30.04
N GLY C 256 49.23 0.27 -30.57
CA GLY C 256 49.19 0.63 -32.00
C GLY C 256 47.97 1.46 -32.46
N ILE C 257 47.22 2.06 -31.51
CA ILE C 257 46.15 2.99 -31.85
C ILE C 257 46.73 4.36 -32.14
N GLU C 258 47.79 4.73 -31.42
CA GLU C 258 48.46 6.03 -31.60
C GLU C 258 48.76 6.38 -33.05
N GLN C 259 49.32 5.42 -33.76
CA GLN C 259 49.75 5.65 -35.13
C GLN C 259 48.56 5.64 -36.09
N LYS C 260 47.62 4.70 -35.92
CA LYS C 260 46.38 4.65 -36.72
C LYS C 260 45.60 5.98 -36.73
N ILE C 261 45.52 6.62 -35.57
CA ILE C 261 44.82 7.88 -35.41
C ILE C 261 45.65 9.04 -35.89
N ASN C 262 46.92 9.05 -35.57
CA ASN C 262 47.76 10.12 -36.07
C ASN C 262 47.86 10.12 -37.58
N SER C 263 47.84 8.94 -38.19
CA SER C 263 48.02 8.84 -39.63
C SER C 263 46.72 9.16 -40.34
N ALA C 264 45.60 8.74 -39.76
CA ALA C 264 44.25 9.09 -40.23
C ALA C 264 44.03 10.59 -40.33
N VAL C 265 44.52 11.34 -39.35
CA VAL C 265 44.39 12.80 -39.36
C VAL C 265 45.29 13.39 -40.44
N PHE C 266 46.57 13.01 -40.42
CA PHE C 266 47.51 13.33 -41.51
C PHE C 266 48.45 12.15 -41.77
N PRO C 267 48.64 11.70 -43.01
CA PRO C 267 48.19 12.35 -44.24
C PRO C 267 46.90 11.81 -44.86
N SER C 268 46.16 10.94 -44.17
CA SER C 268 44.99 10.36 -44.80
C SER C 268 43.95 11.45 -45.20
N PHE C 269 43.67 12.39 -44.29
CA PHE C 269 42.55 13.33 -44.41
C PHE C 269 42.97 14.79 -44.52
N GLN C 270 43.80 15.29 -43.63
CA GLN C 270 44.20 16.69 -43.64
C GLN C 270 45.56 16.87 -44.24
N GLY C 271 45.95 18.13 -44.45
CA GLY C 271 47.31 18.55 -44.77
C GLY C 271 47.89 19.36 -43.60
N GLY C 272 48.30 20.58 -43.88
CA GLY C 272 48.92 21.42 -42.88
C GLY C 272 48.00 21.76 -41.73
N PRO C 273 48.51 21.75 -40.49
CA PRO C 273 47.62 22.13 -39.40
C PRO C 273 47.41 23.63 -39.35
N HIS C 274 46.39 24.04 -38.62
CA HIS C 274 46.15 25.44 -38.46
C HIS C 274 46.67 25.80 -37.11
N ASN C 275 47.89 26.33 -37.09
CA ASN C 275 48.59 26.55 -35.84
C ASN C 275 48.01 27.60 -34.94
N ASN C 276 47.30 28.56 -35.53
CA ASN C 276 46.56 29.55 -34.74
C ASN C 276 45.47 28.87 -33.92
N LYS C 277 44.80 27.88 -34.49
CA LYS C 277 43.87 27.06 -33.74
C LYS C 277 44.52 26.37 -32.56
N ILE C 278 45.69 25.78 -32.81
CA ILE C 278 46.40 25.00 -31.81
C ILE C 278 46.83 25.92 -30.66
N ALA C 279 47.46 27.03 -30.99
CA ALA C 279 47.70 28.12 -30.05
C ALA C 279 46.44 28.52 -29.26
N ALA C 280 45.33 28.76 -29.97
CA ALA C 280 44.07 29.11 -29.29
C ALA C 280 43.60 27.99 -28.37
N VAL C 281 43.66 26.76 -28.80
CA VAL C 281 43.26 25.65 -27.94
C VAL C 281 44.13 25.60 -26.68
N ALA C 282 45.44 25.84 -26.81
CA ALA C 282 46.38 25.78 -25.68
C ALA C 282 46.05 26.82 -24.65
N CYS C 283 45.77 28.02 -25.13
CA CYS C 283 45.31 29.11 -24.30
C CYS C 283 44.07 28.78 -23.46
N GLN C 284 43.06 28.18 -24.10
CA GLN C 284 41.84 27.85 -23.38
C GLN C 284 42.03 26.68 -22.44
N LEU C 285 42.85 25.71 -22.83
CA LEU C 285 43.08 24.54 -21.99
C LEU C 285 43.74 24.89 -20.66
N LYS C 286 44.48 26.00 -20.62
CA LYS C 286 45.00 26.52 -19.36
C LYS C 286 43.86 27.02 -18.49
N GLU C 287 42.93 27.77 -19.09
CA GLU C 287 41.72 28.19 -18.37
C GLU C 287 40.87 27.00 -17.90
N VAL C 288 40.74 25.96 -18.71
CA VAL C 288 39.88 24.83 -18.36
C VAL C 288 40.34 24.17 -17.07
N HIS C 289 41.66 24.11 -16.86
CA HIS C 289 42.20 23.44 -15.65
C HIS C 289 42.09 24.23 -14.34
N SER C 290 41.80 25.52 -14.41
CA SER C 290 41.64 26.37 -13.25
C SER C 290 40.38 26.02 -12.44
N PRO C 291 40.40 26.23 -11.10
CA PRO C 291 39.21 26.02 -10.30
C PRO C 291 38.11 27.07 -10.57
N ALA C 292 38.51 28.24 -11.07
CA ALA C 292 37.61 29.28 -11.57
C ALA C 292 36.67 28.78 -12.68
N PHE C 293 37.22 28.03 -13.64
CA PHE C 293 36.46 27.47 -14.74
C PHE C 293 35.50 26.39 -14.25
N LYS C 294 35.94 25.61 -13.26
CA LYS C 294 35.05 24.62 -12.60
C LYS C 294 33.85 25.31 -11.94
N GLU C 295 34.06 26.51 -11.38
CA GLU C 295 32.97 27.35 -10.84
C GLU C 295 31.99 27.75 -11.98
N TYR C 296 32.53 28.18 -13.12
CA TYR C 296 31.74 28.46 -14.32
C TYR C 296 30.91 27.27 -14.77
N THR C 297 31.55 26.10 -14.87
CA THR C 297 30.88 24.87 -15.31
C THR C 297 29.76 24.44 -14.37
N GLN C 298 30.00 24.60 -13.07
CA GLN C 298 28.99 24.29 -12.04
C GLN C 298 27.81 25.22 -12.20
N GLN C 299 28.11 26.51 -12.41
CA GLN C 299 27.10 27.51 -12.69
C GLN C 299 26.23 27.18 -13.93
N VAL C 300 26.86 26.61 -14.97
CA VAL C 300 26.12 26.17 -16.18
C VAL C 300 25.04 25.15 -15.80
N LEU C 301 25.42 24.21 -14.93
CA LEU C 301 24.47 23.21 -14.51
C LEU C 301 23.39 23.80 -13.60
N LEU C 302 23.78 24.66 -12.66
CA LEU C 302 22.84 25.32 -11.75
C LEU C 302 21.81 26.11 -12.56
N ASN C 303 22.27 26.90 -13.54
CA ASN C 303 21.39 27.65 -14.45
C ASN C 303 20.45 26.78 -15.26
N SER C 304 20.95 25.64 -15.72
CA SER C 304 20.15 24.71 -16.50
C SER C 304 19.03 24.06 -15.70
N LYS C 305 19.32 23.64 -14.47
CA LYS C 305 18.33 23.03 -13.56
C LYS C 305 17.26 24.05 -13.23
N ALA C 306 17.71 25.26 -12.87
CA ALA C 306 16.84 26.38 -12.58
C ALA C 306 15.95 26.72 -13.76
N LEU C 307 16.53 26.69 -14.97
CA LEU C 307 15.74 26.96 -16.17
C LEU C 307 14.72 25.87 -16.40
N ALA C 308 15.12 24.63 -16.18
CA ALA C 308 14.23 23.48 -16.34
C ALA C 308 13.05 23.57 -15.39
N LYS C 309 13.37 23.83 -14.13
CA LYS C 309 12.38 23.94 -13.07
C LYS C 309 11.36 25.09 -13.30
N ALA C 310 11.84 26.24 -13.77
CA ALA C 310 10.97 27.39 -13.98
C ALA C 310 10.03 27.13 -15.17
N LEU C 311 10.53 26.45 -16.20
CA LEU C 311 9.71 26.11 -17.37
C LEU C 311 8.58 25.11 -17.01
N ILE C 312 8.92 24.15 -16.17
CA ILE C 312 7.96 23.20 -15.63
C ILE C 312 6.93 23.92 -14.75
N SER C 313 7.40 24.86 -13.92
CA SER C 313 6.50 25.71 -13.12
C SER C 313 5.50 26.55 -13.96
N LYS C 314 5.86 26.83 -15.22
CA LYS C 314 4.96 27.45 -16.22
C LYS C 314 4.27 26.46 -17.14
N GLN C 315 4.15 25.20 -16.73
CA GLN C 315 3.38 24.17 -17.48
C GLN C 315 3.94 23.90 -18.88
N ILE C 316 5.25 24.06 -19.04
CA ILE C 316 5.95 23.68 -20.27
C ILE C 316 6.61 22.31 -20.03
N ASP C 317 6.35 21.37 -20.93
CA ASP C 317 6.92 20.02 -20.89
C ASP C 317 8.37 19.94 -21.44
N LEU C 318 9.23 19.22 -20.72
CA LEU C 318 10.60 18.98 -21.12
C LEU C 318 10.83 17.50 -21.44
N VAL C 319 11.60 17.22 -22.48
CA VAL C 319 11.91 15.84 -22.83
C VAL C 319 12.79 15.24 -21.73
N THR C 320 12.38 14.06 -21.25
CA THR C 320 12.89 13.41 -20.02
C THR C 320 12.51 14.13 -18.71
N ASN C 321 11.61 15.11 -18.79
CA ASN C 321 11.17 15.94 -17.66
C ASN C 321 12.26 16.65 -16.87
N GLY C 322 13.36 16.94 -17.54
CA GLY C 322 14.51 17.55 -16.87
C GLY C 322 15.80 17.37 -17.64
N THR C 323 16.88 17.68 -16.95
CA THR C 323 18.22 17.66 -17.51
C THR C 323 19.28 17.31 -16.43
N ASP C 324 20.35 16.65 -16.85
CA ASP C 324 21.52 16.43 -15.99
C ASP C 324 22.66 17.32 -16.38
N ASN C 325 22.49 18.05 -17.46
CA ASN C 325 23.59 18.81 -18.03
C ASN C 325 23.13 20.24 -18.38
N HIS C 326 23.83 20.82 -19.35
CA HIS C 326 23.65 22.16 -19.90
C HIS C 326 22.44 22.40 -20.83
N LEU C 327 21.76 21.33 -21.24
CA LEU C 327 20.75 21.45 -22.27
C LEU C 327 19.38 20.90 -21.92
N ILE C 328 18.37 21.55 -22.47
CA ILE C 328 16.99 21.18 -22.28
C ILE C 328 16.41 21.06 -23.66
N VAL C 329 15.52 20.10 -23.85
CA VAL C 329 14.71 20.02 -25.06
C VAL C 329 13.25 20.21 -24.65
N VAL C 330 12.59 21.24 -25.18
CA VAL C 330 11.18 21.52 -24.87
C VAL C 330 10.30 20.80 -25.86
N ASP C 331 9.33 20.03 -25.35
CA ASP C 331 8.29 19.39 -26.16
C ASP C 331 7.11 20.37 -26.31
N LEU C 332 6.84 20.77 -27.55
CA LEU C 332 5.85 21.83 -27.83
C LEU C 332 4.47 21.31 -28.25
N ARG C 333 4.26 19.99 -28.23
CA ARG C 333 3.02 19.39 -28.74
C ARG C 333 1.75 19.92 -28.10
N LYS C 334 1.76 20.18 -26.79
CA LYS C 334 0.56 20.69 -26.07
C LYS C 334 0.09 22.07 -26.52
N PHE C 335 0.93 22.79 -27.28
CA PHE C 335 0.58 24.09 -27.83
C PHE C 335 0.24 24.05 -29.33
N SER C 336 0.44 22.91 -29.97
CA SER C 336 0.16 22.70 -31.39
C SER C 336 0.96 23.61 -32.33
N ILE C 337 2.14 24.03 -31.87
CA ILE C 337 3.08 24.80 -32.69
C ILE C 337 4.33 23.97 -32.93
N THR C 338 4.90 24.10 -34.12
CA THR C 338 6.18 23.43 -34.40
C THR C 338 7.36 24.21 -33.84
N GLY C 339 8.52 23.55 -33.81
CA GLY C 339 9.78 24.20 -33.45
C GLY C 339 10.22 25.31 -34.40
N SER C 340 10.06 25.10 -35.71
CA SER C 340 10.43 26.14 -36.68
C SER C 340 9.65 27.42 -36.44
N LYS C 341 8.39 27.30 -36.02
CA LYS C 341 7.57 28.49 -35.71
C LYS C 341 8.13 29.29 -34.53
N LEU C 342 8.45 28.59 -33.44
CA LEU C 342 8.99 29.22 -32.24
C LEU C 342 10.40 29.78 -32.45
N GLN C 343 11.21 29.04 -33.22
CA GLN C 343 12.52 29.56 -33.66
C GLN C 343 12.35 30.91 -34.40
N GLU C 344 11.39 30.97 -35.32
CA GLU C 344 11.11 32.24 -36.06
C GLU C 344 10.64 33.33 -35.10
N THR C 345 9.73 33.00 -34.20
CA THR C 345 9.26 33.97 -33.21
C THR C 345 10.37 34.48 -32.27
N CYS C 346 11.26 33.58 -31.87
CA CYS C 346 12.36 33.91 -30.96
C CYS C 346 13.43 34.74 -31.66
N ASN C 347 13.72 34.43 -32.93
CA ASN C 347 14.62 35.30 -33.71
C ASN C 347 14.08 36.75 -33.71
N ALA C 348 12.78 36.93 -33.95
CA ALA C 348 12.15 38.27 -33.91
C ALA C 348 12.32 39.04 -32.58
N ILE C 349 12.54 38.31 -31.48
CA ILE C 349 12.80 38.98 -30.20
C ILE C 349 14.24 38.91 -29.73
N ASN C 350 15.15 38.57 -30.64
CA ASN C 350 16.56 38.38 -30.31
C ASN C 350 16.78 37.27 -29.27
N VAL C 351 16.06 36.17 -29.44
CA VAL C 351 16.29 34.97 -28.65
C VAL C 351 16.80 33.91 -29.62
N SER C 352 18.02 33.44 -29.37
CA SER C 352 18.65 32.44 -30.25
C SER C 352 18.44 31.05 -29.69
N LEU C 353 17.74 30.23 -30.46
CA LEU C 353 17.57 28.82 -30.12
C LEU C 353 17.27 28.07 -31.42
N ASN C 354 17.25 26.75 -31.37
CA ASN C 354 17.03 25.96 -32.57
C ASN C 354 15.92 24.98 -32.38
N LYS C 355 15.24 24.70 -33.49
CA LYS C 355 14.28 23.62 -33.56
C LYS C 355 15.01 22.30 -33.32
N ASN C 356 14.30 21.33 -32.78
CA ASN C 356 14.91 20.08 -32.39
C ASN C 356 13.87 19.00 -32.29
N THR C 357 14.17 17.84 -32.84
CA THR C 357 13.29 16.68 -32.77
C THR C 357 13.00 16.23 -31.32
N ILE C 358 11.87 15.55 -31.14
CA ILE C 358 11.50 14.92 -29.89
C ILE C 358 11.18 13.44 -30.20
N PRO C 359 11.12 12.58 -29.15
CA PRO C 359 10.90 11.14 -29.34
C PRO C 359 9.74 10.77 -30.28
N SER C 360 8.63 11.47 -30.16
CA SER C 360 7.46 11.20 -31.00
C SER C 360 7.70 11.51 -32.49
N ASP C 361 8.59 12.45 -32.82
CA ASP C 361 8.85 12.79 -34.23
C ASP C 361 9.38 11.59 -35.00
N VAL C 362 8.68 11.23 -36.07
CA VAL C 362 9.05 10.11 -36.95
C VAL C 362 10.27 10.51 -37.81
N ASP C 363 10.16 11.67 -38.47
CA ASP C 363 11.23 12.22 -39.32
C ASP C 363 11.95 13.39 -38.64
N CYS C 364 12.91 14.00 -39.36
CA CYS C 364 13.46 15.34 -39.01
C CYS C 364 12.79 16.51 -39.78
N VAL C 365 11.64 16.26 -40.42
CA VAL C 365 11.00 17.18 -41.38
C VAL C 365 10.24 18.30 -40.65
N SER C 366 9.47 17.93 -39.62
CA SER C 366 8.80 18.88 -38.75
C SER C 366 9.11 18.56 -37.28
N PRO C 367 10.24 19.07 -36.75
CA PRO C 367 10.55 18.80 -35.35
C PRO C 367 9.58 19.54 -34.42
N SER C 368 9.14 18.86 -33.38
CA SER C 368 8.10 19.34 -32.52
C SER C 368 8.67 19.92 -31.22
N GLY C 369 9.96 20.27 -31.23
CA GLY C 369 10.54 20.93 -30.06
C GLY C 369 11.55 21.97 -30.39
N VAL C 370 12.11 22.55 -29.35
CA VAL C 370 13.26 23.38 -29.48
C VAL C 370 14.26 22.95 -28.43
N ARG C 371 15.54 23.22 -28.70
CA ARG C 371 16.58 22.94 -27.79
C ARG C 371 17.16 24.27 -27.29
N ILE C 372 17.36 24.36 -25.99
CA ILE C 372 18.00 25.48 -25.36
C ILE C 372 19.19 25.02 -24.49
N GLY C 373 20.07 25.94 -24.13
CA GLY C 373 21.18 25.62 -23.26
C GLY C 373 21.75 26.84 -22.60
N THR C 374 22.38 26.65 -21.45
CA THR C 374 22.91 27.74 -20.62
C THR C 374 24.35 28.20 -20.78
N PRO C 375 25.21 27.50 -21.56
CA PRO C 375 26.61 27.96 -21.55
C PRO C 375 26.86 29.41 -21.95
N ALA C 376 26.38 29.83 -23.11
CA ALA C 376 26.56 31.22 -23.54
C ALA C 376 26.11 32.26 -22.46
N MET C 377 24.90 32.11 -21.93
CA MET C 377 24.36 33.08 -20.95
C MET C 377 25.03 32.99 -19.61
N THR C 378 25.50 31.79 -19.26
CA THR C 378 26.30 31.65 -18.07
C THR C 378 27.62 32.37 -18.24
N THR C 379 28.20 32.31 -19.44
CA THR C 379 29.41 33.07 -19.73
C THR C 379 29.14 34.59 -19.58
N ARG C 380 27.99 35.05 -20.03
CA ARG C 380 27.63 36.47 -19.95
C ARG C 380 27.17 36.93 -18.54
N GLY C 381 27.19 36.05 -17.54
CA GLY C 381 27.07 36.45 -16.14
C GLY C 381 25.74 36.13 -15.47
N ALA C 382 24.81 35.52 -16.21
CA ALA C 382 23.51 35.15 -15.69
C ALA C 382 23.64 34.08 -14.59
N LYS C 383 22.84 34.25 -13.53
CA LYS C 383 22.81 33.35 -12.40
C LYS C 383 21.41 32.71 -12.33
N GLU C 384 21.17 31.90 -11.30
CA GLU C 384 19.91 31.12 -11.23
C GLU C 384 18.64 31.97 -11.22
N LYS C 385 18.67 33.06 -10.47
CA LYS C 385 17.54 34.00 -10.40
C LYS C 385 17.18 34.61 -11.77
N ASP C 386 18.16 34.73 -12.67
CA ASP C 386 17.94 35.23 -14.04
C ASP C 386 17.21 34.28 -14.96
N MET C 387 17.08 33.01 -14.57
CA MET C 387 16.48 32.00 -15.40
C MET C 387 14.96 32.10 -15.42
N GLU C 388 14.38 32.68 -14.38
CA GLU C 388 12.93 32.91 -14.34
C GLU C 388 12.54 33.85 -15.48
N PHE C 389 13.30 34.93 -15.62
CA PHE C 389 13.12 35.87 -16.74
C PHE C 389 13.26 35.21 -18.11
N ILE C 390 14.23 34.31 -18.26
CA ILE C 390 14.41 33.60 -19.55
C ILE C 390 13.21 32.67 -19.77
N ALA C 391 12.83 31.89 -18.77
CA ALA C 391 11.60 31.11 -18.83
C ALA C 391 10.36 31.96 -19.13
N ASP C 392 10.25 33.14 -18.51
CA ASP C 392 9.12 34.08 -18.79
C ASP C 392 9.07 34.49 -20.26
N VAL C 393 10.21 34.91 -20.78
CA VAL C 393 10.36 35.29 -22.18
C VAL C 393 9.99 34.16 -23.12
N LEU C 394 10.45 32.95 -22.82
CA LEU C 394 10.10 31.80 -23.67
C LEU C 394 8.63 31.43 -23.59
N ALA C 395 8.05 31.52 -22.39
CA ALA C 395 6.59 31.32 -22.23
C ALA C 395 5.75 32.32 -23.07
N ARG C 396 6.17 33.58 -23.04
CA ARG C 396 5.51 34.67 -23.77
C ARG C 396 5.64 34.46 -25.28
N ALA C 397 6.80 33.97 -25.72
CA ALA C 397 7.02 33.66 -27.14
C ALA C 397 6.19 32.50 -27.60
N ILE C 398 6.00 31.52 -26.75
CA ILE C 398 5.15 30.40 -27.10
C ILE C 398 3.73 30.92 -27.27
N LYS C 399 3.26 31.75 -26.33
CA LYS C 399 1.90 32.30 -26.42
C LYS C 399 1.66 33.14 -27.70
N ILE C 400 2.60 34.04 -28.01
CA ILE C 400 2.51 34.85 -29.23
C ILE C 400 2.52 33.96 -30.47
N THR C 401 3.32 32.90 -30.45
CA THR C 401 3.39 31.97 -31.56
C THR C 401 2.05 31.29 -31.72
N VAL C 402 1.42 30.96 -30.60
CA VAL C 402 0.07 30.36 -30.63
C VAL C 402 -0.97 31.36 -31.22
N ASP C 403 -0.92 32.62 -30.76
CA ASP C 403 -1.78 33.73 -31.24
C ASP C 403 -1.62 33.97 -32.76
N LEU C 404 -0.37 34.12 -33.21
CA LEU C 404 -0.05 34.34 -34.63
C LEU C 404 -0.48 33.18 -35.53
N GLN C 405 -0.41 31.96 -35.01
CA GLN C 405 -0.85 30.79 -35.76
C GLN C 405 -2.39 30.77 -35.97
N GLU C 406 -3.13 31.23 -34.97
CA GLU C 406 -4.58 31.36 -35.10
C GLU C 406 -4.96 32.41 -36.16
N GLN C 407 -4.34 33.57 -36.08
CA GLN C 407 -4.63 34.69 -36.98
C GLN C 407 -4.25 34.40 -38.44
N TYR C 408 -3.00 34.01 -38.66
CA TYR C 408 -2.46 33.85 -40.02
C TYR C 408 -2.46 32.43 -40.57
N GLY C 409 -2.50 31.42 -39.69
CA GLY C 409 -2.57 30.01 -40.11
C GLY C 409 -1.33 29.18 -39.79
N LYS C 410 -1.46 27.86 -39.98
CA LYS C 410 -0.42 26.86 -39.65
C LYS C 410 0.66 26.67 -40.72
N LYS C 411 0.44 27.20 -41.93
CA LYS C 411 1.46 27.19 -42.98
C LYS C 411 2.54 28.21 -42.62
N LEU C 412 3.81 27.82 -42.78
CA LEU C 412 4.93 28.64 -42.28
C LEU C 412 5.05 29.96 -43.01
N VAL C 413 4.90 29.94 -44.34
CA VAL C 413 4.90 31.20 -45.14
C VAL C 413 3.77 32.14 -44.74
N ASP C 414 2.58 31.59 -44.48
CA ASP C 414 1.47 32.35 -43.92
C ASP C 414 1.83 32.86 -42.51
N PHE C 415 2.38 31.98 -41.68
CA PHE C 415 2.76 32.34 -40.29
C PHE C 415 3.71 33.52 -40.19
N LYS C 416 4.78 33.52 -40.98
CA LYS C 416 5.77 34.61 -40.95
C LYS C 416 5.21 36.00 -41.30
N LYS C 417 4.18 36.03 -42.14
CA LYS C 417 3.52 37.29 -42.52
C LYS C 417 3.08 38.05 -41.28
N GLY C 418 2.71 37.30 -40.22
CA GLY C 418 2.33 37.91 -38.95
C GLY C 418 3.42 38.57 -38.13
N LEU C 419 4.68 38.17 -38.33
CA LEU C 419 5.79 38.60 -37.45
C LEU C 419 6.22 40.06 -37.56
N PRO C 420 6.45 40.57 -38.79
CA PRO C 420 6.96 41.93 -38.87
C PRO C 420 5.91 42.94 -38.42
N GLY C 421 6.35 43.89 -37.60
CA GLY C 421 5.48 44.89 -37.02
C GLY C 421 4.58 44.50 -35.85
N ASN C 422 4.53 43.22 -35.48
CA ASN C 422 3.68 42.78 -34.34
C ASN C 422 4.10 43.56 -33.10
N ALA C 423 3.12 44.24 -32.49
CA ALA C 423 3.37 45.16 -31.37
C ALA C 423 3.95 44.48 -30.12
N GLN C 424 3.46 43.27 -29.83
CA GLN C 424 3.94 42.50 -28.67
C GLN C 424 5.38 42.01 -28.85
N LEU C 425 5.71 41.58 -30.07
CA LEU C 425 7.08 41.18 -30.38
C LEU C 425 8.05 42.35 -30.26
N GLN C 426 7.68 43.52 -30.81
CA GLN C 426 8.50 44.74 -30.65
C GLN C 426 8.70 45.06 -29.19
N GLN C 427 7.65 44.87 -28.39
CA GLN C 427 7.74 45.05 -26.95
C GLN C 427 8.66 43.99 -26.33
N LEU C 428 8.49 42.75 -26.74
CA LEU C 428 9.27 41.67 -26.14
C LEU C 428 10.74 41.77 -26.57
N LYS C 429 10.99 42.01 -27.86
CA LYS C 429 12.35 42.30 -28.35
C LYS C 429 13.08 43.37 -27.54
N GLN C 430 12.40 44.51 -27.37
CA GLN C 430 12.93 45.66 -26.61
C GLN C 430 13.34 45.27 -25.18
N GLU C 431 12.50 44.48 -24.50
CA GLU C 431 12.80 43.95 -23.16
C GLU C 431 14.05 43.09 -23.17
N VAL C 432 14.16 42.22 -24.18
CA VAL C 432 15.33 41.32 -24.31
C VAL C 432 16.62 42.12 -24.53
N VAL C 433 16.55 43.05 -25.48
CA VAL C 433 17.69 43.90 -25.84
C VAL C 433 18.18 44.69 -24.63
N THR C 434 17.26 45.15 -23.78
CA THR C 434 17.63 45.95 -22.62
C THR C 434 18.31 45.08 -21.58
N TRP C 435 17.80 43.85 -21.37
CA TRP C 435 18.46 42.97 -20.41
C TRP C 435 19.81 42.44 -20.93
N ALA C 436 19.82 41.90 -22.16
CA ALA C 436 21.03 41.28 -22.77
C ALA C 436 22.15 42.29 -23.01
N GLY C 437 21.77 43.45 -23.55
CA GLY C 437 22.70 44.55 -23.82
C GLY C 437 23.59 44.93 -22.65
N ALA C 438 23.03 44.88 -21.44
CA ALA C 438 23.74 45.25 -20.20
C ALA C 438 24.78 44.24 -19.76
N LEU C 439 24.49 42.97 -19.97
CA LEU C 439 25.31 41.88 -19.46
C LEU C 439 26.78 41.94 -19.89
N PRO C 440 27.70 41.46 -19.03
CA PRO C 440 29.10 41.32 -19.43
C PRO C 440 29.28 40.57 -20.76
N PHE C 441 30.16 41.10 -21.60
CA PHE C 441 30.38 40.59 -22.96
C PHE C 441 31.89 40.53 -23.17
N PRO C 442 32.45 39.32 -23.28
CA PRO C 442 33.84 39.25 -23.72
C PRO C 442 33.89 39.58 -25.19
N1 PLG D . -21.65 -7.82 26.63
C2 PLG D . -22.79 -8.17 27.26
C2A PLG D . -23.30 -7.40 28.47
C3 PLG D . -23.58 -9.33 26.78
O3 PLG D . -24.73 -9.74 27.35
C4 PLG D . -23.09 -10.08 25.62
C4A PLG D . -23.93 -11.28 25.12
C5 PLG D . -21.82 -9.58 25.02
C6 PLG D . -21.15 -8.48 25.56
C5A PLG D . -21.39 -10.38 23.83
OP4 PLG D . -20.32 -10.05 22.99
P PLG D . -20.01 -11.10 21.81
OP1 PLG D . -18.54 -11.30 22.01
OP2 PLG D . -20.86 -12.32 22.08
OP3 PLG D . -20.43 -10.36 20.55
C PLG D . -26.24 -13.45 25.65
O PLG D . -26.97 -14.28 25.10
OXT PLG D . -26.73 -12.50 26.30
CA PLG D . -24.73 -13.60 25.52
N PLG D . -23.99 -12.43 25.96
O58 G6F E . 4.92 5.42 13.88
C48 G6F E . 4.58 4.43 14.60
O55 G6F E . 3.70 4.51 15.49
C47 G6F E . 5.31 3.13 14.31
C46 G6F E . 4.63 1.85 14.83
C42 G6F E . 3.75 1.16 13.81
C41 G6F E . 4.20 0.86 12.52
C43 G6F E . 2.45 0.83 14.20
C44 G6F E . 1.61 0.20 13.32
C45 G6F E . 2.06 -0.09 12.02
C34 G6F E . 3.35 0.22 11.61
C20 G6F E . 3.74 -0.12 10.22
C19 G6F E . 4.37 0.79 9.37
C18 G6F E . 4.69 0.41 8.05
F35 G6F E . 5.28 1.29 7.24
C17 G6F E . 4.41 -0.86 7.61
C21 G6F E . 3.47 -1.41 9.74
C16 G6F E . 3.79 -1.81 8.44
C4 G6F E . 3.49 -3.22 7.92
C14 G6F E . 3.10 -3.32 6.42
C36 G6F E . 2.66 -4.72 5.95
C15 G6F E . 2.00 -2.32 5.98
C3 G6F E . 4.78 -4.03 8.10
C8 G6F E . 5.85 -3.54 7.61
N9 G6F E . 6.83 -3.10 7.17
C2 G6F E . 4.79 -5.23 8.75
N7 G6F E . 5.88 -5.97 8.91
C5 G6F E . 2.38 -3.80 8.71
C10 G6F E . 0.99 -3.35 9.06
C13 G6F E . 0.27 -2.08 8.68
N11 G6F E . 0.49 -4.34 9.82
N12 G6F E . 1.35 -5.42 10.07
C6 G6F E . 2.46 -5.09 9.39
O1 G6F E . 3.60 -5.82 9.30
CL CL F . -18.61 -10.92 8.92
N1 PLG G . -0.57 -12.48 10.93
C2 PLG G . 0.30 -12.18 9.93
C2A PLG G . 1.65 -12.88 9.82
C3 PLG G . -0.05 -11.14 8.94
O3 PLG G . 0.76 -10.77 7.93
C4 PLG G . -1.32 -10.45 9.05
C4A PLG G . -1.69 -9.39 7.99
C5 PLG G . -2.19 -10.89 10.18
C6 PLG G . -1.77 -11.89 11.07
C5A PLG G . -3.49 -10.17 10.21
OP4 PLG G . -4.60 -10.56 10.98
P PLG G . -5.89 -9.60 10.87
OP1 PLG G . -5.51 -8.42 9.99
OP2 PLG G . -6.08 -9.30 12.33
OP3 PLG G . -6.94 -10.44 10.19
C PLG G . -0.79 -7.34 5.73
O PLG G . 0.03 -8.27 5.51
OXT PLG G . -1.16 -6.60 4.82
CA PLG G . -1.34 -7.09 7.11
N PLG G . -0.98 -8.14 8.04
O58 G6F H . -18.96 -25.08 34.18
C48 G6F H . -18.25 -24.04 34.16
O55 G6F H . -17.04 -24.04 33.77
C47 G6F H . -18.91 -22.75 34.63
C46 G6F H . -18.28 -21.42 34.14
C42 G6F H . -18.99 -20.84 32.94
C41 G6F H . -20.37 -20.61 32.98
C43 G6F H . -18.24 -20.54 31.80
C44 G6F H . -18.88 -20.03 30.70
C45 G6F H . -20.26 -19.81 30.73
C34 G6F H . -21.01 -20.08 31.86
C20 G6F H . -22.49 -19.82 31.84
C19 G6F H . -23.39 -20.78 32.29
C18 G6F H . -24.76 -20.51 32.22
F35 G6F H . -25.65 -21.43 32.65
C17 G6F H . -25.22 -19.31 31.72
C21 G6F H . -22.95 -18.60 31.34
C16 G6F H . -24.33 -18.32 31.25
C4 G6F H . -24.85 -17.00 30.71
C14 G6F H . -26.22 -17.04 29.98
C36 G6F H . -26.75 -15.67 29.45
C15 G6F H . -26.30 -18.08 28.83
C3 G6F H . -25.07 -16.08 31.90
C8 G6F H . -25.79 -16.57 32.83
N9 G6F H . -26.44 -17.02 33.68
C2 G6F H . -24.56 -14.83 31.97
N7 G6F H . -24.74 -14.01 33.00
C5 G6F H . -23.84 -16.42 29.78
C10 G6F H . -23.10 -16.94 28.59
C13 G6F H . -23.18 -18.30 27.93
N11 G6F H . -22.31 -15.91 28.20
N12 G6F H . -22.39 -14.74 28.98
C6 G6F H . -23.31 -15.07 29.90
O1 G6F H . -23.76 -14.27 30.91
N1 PLG I . 29.93 16.26 -32.39
C2 PLG I . 28.72 16.45 -31.84
C2A PLG I . 28.11 15.35 -30.98
C3 PLG I . 27.98 17.72 -32.08
O3 PLG I . 26.77 17.96 -31.53
C4 PLG I . 28.58 18.75 -32.92
C4A PLG I . 27.85 20.08 -33.19
C5 PLG I . 29.91 18.41 -33.50
C6 PLG I . 30.52 17.19 -33.17
C5A PLG I . 30.69 19.47 -34.25
OP4 PLG I . 31.09 19.40 -35.57
P PLG I . 31.65 20.79 -36.15
OP1 PLG I . 32.19 20.21 -37.41
OP2 PLG I . 30.42 21.66 -36.23
OP3 PLG I . 32.66 21.45 -35.24
C PLG I . 25.06 21.78 -32.45
O PLG I . 24.56 22.91 -32.48
OXT PLG I . 25.04 21.12 -31.40
CA PLG I . 25.69 21.21 -33.71
N PLG I . 26.44 19.99 -33.43
O58 G6F J . 15.09 17.82 -44.66
C48 G6F J . 16.11 17.08 -44.58
O55 G6F J . 16.96 16.98 -45.51
C47 G6F J . 16.28 16.31 -43.28
C46 G6F J . 17.68 15.72 -43.02
C42 G6F J . 18.60 16.66 -42.26
C41 G6F J . 18.19 17.20 -41.03
C43 G6F J . 19.83 16.98 -42.80
C44 G6F J . 20.67 17.86 -42.12
C45 G6F J . 20.27 18.40 -40.90
C34 G6F J . 19.03 18.08 -40.34
C20 G6F J . 18.60 18.64 -39.02
C19 G6F J . 17.32 19.13 -38.84
C18 G6F J . 16.94 19.64 -37.60
F35 G6F J . 15.70 20.14 -37.45
C17 G6F J . 17.83 19.65 -36.54
C21 G6F J . 19.48 18.62 -37.93
C16 G6F J . 19.14 19.13 -36.67
C4 G6F J . 20.09 19.11 -35.48
C14 G6F J . 19.96 20.30 -34.50
C36 G6F J . 21.02 20.32 -33.37
C15 G6F J . 19.92 21.68 -35.16
C3 G6F J . 19.76 17.87 -34.67
C8 G6F J . 18.54 17.71 -34.34
N9 G6F J . 17.43 17.56 -34.04
C2 G6F J . 20.70 16.98 -34.27
N7 G6F J . 20.42 15.90 -33.53
C5 G6F J . 21.50 19.08 -35.94
C10 G6F J . 22.31 19.91 -36.87
C13 G6F J . 21.87 21.10 -37.70
N11 G6F J . 23.55 19.37 -36.86
N12 G6F J . 23.68 18.24 -36.03
C6 G6F J . 22.48 18.09 -35.48
O1 G6F J . 22.10 17.15 -34.59
CL CL K . 40.84 29.78 -37.83
#